data_2LEQ
#
_entry.id   2LEQ
#
_entity_poly.entity_id   1
_entity_poly.type   'polypeptide(L)'
_entity_poly.pdbx_seq_one_letter_code
;MEIKLIAQVKTVINAPIEKVWEALVNPEIIKEYMFGTTVVSDWKEGSQIVWKGEWKGKAYEDKGTILQFNERSILQYSHF
SPLTGKPDLPENYHVVTITLTALKKGVEVELTQDNNETEKEQKHSEDNWNTMLEGLKKFLENKVSA
;
_entity_poly.pdbx_strand_id   A
#
# COMPACT_ATOMS: atom_id res chain seq x y z
N MET A 1 10.15 23.50 -14.29
CA MET A 1 10.13 22.38 -13.31
C MET A 1 8.69 21.92 -13.10
N GLU A 2 8.53 20.69 -12.63
CA GLU A 2 7.19 20.13 -12.40
C GLU A 2 7.29 18.84 -11.59
N ILE A 3 6.22 18.05 -11.57
CA ILE A 3 6.21 16.79 -10.83
C ILE A 3 7.37 15.90 -11.25
N LYS A 4 7.93 15.14 -10.31
CA LYS A 4 9.05 14.25 -10.59
C LYS A 4 8.55 12.92 -11.18
N LEU A 5 9.40 11.90 -11.13
CA LEU A 5 9.07 10.58 -11.67
C LEU A 5 8.03 9.86 -10.80
N ILE A 6 7.14 9.11 -11.44
CA ILE A 6 6.08 8.37 -10.75
C ILE A 6 6.24 6.86 -10.97
N ALA A 7 6.22 6.10 -9.89
CA ALA A 7 6.35 4.63 -9.97
C ALA A 7 4.98 3.98 -10.15
N GLN A 8 4.88 3.04 -11.08
CA GLN A 8 3.60 2.34 -11.34
C GLN A 8 3.85 0.87 -11.65
N VAL A 9 3.01 0.00 -11.10
CA VAL A 9 3.11 -1.46 -11.31
C VAL A 9 1.73 -2.08 -11.46
N LYS A 10 1.67 -3.24 -12.13
CA LYS A 10 0.39 -3.94 -12.32
C LYS A 10 0.61 -5.42 -12.64
N THR A 11 -0.27 -6.27 -12.14
CA THR A 11 -0.17 -7.72 -12.38
C THR A 11 -1.55 -8.37 -12.45
N VAL A 12 -1.69 -9.38 -13.29
CA VAL A 12 -2.96 -10.09 -13.45
C VAL A 12 -3.11 -11.17 -12.38
N ILE A 13 -4.06 -10.97 -11.46
CA ILE A 13 -4.31 -11.94 -10.38
C ILE A 13 -5.69 -12.57 -10.52
N ASN A 14 -5.75 -13.89 -10.45
CA ASN A 14 -7.02 -14.62 -10.56
C ASN A 14 -7.59 -14.87 -9.17
N ALA A 15 -8.49 -14.01 -8.72
CA ALA A 15 -9.10 -14.18 -7.40
C ALA A 15 -10.30 -13.23 -7.23
N PRO A 16 -11.23 -13.54 -6.36
CA PRO A 16 -12.44 -12.68 -6.13
C PRO A 16 -12.06 -11.30 -5.60
N ILE A 17 -12.84 -10.29 -6.00
CA ILE A 17 -12.61 -8.91 -5.57
C ILE A 17 -12.76 -8.76 -4.06
N GLU A 18 -13.72 -9.48 -3.48
CA GLU A 18 -13.98 -9.40 -2.05
C GLU A 18 -12.72 -9.68 -1.23
N LYS A 19 -12.13 -10.85 -1.46
CA LYS A 19 -10.94 -11.26 -0.72
C LYS A 19 -9.75 -10.35 -1.02
N VAL A 20 -9.55 -9.96 -2.27
CA VAL A 20 -8.44 -9.07 -2.60
C VAL A 20 -8.66 -7.72 -1.94
N TRP A 21 -9.87 -7.18 -2.10
CA TRP A 21 -10.25 -5.90 -1.51
C TRP A 21 -10.06 -5.99 0.00
N GLU A 22 -10.47 -7.11 0.58
CA GLU A 22 -10.35 -7.33 2.02
C GLU A 22 -8.88 -7.25 2.44
N ALA A 23 -8.01 -7.93 1.70
CA ALA A 23 -6.58 -7.95 2.01
C ALA A 23 -5.99 -6.54 2.01
N LEU A 24 -6.57 -5.64 1.21
CA LEU A 24 -6.07 -4.28 1.13
C LEU A 24 -6.41 -3.47 2.38
N VAL A 25 -7.63 -3.61 2.87
CA VAL A 25 -8.09 -2.88 4.06
C VAL A 25 -8.47 -3.84 5.19
N ASN A 26 -7.46 -4.33 5.89
CA ASN A 26 -7.70 -5.25 7.00
C ASN A 26 -6.48 -5.30 7.93
N PRO A 27 -6.58 -4.83 9.15
CA PRO A 27 -5.43 -4.83 10.11
C PRO A 27 -5.07 -6.25 10.57
N GLU A 28 -5.96 -7.20 10.35
CA GLU A 28 -5.73 -8.58 10.75
C GLU A 28 -4.89 -9.30 9.70
N ILE A 29 -5.31 -9.20 8.43
CA ILE A 29 -4.58 -9.83 7.34
C ILE A 29 -3.25 -9.11 7.15
N ILE A 30 -3.29 -7.78 7.22
CA ILE A 30 -2.07 -7.00 7.07
C ILE A 30 -1.06 -7.40 8.13
N LYS A 31 -1.55 -7.90 9.26
CA LYS A 31 -0.69 -8.33 10.36
C LYS A 31 -0.08 -9.68 10.04
N GLU A 32 -0.80 -10.51 9.28
CA GLU A 32 -0.30 -11.84 8.92
C GLU A 32 1.04 -11.71 8.21
N TYR A 33 1.15 -10.75 7.29
CA TYR A 33 2.39 -10.53 6.55
C TYR A 33 3.47 -9.97 7.48
N MET A 34 3.07 -9.16 8.45
CA MET A 34 4.02 -8.55 9.39
C MET A 34 4.23 -9.45 10.61
N PHE A 35 5.41 -9.34 11.21
CA PHE A 35 5.76 -10.14 12.37
C PHE A 35 4.83 -9.87 13.55
N GLY A 36 4.47 -8.61 13.77
CA GLY A 36 3.59 -8.27 14.89
C GLY A 36 3.18 -6.79 14.87
N THR A 37 2.95 -6.25 13.68
CA THR A 37 2.57 -4.84 13.55
C THR A 37 1.11 -4.65 13.95
N THR A 38 0.87 -3.68 14.84
CA THR A 38 -0.49 -3.39 15.30
C THR A 38 -1.12 -2.27 14.48
N VAL A 39 -1.86 -2.65 13.44
CA VAL A 39 -2.53 -1.67 12.58
C VAL A 39 -3.95 -1.41 13.06
N VAL A 40 -4.29 -0.13 13.23
CA VAL A 40 -5.64 0.26 13.68
C VAL A 40 -6.31 1.16 12.64
N SER A 41 -7.54 0.80 12.27
CA SER A 41 -8.29 1.59 11.28
C SER A 41 -9.79 1.40 11.46
N ASP A 42 -10.56 2.36 10.95
CA ASP A 42 -12.02 2.33 11.01
C ASP A 42 -12.55 1.80 9.68
N TRP A 43 -11.70 1.84 8.66
CA TRP A 43 -12.03 1.37 7.30
C TRP A 43 -13.09 2.26 6.65
N LYS A 44 -12.94 3.58 6.76
CA LYS A 44 -13.90 4.52 6.16
C LYS A 44 -13.22 5.83 5.75
N GLU A 45 -13.84 6.57 4.83
CA GLU A 45 -13.30 7.83 4.34
C GLU A 45 -12.97 8.80 5.47
N GLY A 46 -11.76 9.35 5.43
CA GLY A 46 -11.29 10.32 6.43
C GLY A 46 -10.77 9.62 7.69
N SER A 47 -10.73 8.29 7.67
CA SER A 47 -10.26 7.55 8.84
C SER A 47 -8.75 7.69 9.02
N GLN A 48 -8.33 7.95 10.25
CA GLN A 48 -6.90 8.08 10.55
C GLN A 48 -6.31 6.69 10.71
N ILE A 49 -5.03 6.53 10.37
CA ILE A 49 -4.34 5.23 10.49
C ILE A 49 -2.97 5.38 11.12
N VAL A 50 -2.68 4.51 12.08
CA VAL A 50 -1.39 4.51 12.78
C VAL A 50 -0.83 3.10 12.90
N TRP A 51 0.48 2.99 12.72
CA TRP A 51 1.18 1.69 12.81
C TRP A 51 2.21 1.73 13.92
N LYS A 52 2.19 0.71 14.78
CA LYS A 52 3.15 0.63 15.89
C LYS A 52 4.28 -0.32 15.52
N GLY A 53 5.50 0.06 15.90
CA GLY A 53 6.66 -0.76 15.60
C GLY A 53 7.89 -0.27 16.37
N GLU A 54 9.00 -0.96 16.18
CA GLU A 54 10.27 -0.61 16.85
C GLU A 54 11.39 -0.50 15.83
N TRP A 55 12.18 0.55 15.93
CA TRP A 55 13.30 0.79 15.01
C TRP A 55 14.55 1.23 15.79
N LYS A 56 15.59 0.41 15.72
CA LYS A 56 16.84 0.71 16.41
C LYS A 56 16.58 1.00 17.89
N GLY A 57 15.68 0.23 18.49
CA GLY A 57 15.35 0.39 19.90
C GLY A 57 14.49 1.63 20.11
N LYS A 58 14.33 2.42 19.05
CA LYS A 58 13.51 3.64 19.11
C LYS A 58 12.12 3.38 18.58
N ALA A 59 11.11 3.50 19.44
CA ALA A 59 9.73 3.28 19.05
C ALA A 59 9.26 4.40 18.13
N TYR A 60 8.61 4.03 17.03
CA TYR A 60 8.12 5.03 16.06
C TYR A 60 6.70 4.67 15.61
N GLU A 61 5.96 5.70 15.18
CA GLU A 61 4.59 5.51 14.71
C GLU A 61 4.33 6.37 13.47
N ASP A 62 3.75 5.74 12.44
CA ASP A 62 3.42 6.42 11.19
C ASP A 62 2.05 7.05 11.30
N LYS A 63 1.69 7.92 10.36
CA LYS A 63 0.38 8.57 10.41
C LYS A 63 -0.09 9.06 9.03
N GLY A 64 -1.36 8.76 8.74
CA GLY A 64 -1.97 9.16 7.47
C GLY A 64 -3.49 9.09 7.56
N THR A 65 -4.17 9.37 6.46
CA THR A 65 -5.64 9.34 6.45
C THR A 65 -6.17 8.90 5.09
N ILE A 66 -7.40 8.37 5.09
CA ILE A 66 -8.02 7.91 3.84
C ILE A 66 -8.45 9.09 2.99
N LEU A 67 -7.84 9.24 1.83
CA LEU A 67 -8.17 10.32 0.91
C LEU A 67 -9.58 10.15 0.37
N GLN A 68 -9.94 8.90 0.03
CA GLN A 68 -11.26 8.59 -0.49
C GLN A 68 -11.54 7.11 -0.31
N PHE A 69 -12.81 6.76 -0.14
CA PHE A 69 -13.20 5.36 0.06
C PHE A 69 -14.41 4.98 -0.80
N ASN A 70 -14.18 4.14 -1.80
CA ASN A 70 -15.23 3.67 -2.70
C ASN A 70 -15.35 2.15 -2.60
N GLU A 71 -16.40 1.70 -1.92
CA GLU A 71 -16.65 0.27 -1.71
C GLU A 71 -16.37 -0.56 -2.97
N ARG A 72 -15.49 -1.54 -2.85
CA ARG A 72 -15.12 -2.43 -3.95
C ARG A 72 -14.96 -1.70 -5.27
N SER A 73 -14.11 -0.66 -5.31
CA SER A 73 -13.90 0.09 -6.53
C SER A 73 -12.56 0.83 -6.54
N ILE A 74 -12.44 1.84 -5.68
CA ILE A 74 -11.20 2.65 -5.61
C ILE A 74 -10.85 3.02 -4.18
N LEU A 75 -9.56 2.91 -3.86
CA LEU A 75 -9.06 3.25 -2.52
C LEU A 75 -7.82 4.14 -2.61
N GLN A 76 -7.86 5.29 -1.94
CA GLN A 76 -6.73 6.23 -1.94
C GLN A 76 -6.43 6.68 -0.51
N TYR A 77 -5.14 6.76 -0.19
CA TYR A 77 -4.75 7.20 1.16
C TYR A 77 -3.40 7.91 1.16
N SER A 78 -3.29 8.91 2.02
CA SER A 78 -2.04 9.67 2.16
C SER A 78 -1.17 8.94 3.15
N HIS A 79 0.15 9.12 3.04
CA HIS A 79 1.06 8.44 3.96
C HIS A 79 2.31 9.26 4.24
N PHE A 80 2.75 9.20 5.50
CA PHE A 80 3.94 9.93 5.94
C PHE A 80 4.76 9.08 6.91
N SER A 81 6.07 9.06 6.71
CA SER A 81 6.99 8.30 7.58
C SER A 81 7.89 9.27 8.39
N PRO A 82 7.84 9.25 9.70
CA PRO A 82 8.70 10.16 10.52
C PRO A 82 10.17 9.76 10.50
N LEU A 83 10.44 8.50 10.15
CA LEU A 83 11.80 8.01 10.10
C LEU A 83 12.63 8.82 9.12
N THR A 84 11.96 9.64 8.31
CA THR A 84 12.64 10.46 7.33
C THR A 84 13.54 11.50 8.02
N GLY A 85 13.10 11.99 9.17
CA GLY A 85 13.88 12.98 9.92
C GLY A 85 14.25 14.16 9.03
N LYS A 86 13.41 14.44 8.04
CA LYS A 86 13.68 15.53 7.10
C LYS A 86 13.07 16.86 7.61
N PRO A 87 13.62 17.99 7.23
CA PRO A 87 13.06 19.32 7.66
C PRO A 87 11.56 19.43 7.34
N ASP A 88 10.83 20.18 8.15
CA ASP A 88 9.40 20.37 7.97
C ASP A 88 9.03 20.64 6.51
N LEU A 89 8.62 19.60 5.79
CA LEU A 89 8.24 19.73 4.39
C LEU A 89 7.20 18.64 4.02
N PRO A 90 5.94 18.91 4.17
CA PRO A 90 4.86 17.92 3.85
C PRO A 90 5.01 17.32 2.44
N GLU A 91 5.61 18.08 1.54
CA GLU A 91 5.81 17.63 0.16
C GLU A 91 6.85 16.50 0.13
N ASN A 92 7.39 16.16 1.29
CA ASN A 92 8.40 15.11 1.39
C ASN A 92 7.83 13.71 1.14
N TYR A 93 6.52 13.56 1.34
CA TYR A 93 5.85 12.26 1.15
C TYR A 93 4.95 12.24 -0.09
N HIS A 94 4.34 11.09 -0.35
CA HIS A 94 3.44 10.93 -1.52
C HIS A 94 2.17 10.19 -1.15
N VAL A 95 1.18 10.30 -2.02
CA VAL A 95 -0.13 9.66 -1.82
C VAL A 95 -0.23 8.42 -2.70
N VAL A 96 -0.64 7.31 -2.10
CA VAL A 96 -0.78 6.04 -2.83
C VAL A 96 -2.23 5.82 -3.26
N THR A 97 -2.39 5.43 -4.52
CA THR A 97 -3.73 5.16 -5.08
C THR A 97 -3.81 3.76 -5.67
N ILE A 98 -4.74 2.96 -5.14
CA ILE A 98 -4.92 1.58 -5.59
C ILE A 98 -6.21 1.45 -6.40
N THR A 99 -6.11 0.84 -7.58
CA THR A 99 -7.27 0.64 -8.45
C THR A 99 -7.56 -0.84 -8.61
N LEU A 100 -8.77 -1.25 -8.23
CA LEU A 100 -9.18 -2.66 -8.32
C LEU A 100 -10.45 -2.81 -9.15
N THR A 101 -10.39 -3.71 -10.13
CA THR A 101 -11.53 -3.96 -11.01
C THR A 101 -11.74 -5.45 -11.20
N ALA A 102 -12.99 -5.86 -11.31
CA ALA A 102 -13.34 -7.27 -11.49
C ALA A 102 -13.64 -7.55 -12.96
N LEU A 103 -12.73 -8.26 -13.62
CA LEU A 103 -12.88 -8.61 -15.04
C LEU A 103 -13.46 -10.00 -15.19
N LYS A 104 -13.81 -10.38 -16.42
CA LYS A 104 -14.41 -11.67 -16.71
C LYS A 104 -13.46 -12.83 -16.39
N LYS A 105 -12.18 -12.71 -16.73
CA LYS A 105 -11.18 -13.75 -16.48
C LYS A 105 -10.67 -13.67 -15.05
N GLY A 106 -10.61 -12.47 -14.49
CA GLY A 106 -10.13 -12.29 -13.13
C GLY A 106 -10.24 -10.84 -12.72
N VAL A 107 -9.24 -10.37 -11.98
CA VAL A 107 -9.24 -8.98 -11.50
C VAL A 107 -7.87 -8.32 -11.72
N GLU A 108 -7.88 -7.13 -12.31
CA GLU A 108 -6.65 -6.39 -12.56
C GLU A 108 -6.37 -5.45 -11.39
N VAL A 109 -5.09 -5.32 -11.05
CA VAL A 109 -4.67 -4.45 -9.94
C VAL A 109 -3.55 -3.51 -10.39
N GLU A 110 -3.47 -2.34 -9.77
CA GLU A 110 -2.46 -1.36 -10.12
C GLU A 110 -2.13 -0.49 -8.92
N LEU A 111 -0.83 -0.27 -8.70
CA LEU A 111 -0.35 0.56 -7.58
C LEU A 111 0.55 1.66 -8.10
N THR A 112 0.24 2.90 -7.76
CA THR A 112 1.04 4.06 -8.20
C THR A 112 1.60 4.84 -7.01
N GLN A 113 2.81 5.36 -7.19
CA GLN A 113 3.49 6.16 -6.15
C GLN A 113 4.28 7.29 -6.78
N ASP A 114 4.09 8.50 -6.27
CA ASP A 114 4.79 9.69 -6.80
C ASP A 114 5.91 10.16 -5.87
N ASN A 115 6.44 11.33 -6.18
CA ASN A 115 7.53 11.97 -5.43
C ASN A 115 8.83 11.17 -5.46
N ASN A 116 9.17 10.55 -6.58
CA ASN A 116 10.43 9.80 -6.68
C ASN A 116 11.54 10.80 -6.98
N GLU A 117 12.62 10.79 -6.22
CA GLU A 117 13.71 11.75 -6.44
C GLU A 117 14.43 11.51 -7.76
N THR A 118 14.67 10.24 -8.11
CA THR A 118 15.36 9.91 -9.36
C THR A 118 14.91 8.54 -9.88
N GLU A 119 15.41 8.17 -11.06
CA GLU A 119 15.07 6.88 -11.66
C GLU A 119 15.48 5.77 -10.71
N LYS A 120 16.61 5.95 -10.05
CA LYS A 120 17.12 4.96 -9.12
C LYS A 120 16.10 4.74 -8.01
N GLU A 121 15.51 5.82 -7.51
CA GLU A 121 14.51 5.74 -6.45
C GLU A 121 13.22 5.16 -6.99
N GLN A 122 12.84 5.55 -8.21
CA GLN A 122 11.63 5.04 -8.83
C GLN A 122 11.77 3.56 -9.04
N LYS A 123 12.93 3.13 -9.53
CA LYS A 123 13.19 1.72 -9.76
C LYS A 123 13.18 1.01 -8.42
N HIS A 124 13.81 1.62 -7.42
CA HIS A 124 13.88 1.06 -6.08
C HIS A 124 12.47 0.88 -5.53
N SER A 125 11.62 1.86 -5.81
CA SER A 125 10.24 1.80 -5.34
C SER A 125 9.47 0.78 -6.16
N GLU A 126 9.63 0.84 -7.48
CA GLU A 126 8.95 -0.09 -8.38
C GLU A 126 9.30 -1.51 -8.01
N ASP A 127 10.60 -1.77 -7.82
CA ASP A 127 11.07 -3.11 -7.46
C ASP A 127 10.52 -3.47 -6.08
N ASN A 128 10.46 -2.50 -5.18
CA ASN A 128 9.96 -2.73 -3.84
C ASN A 128 8.49 -3.11 -3.89
N TRP A 129 7.67 -2.28 -4.52
CA TRP A 129 6.26 -2.56 -4.64
C TRP A 129 6.05 -3.88 -5.35
N ASN A 130 6.88 -4.18 -6.34
CA ASN A 130 6.76 -5.44 -7.06
C ASN A 130 6.92 -6.58 -6.07
N THR A 131 7.80 -6.40 -5.09
CA THR A 131 8.02 -7.41 -4.06
C THR A 131 6.74 -7.59 -3.26
N MET A 132 6.10 -6.48 -2.92
CA MET A 132 4.86 -6.53 -2.16
C MET A 132 3.80 -7.25 -2.99
N LEU A 133 3.65 -6.84 -4.24
CA LEU A 133 2.69 -7.47 -5.14
C LEU A 133 3.05 -8.93 -5.34
N GLU A 134 4.35 -9.22 -5.46
CA GLU A 134 4.81 -10.58 -5.63
C GLU A 134 4.53 -11.36 -4.37
N GLY A 135 4.77 -10.74 -3.22
CA GLY A 135 4.52 -11.37 -1.93
C GLY A 135 3.04 -11.65 -1.76
N LEU A 136 2.21 -10.73 -2.25
CA LEU A 136 0.75 -10.88 -2.16
C LEU A 136 0.28 -12.03 -3.04
N LYS A 137 0.82 -12.10 -4.26
CA LYS A 137 0.45 -13.15 -5.18
C LYS A 137 0.90 -14.50 -4.66
N LYS A 138 2.08 -14.56 -4.05
CA LYS A 138 2.61 -15.81 -3.52
C LYS A 138 1.71 -16.35 -2.42
N PHE A 139 1.19 -15.48 -1.58
CA PHE A 139 0.32 -15.89 -0.49
C PHE A 139 -1.06 -16.25 -1.02
N LEU A 140 -1.60 -15.39 -1.88
CA LEU A 140 -2.93 -15.62 -2.44
C LEU A 140 -2.93 -16.88 -3.32
N GLU A 141 -1.89 -17.04 -4.13
CA GLU A 141 -1.79 -18.18 -5.03
C GLU A 141 -1.39 -19.43 -4.24
N ASN A 142 -1.20 -19.26 -2.94
CA ASN A 142 -0.81 -20.36 -2.07
C ASN A 142 -1.87 -21.45 -2.10
N LYS A 143 -3.13 -21.06 -2.25
CA LYS A 143 -4.23 -22.02 -2.29
C LYS A 143 -3.90 -23.20 -3.20
N VAL A 144 -2.95 -23.02 -4.10
CA VAL A 144 -2.56 -24.08 -5.02
C VAL A 144 -2.00 -25.28 -4.25
N SER A 145 -1.28 -25.02 -3.17
CA SER A 145 -0.71 -26.08 -2.34
C SER A 145 -1.80 -26.99 -1.82
N ALA A 146 -2.91 -26.39 -1.39
CA ALA A 146 -4.04 -27.15 -0.86
C ALA A 146 -4.62 -28.05 -1.93
N MET A 1 9.43 21.18 -15.16
CA MET A 1 8.71 19.90 -14.92
C MET A 1 7.60 20.13 -13.91
N GLU A 2 6.37 19.81 -14.29
CA GLU A 2 5.23 19.99 -13.40
C GLU A 2 5.33 19.08 -12.19
N ILE A 3 5.71 17.83 -12.41
CA ILE A 3 5.85 16.85 -11.31
C ILE A 3 7.03 15.92 -11.56
N LYS A 4 7.45 15.20 -10.51
CA LYS A 4 8.58 14.28 -10.62
C LYS A 4 8.17 12.98 -11.30
N LEU A 5 9.02 11.97 -11.23
CA LEU A 5 8.75 10.66 -11.86
C LEU A 5 7.71 9.86 -11.05
N ILE A 6 6.86 9.12 -11.77
CA ILE A 6 5.81 8.30 -11.15
C ILE A 6 6.06 6.81 -11.40
N ALA A 7 6.04 6.02 -10.34
CA ALA A 7 6.26 4.57 -10.44
C ALA A 7 5.01 3.89 -11.03
N GLN A 8 5.23 2.86 -11.84
CA GLN A 8 4.13 2.11 -12.47
C GLN A 8 4.35 0.60 -12.34
N VAL A 9 3.37 -0.09 -11.75
CA VAL A 9 3.45 -1.56 -11.56
C VAL A 9 2.07 -2.19 -11.78
N LYS A 10 2.04 -3.34 -12.43
CA LYS A 10 0.78 -4.05 -12.71
C LYS A 10 1.02 -5.55 -12.84
N THR A 11 0.11 -6.35 -12.26
CA THR A 11 0.21 -7.81 -12.32
C THR A 11 -1.17 -8.45 -12.37
N VAL A 12 -1.28 -9.56 -13.09
CA VAL A 12 -2.55 -10.28 -13.20
C VAL A 12 -2.64 -11.37 -12.15
N ILE A 13 -3.70 -11.35 -11.35
CA ILE A 13 -3.91 -12.34 -10.29
C ILE A 13 -5.31 -12.93 -10.37
N ASN A 14 -5.40 -14.26 -10.33
CA ASN A 14 -6.70 -14.94 -10.38
C ASN A 14 -7.25 -15.14 -8.97
N ALA A 15 -8.17 -14.28 -8.55
CA ALA A 15 -8.75 -14.39 -7.21
C ALA A 15 -9.97 -13.46 -7.05
N PRO A 16 -10.90 -13.76 -6.18
CA PRO A 16 -12.10 -12.88 -5.99
C PRO A 16 -11.73 -11.44 -5.61
N ILE A 17 -12.54 -10.49 -6.07
CA ILE A 17 -12.32 -9.07 -5.78
C ILE A 17 -12.48 -8.78 -4.28
N GLU A 18 -13.43 -9.47 -3.64
CA GLU A 18 -13.68 -9.25 -2.21
C GLU A 18 -12.46 -9.58 -1.36
N LYS A 19 -11.89 -10.76 -1.58
CA LYS A 19 -10.73 -11.21 -0.81
C LYS A 19 -9.52 -10.32 -1.05
N VAL A 20 -9.28 -9.91 -2.29
CA VAL A 20 -8.14 -9.05 -2.59
C VAL A 20 -8.37 -7.69 -1.92
N TRP A 21 -9.57 -7.14 -2.08
CA TRP A 21 -9.93 -5.87 -1.49
C TRP A 21 -9.79 -5.96 0.03
N GLU A 22 -10.23 -7.08 0.58
CA GLU A 22 -10.15 -7.31 2.02
C GLU A 22 -8.70 -7.27 2.49
N ALA A 23 -7.82 -7.94 1.77
CA ALA A 23 -6.40 -7.99 2.11
C ALA A 23 -5.79 -6.59 2.21
N LEU A 24 -6.30 -5.67 1.41
CA LEU A 24 -5.78 -4.29 1.41
C LEU A 24 -6.18 -3.53 2.68
N VAL A 25 -7.46 -3.59 3.05
CA VAL A 25 -7.97 -2.89 4.25
C VAL A 25 -8.39 -3.88 5.33
N ASN A 26 -7.40 -4.42 6.04
CA ASN A 26 -7.69 -5.37 7.11
C ASN A 26 -6.48 -5.45 8.08
N PRO A 27 -6.60 -4.95 9.28
CA PRO A 27 -5.45 -5.01 10.24
C PRO A 27 -5.11 -6.43 10.68
N GLU A 28 -6.01 -7.37 10.41
CA GLU A 28 -5.78 -8.76 10.78
C GLU A 28 -4.90 -9.45 9.74
N ILE A 29 -5.26 -9.32 8.47
CA ILE A 29 -4.48 -9.93 7.39
C ILE A 29 -3.12 -9.23 7.29
N ILE A 30 -3.15 -7.90 7.39
CA ILE A 30 -1.93 -7.11 7.32
C ILE A 30 -0.97 -7.58 8.41
N LYS A 31 -1.48 -7.83 9.61
CA LYS A 31 -0.65 -8.30 10.71
C LYS A 31 -0.06 -9.67 10.39
N GLU A 32 -0.84 -10.52 9.71
CA GLU A 32 -0.38 -11.85 9.36
C GLU A 32 0.75 -11.76 8.33
N TYR A 33 0.71 -10.73 7.49
CA TYR A 33 1.71 -10.54 6.45
C TYR A 33 3.05 -10.14 7.09
N MET A 34 2.98 -9.39 8.18
CA MET A 34 4.18 -8.93 8.90
C MET A 34 4.44 -9.78 10.13
N PHE A 35 5.54 -9.49 10.82
CA PHE A 35 5.93 -10.23 12.02
C PHE A 35 4.91 -10.05 13.14
N GLY A 36 4.35 -8.85 13.29
CA GLY A 36 3.37 -8.59 14.35
C GLY A 36 3.18 -7.10 14.59
N THR A 37 2.66 -6.40 13.59
CA THR A 37 2.42 -4.95 13.71
C THR A 37 0.96 -4.67 14.08
N THR A 38 0.77 -3.90 15.15
CA THR A 38 -0.57 -3.56 15.62
C THR A 38 -1.18 -2.45 14.76
N VAL A 39 -1.92 -2.85 13.73
CA VAL A 39 -2.57 -1.89 12.82
C VAL A 39 -4.01 -1.64 13.25
N VAL A 40 -4.39 -0.37 13.32
CA VAL A 40 -5.76 0.01 13.72
C VAL A 40 -6.39 0.90 12.66
N SER A 41 -7.61 0.55 12.24
CA SER A 41 -8.31 1.32 11.22
C SER A 41 -9.82 1.17 11.35
N ASP A 42 -10.56 2.19 10.95
CA ASP A 42 -12.02 2.21 10.98
C ASP A 42 -12.55 1.76 9.63
N TRP A 43 -11.71 1.88 8.61
CA TRP A 43 -12.07 1.49 7.24
C TRP A 43 -13.11 2.44 6.65
N LYS A 44 -12.91 3.75 6.80
CA LYS A 44 -13.86 4.73 6.26
C LYS A 44 -13.15 6.03 5.87
N GLU A 45 -13.75 6.79 4.96
CA GLU A 45 -13.17 8.04 4.48
C GLU A 45 -12.86 9.01 5.63
N GLY A 46 -11.64 9.52 5.63
CA GLY A 46 -11.20 10.49 6.65
C GLY A 46 -10.67 9.79 7.90
N SER A 47 -10.73 8.47 7.93
CA SER A 47 -10.25 7.72 9.08
C SER A 47 -8.74 7.84 9.23
N GLN A 48 -8.29 8.09 10.46
CA GLN A 48 -6.86 8.20 10.73
C GLN A 48 -6.32 6.82 11.08
N ILE A 49 -5.07 6.55 10.71
CA ILE A 49 -4.45 5.25 10.98
C ILE A 49 -3.02 5.41 11.48
N VAL A 50 -2.59 4.47 12.32
CA VAL A 50 -1.24 4.51 12.88
C VAL A 50 -0.67 3.09 13.00
N TRP A 51 0.66 2.98 12.98
CA TRP A 51 1.34 1.69 13.09
C TRP A 51 2.40 1.74 14.19
N LYS A 52 2.29 0.84 15.16
CA LYS A 52 3.26 0.79 16.27
C LYS A 52 4.41 -0.14 15.91
N GLY A 53 5.63 0.27 16.28
CA GLY A 53 6.81 -0.54 15.98
C GLY A 53 8.01 -0.06 16.77
N GLU A 54 9.11 -0.79 16.68
CA GLU A 54 10.36 -0.46 17.38
C GLU A 54 11.49 -0.28 16.39
N TRP A 55 12.19 0.85 16.49
CA TRP A 55 13.31 1.17 15.59
C TRP A 55 14.54 1.56 16.40
N LYS A 56 15.57 0.73 16.36
CA LYS A 56 16.81 0.99 17.10
C LYS A 56 16.51 1.30 18.56
N GLY A 57 15.58 0.54 19.15
CA GLY A 57 15.20 0.72 20.56
C GLY A 57 14.29 1.94 20.72
N LYS A 58 14.18 2.74 19.66
CA LYS A 58 13.33 3.93 19.70
C LYS A 58 11.96 3.63 19.08
N ALA A 59 10.91 3.74 19.89
CA ALA A 59 9.56 3.48 19.40
C ALA A 59 9.12 4.58 18.44
N TYR A 60 8.55 4.18 17.31
CA TYR A 60 8.10 5.15 16.29
C TYR A 60 6.68 4.81 15.82
N GLU A 61 5.96 5.83 15.38
CA GLU A 61 4.59 5.65 14.88
C GLU A 61 4.35 6.51 13.64
N ASP A 62 3.76 5.89 12.62
CA ASP A 62 3.46 6.57 11.36
C ASP A 62 2.09 7.22 11.46
N LYS A 63 1.74 8.07 10.51
CA LYS A 63 0.44 8.75 10.55
C LYS A 63 -0.05 9.16 9.16
N GLY A 64 -1.29 8.78 8.87
CA GLY A 64 -1.92 9.10 7.58
C GLY A 64 -3.44 9.10 7.72
N THR A 65 -4.14 9.36 6.62
CA THR A 65 -5.61 9.39 6.64
C THR A 65 -6.19 8.97 5.30
N ILE A 66 -7.41 8.46 5.32
CA ILE A 66 -8.09 8.02 4.09
C ILE A 66 -8.63 9.23 3.33
N LEU A 67 -8.18 9.36 2.08
CA LEU A 67 -8.63 10.47 1.22
C LEU A 67 -9.95 10.11 0.53
N GLN A 68 -9.96 8.97 -0.14
CA GLN A 68 -11.16 8.49 -0.85
C GLN A 68 -11.43 7.04 -0.50
N PHE A 69 -12.69 6.71 -0.27
CA PHE A 69 -13.07 5.32 0.10
C PHE A 69 -14.30 4.86 -0.68
N ASN A 70 -14.07 4.00 -1.67
CA ASN A 70 -15.15 3.46 -2.49
C ASN A 70 -15.10 1.94 -2.44
N GLU A 71 -15.86 1.36 -1.53
CA GLU A 71 -15.90 -0.08 -1.34
C GLU A 71 -16.04 -0.84 -2.66
N ARG A 72 -15.08 -1.72 -2.93
CA ARG A 72 -15.07 -2.53 -4.14
C ARG A 72 -14.99 -1.67 -5.41
N SER A 73 -14.02 -0.75 -5.48
CA SER A 73 -13.89 0.08 -6.67
C SER A 73 -12.58 0.88 -6.65
N ILE A 74 -12.51 1.89 -5.79
CA ILE A 74 -11.31 2.75 -5.71
C ILE A 74 -10.94 3.04 -4.25
N LEU A 75 -9.65 2.91 -3.96
CA LEU A 75 -9.13 3.17 -2.61
C LEU A 75 -7.84 3.97 -2.68
N GLN A 76 -7.81 5.11 -2.00
CA GLN A 76 -6.62 5.97 -1.98
C GLN A 76 -6.33 6.45 -0.56
N TYR A 77 -5.05 6.51 -0.21
CA TYR A 77 -4.67 6.95 1.14
C TYR A 77 -3.33 7.67 1.16
N SER A 78 -3.17 8.56 2.13
CA SER A 78 -1.94 9.33 2.30
C SER A 78 -1.06 8.58 3.31
N HIS A 79 0.26 8.71 3.19
CA HIS A 79 1.15 8.02 4.13
C HIS A 79 2.47 8.76 4.29
N PHE A 80 2.99 8.70 5.51
CA PHE A 80 4.26 9.36 5.85
C PHE A 80 5.06 8.50 6.82
N SER A 81 6.36 8.40 6.55
CA SER A 81 7.27 7.60 7.39
C SER A 81 8.20 8.51 8.23
N PRO A 82 8.12 8.52 9.53
CA PRO A 82 9.00 9.40 10.35
C PRO A 82 10.45 8.94 10.35
N LEU A 83 10.68 7.68 9.99
CA LEU A 83 12.03 7.13 9.96
C LEU A 83 12.82 7.73 8.80
N THR A 84 12.12 8.41 7.90
CA THR A 84 12.77 9.02 6.74
C THR A 84 13.72 10.13 7.17
N GLY A 85 13.43 10.78 8.29
CA GLY A 85 14.28 11.86 8.80
C GLY A 85 13.95 13.18 8.09
N LYS A 86 12.74 13.27 7.57
CA LYS A 86 12.31 14.48 6.84
C LYS A 86 11.18 15.21 7.59
N PRO A 87 11.47 16.20 8.39
CA PRO A 87 10.43 16.97 9.13
C PRO A 87 9.28 17.40 8.21
N ASP A 88 8.30 18.11 8.77
CA ASP A 88 7.14 18.59 8.01
C ASP A 88 7.52 19.07 6.60
N LEU A 89 7.46 18.17 5.64
CA LEU A 89 7.80 18.49 4.23
C LEU A 89 6.75 17.86 3.29
N PRO A 90 5.69 18.55 2.99
CA PRO A 90 4.62 18.02 2.07
C PRO A 90 5.19 17.56 0.72
N GLU A 91 6.39 18.01 0.40
CA GLU A 91 7.04 17.65 -0.87
C GLU A 91 7.81 16.34 -0.71
N ASN A 92 8.12 15.98 0.53
CA ASN A 92 8.88 14.76 0.81
C ASN A 92 8.01 13.50 0.70
N TYR A 93 6.77 13.58 1.16
CA TYR A 93 5.86 12.42 1.13
C TYR A 93 4.95 12.46 -0.10
N HIS A 94 4.20 11.37 -0.30
CA HIS A 94 3.29 11.26 -1.45
C HIS A 94 2.03 10.47 -1.08
N VAL A 95 1.05 10.50 -1.97
CA VAL A 95 -0.22 9.79 -1.77
C VAL A 95 -0.28 8.58 -2.70
N VAL A 96 -0.67 7.44 -2.14
CA VAL A 96 -0.77 6.19 -2.90
C VAL A 96 -2.20 5.98 -3.41
N THR A 97 -2.31 5.60 -4.68
CA THR A 97 -3.62 5.34 -5.30
C THR A 97 -3.66 3.96 -5.92
N ILE A 98 -4.64 3.17 -5.49
CA ILE A 98 -4.80 1.79 -5.99
C ILE A 98 -6.18 1.63 -6.64
N THR A 99 -6.20 1.05 -7.84
CA THR A 99 -7.45 0.82 -8.57
C THR A 99 -7.66 -0.68 -8.77
N LEU A 100 -8.78 -1.19 -8.28
CA LEU A 100 -9.11 -2.63 -8.41
C LEU A 100 -10.35 -2.83 -9.27
N THR A 101 -10.20 -3.65 -10.31
CA THR A 101 -11.31 -3.94 -11.24
C THR A 101 -11.48 -5.44 -11.40
N ALA A 102 -12.73 -5.90 -11.41
CA ALA A 102 -13.03 -7.32 -11.56
C ALA A 102 -13.36 -7.63 -13.01
N LEU A 103 -12.42 -8.28 -13.70
CA LEU A 103 -12.59 -8.64 -15.11
C LEU A 103 -13.18 -10.05 -15.23
N LYS A 104 -13.58 -10.43 -16.44
CA LYS A 104 -14.18 -11.73 -16.70
C LYS A 104 -13.23 -12.88 -16.39
N LYS A 105 -11.95 -12.75 -16.74
CA LYS A 105 -10.94 -13.78 -16.49
C LYS A 105 -10.54 -13.81 -15.02
N GLY A 106 -10.40 -12.63 -14.42
CA GLY A 106 -10.00 -12.54 -13.03
C GLY A 106 -10.09 -11.10 -12.54
N VAL A 107 -9.10 -10.70 -11.73
CA VAL A 107 -9.05 -9.34 -11.17
C VAL A 107 -7.72 -8.66 -11.49
N GLU A 108 -7.80 -7.41 -11.94
CA GLU A 108 -6.62 -6.62 -12.27
C GLU A 108 -6.27 -5.70 -11.11
N VAL A 109 -4.98 -5.55 -10.85
CA VAL A 109 -4.50 -4.68 -9.75
C VAL A 109 -3.45 -3.70 -10.27
N GLU A 110 -3.54 -2.46 -9.81
CA GLU A 110 -2.59 -1.41 -10.23
C GLU A 110 -2.27 -0.49 -9.06
N LEU A 111 -0.97 -0.24 -8.85
CA LEU A 111 -0.49 0.64 -7.77
C LEU A 111 0.40 1.73 -8.36
N THR A 112 0.13 2.97 -7.98
CA THR A 112 0.92 4.11 -8.47
C THR A 112 1.42 4.99 -7.32
N GLN A 113 2.64 5.50 -7.48
CA GLN A 113 3.27 6.35 -6.47
C GLN A 113 4.06 7.48 -7.15
N ASP A 114 3.96 8.68 -6.61
CA ASP A 114 4.66 9.86 -7.17
C ASP A 114 5.77 10.37 -6.25
N ASN A 115 6.26 11.57 -6.55
CA ASN A 115 7.32 12.23 -5.79
C ASN A 115 8.64 11.44 -5.76
N ASN A 116 9.00 10.80 -6.86
CA ASN A 116 10.26 10.06 -6.89
C ASN A 116 11.38 11.07 -7.20
N GLU A 117 12.33 11.23 -6.29
CA GLU A 117 13.41 12.20 -6.48
C GLU A 117 14.25 11.88 -7.72
N THR A 118 14.53 10.60 -7.95
CA THR A 118 15.34 10.19 -9.10
C THR A 118 14.86 8.85 -9.65
N GLU A 119 15.34 8.50 -10.83
CA GLU A 119 14.96 7.23 -11.46
C GLU A 119 15.32 6.08 -10.53
N LYS A 120 16.43 6.24 -9.81
CA LYS A 120 16.88 5.22 -8.89
C LYS A 120 15.81 4.99 -7.82
N GLU A 121 15.20 6.06 -7.34
CA GLU A 121 14.17 5.97 -6.32
C GLU A 121 12.91 5.34 -6.91
N GLN A 122 12.57 5.69 -8.15
CA GLN A 122 11.39 5.13 -8.79
C GLN A 122 11.60 3.64 -8.95
N LYS A 123 12.76 3.25 -9.45
CA LYS A 123 13.07 1.84 -9.64
C LYS A 123 13.01 1.14 -8.29
N HIS A 124 13.56 1.79 -7.27
CA HIS A 124 13.56 1.25 -5.91
C HIS A 124 12.13 1.07 -5.44
N SER A 125 11.27 2.03 -5.78
CA SER A 125 9.88 1.98 -5.40
C SER A 125 9.20 0.83 -6.13
N GLU A 126 9.32 0.81 -7.46
CA GLU A 126 8.72 -0.24 -8.27
C GLU A 126 9.17 -1.60 -7.77
N ASP A 127 10.46 -1.74 -7.50
CA ASP A 127 11.01 -3.00 -7.02
C ASP A 127 10.39 -3.35 -5.67
N ASN A 128 10.23 -2.34 -4.82
CA ASN A 128 9.64 -2.55 -3.51
C ASN A 128 8.18 -2.94 -3.64
N TRP A 129 7.41 -2.13 -4.35
CA TRP A 129 6.00 -2.41 -4.56
C TRP A 129 5.85 -3.75 -5.27
N ASN A 130 6.72 -4.03 -6.24
CA ASN A 130 6.65 -5.30 -6.96
C ASN A 130 6.83 -6.43 -5.95
N THR A 131 7.71 -6.24 -4.98
CA THR A 131 7.94 -7.23 -3.95
C THR A 131 6.66 -7.41 -3.14
N MET A 132 6.00 -6.31 -2.83
CA MET A 132 4.76 -6.36 -2.06
C MET A 132 3.69 -7.07 -2.88
N LEU A 133 3.51 -6.64 -4.12
CA LEU A 133 2.53 -7.26 -5.00
C LEU A 133 2.90 -8.72 -5.23
N GLU A 134 4.19 -9.01 -5.38
CA GLU A 134 4.67 -10.37 -5.58
C GLU A 134 4.47 -11.16 -4.29
N GLY A 135 4.73 -10.51 -3.16
CA GLY A 135 4.58 -11.13 -1.86
C GLY A 135 3.10 -11.40 -1.61
N LEU A 136 2.25 -10.47 -2.00
CA LEU A 136 0.81 -10.61 -1.82
C LEU A 136 0.28 -11.75 -2.68
N LYS A 137 0.75 -11.84 -3.92
CA LYS A 137 0.32 -12.89 -4.81
C LYS A 137 0.70 -14.25 -4.24
N LYS A 138 1.81 -14.32 -3.53
CA LYS A 138 2.27 -15.57 -2.94
C LYS A 138 1.25 -16.12 -1.94
N PHE A 139 0.61 -15.23 -1.19
CA PHE A 139 -0.39 -15.64 -0.19
C PHE A 139 -1.69 -16.06 -0.87
N LEU A 140 -2.18 -15.20 -1.76
CA LEU A 140 -3.42 -15.49 -2.48
C LEU A 140 -3.28 -16.74 -3.35
N GLU A 141 -2.15 -16.87 -4.04
CA GLU A 141 -1.89 -18.03 -4.91
C GLU A 141 -1.55 -19.26 -4.06
N ASN A 142 -1.46 -19.07 -2.74
CA ASN A 142 -1.13 -20.15 -1.83
C ASN A 142 -2.20 -21.23 -1.87
N LYS A 143 -3.47 -20.81 -1.98
CA LYS A 143 -4.58 -21.73 -2.02
C LYS A 143 -4.49 -22.64 -3.24
N VAL A 144 -4.17 -22.07 -4.40
CA VAL A 144 -4.07 -22.84 -5.62
C VAL A 144 -2.86 -23.79 -5.54
N SER A 145 -1.73 -23.28 -5.05
CA SER A 145 -0.52 -24.08 -4.92
C SER A 145 -0.77 -25.26 -3.99
N ALA A 146 -1.49 -25.02 -2.91
CA ALA A 146 -1.80 -26.07 -1.94
C ALA A 146 -2.70 -27.13 -2.56
N MET A 1 7.55 17.07 -16.48
CA MET A 1 8.07 18.43 -16.11
C MET A 1 7.26 18.98 -14.94
N GLU A 2 5.98 18.61 -14.89
CA GLU A 2 5.10 19.07 -13.82
C GLU A 2 5.53 18.49 -12.49
N ILE A 3 5.99 17.24 -12.49
CA ILE A 3 6.44 16.57 -11.27
C ILE A 3 7.65 15.67 -11.53
N LYS A 4 8.20 15.07 -10.48
CA LYS A 4 9.36 14.19 -10.62
C LYS A 4 8.95 12.84 -11.21
N LEU A 5 9.74 11.82 -10.95
CA LEU A 5 9.48 10.47 -11.46
C LEU A 5 8.34 9.79 -10.70
N ILE A 6 7.51 9.04 -11.42
CA ILE A 6 6.37 8.32 -10.83
C ILE A 6 6.51 6.82 -11.01
N ALA A 7 6.36 6.06 -9.93
CA ALA A 7 6.47 4.60 -9.97
C ALA A 7 5.08 3.96 -10.12
N GLN A 8 4.97 2.96 -10.99
CA GLN A 8 3.69 2.26 -11.21
C GLN A 8 3.93 0.77 -11.49
N VAL A 9 3.01 -0.07 -11.02
CA VAL A 9 3.10 -1.52 -11.22
C VAL A 9 1.72 -2.10 -11.54
N LYS A 10 1.69 -3.25 -12.21
CA LYS A 10 0.42 -3.91 -12.57
C LYS A 10 0.62 -5.41 -12.74
N THR A 11 -0.28 -6.19 -12.16
CA THR A 11 -0.22 -7.66 -12.26
C THR A 11 -1.62 -8.27 -12.23
N VAL A 12 -1.79 -9.38 -12.95
CA VAL A 12 -3.09 -10.07 -13.01
C VAL A 12 -3.09 -11.26 -12.04
N ILE A 13 -4.14 -11.35 -11.24
CA ILE A 13 -4.28 -12.45 -10.26
C ILE A 13 -5.65 -13.10 -10.37
N ASN A 14 -5.67 -14.42 -10.41
CA ASN A 14 -6.94 -15.17 -10.50
C ASN A 14 -7.51 -15.39 -9.11
N ALA A 15 -8.44 -14.53 -8.70
CA ALA A 15 -9.06 -14.64 -7.38
C ALA A 15 -10.23 -13.65 -7.25
N PRO A 16 -11.15 -13.90 -6.35
CA PRO A 16 -12.32 -12.98 -6.13
C PRO A 16 -11.89 -11.58 -5.68
N ILE A 17 -12.62 -10.58 -6.13
CA ILE A 17 -12.34 -9.18 -5.80
C ILE A 17 -12.53 -8.92 -4.31
N GLU A 18 -13.48 -9.60 -3.69
CA GLU A 18 -13.76 -9.42 -2.28
C GLU A 18 -12.55 -9.70 -1.42
N LYS A 19 -11.91 -10.85 -1.65
CA LYS A 19 -10.75 -11.25 -0.87
C LYS A 19 -9.56 -10.31 -1.10
N VAL A 20 -9.33 -9.88 -2.33
CA VAL A 20 -8.22 -8.97 -2.62
C VAL A 20 -8.50 -7.63 -1.94
N TRP A 21 -9.72 -7.13 -2.12
CA TRP A 21 -10.13 -5.87 -1.52
C TRP A 21 -10.03 -5.99 0.00
N GLU A 22 -10.48 -7.11 0.54
CA GLU A 22 -10.43 -7.35 1.98
C GLU A 22 -8.99 -7.26 2.48
N ALA A 23 -8.08 -7.94 1.80
CA ALA A 23 -6.67 -7.95 2.19
C ALA A 23 -6.11 -6.53 2.27
N LEU A 24 -6.59 -5.64 1.41
CA LEU A 24 -6.10 -4.27 1.39
C LEU A 24 -6.50 -3.52 2.67
N VAL A 25 -7.74 -3.65 3.09
CA VAL A 25 -8.26 -2.97 4.30
C VAL A 25 -8.66 -3.98 5.38
N ASN A 26 -7.67 -4.49 6.10
CA ASN A 26 -7.94 -5.44 7.18
C ASN A 26 -6.77 -5.43 8.20
N PRO A 27 -7.00 -5.08 9.43
CA PRO A 27 -5.91 -5.05 10.45
C PRO A 27 -5.50 -6.45 10.89
N GLU A 28 -6.22 -7.46 10.43
CA GLU A 28 -5.94 -8.85 10.79
C GLU A 28 -5.04 -9.48 9.73
N ILE A 29 -5.42 -9.40 8.46
CA ILE A 29 -4.62 -9.97 7.38
C ILE A 29 -3.29 -9.23 7.31
N ILE A 30 -3.34 -7.91 7.45
CA ILE A 30 -2.14 -7.08 7.40
C ILE A 30 -1.20 -7.51 8.52
N LYS A 31 -1.76 -7.81 9.69
CA LYS A 31 -0.98 -8.24 10.85
C LYS A 31 -0.34 -9.60 10.58
N GLU A 32 -1.04 -10.48 9.87
CA GLU A 32 -0.52 -11.80 9.56
C GLU A 32 0.80 -11.67 8.79
N TYR A 33 0.88 -10.67 7.92
CA TYR A 33 2.09 -10.44 7.12
C TYR A 33 3.23 -9.97 8.03
N MET A 34 2.90 -9.22 9.07
CA MET A 34 3.91 -8.70 10.01
C MET A 34 4.05 -9.60 11.22
N PHE A 35 5.20 -9.53 11.87
CA PHE A 35 5.47 -10.35 13.05
C PHE A 35 4.51 -10.04 14.19
N GLY A 36 4.22 -8.77 14.43
CA GLY A 36 3.32 -8.39 15.51
C GLY A 36 2.97 -6.90 15.48
N THR A 37 2.72 -6.36 14.29
CA THR A 37 2.39 -4.94 14.16
C THR A 37 0.94 -4.68 14.58
N THR A 38 0.75 -3.70 15.46
CA THR A 38 -0.59 -3.35 15.94
C THR A 38 -1.20 -2.24 15.09
N VAL A 39 -1.95 -2.63 14.06
CA VAL A 39 -2.60 -1.66 13.16
C VAL A 39 -4.07 -1.47 13.54
N VAL A 40 -4.50 -0.22 13.61
CA VAL A 40 -5.89 0.11 13.97
C VAL A 40 -6.47 1.11 12.97
N SER A 41 -7.67 0.81 12.49
CA SER A 41 -8.33 1.70 11.53
C SER A 41 -9.84 1.51 11.56
N ASP A 42 -10.55 2.45 10.93
CA ASP A 42 -12.01 2.41 10.84
C ASP A 42 -12.42 2.10 9.39
N TRP A 43 -11.48 2.32 8.47
CA TRP A 43 -11.71 2.07 7.05
C TRP A 43 -12.89 2.88 6.51
N LYS A 44 -12.85 4.20 6.67
CA LYS A 44 -13.93 5.06 6.17
C LYS A 44 -13.40 6.46 5.84
N GLU A 45 -14.11 7.18 4.97
CA GLU A 45 -13.72 8.53 4.56
C GLU A 45 -13.21 9.38 5.73
N GLY A 46 -11.96 9.82 5.64
CA GLY A 46 -11.34 10.66 6.66
C GLY A 46 -10.85 9.83 7.85
N SER A 47 -10.83 8.52 7.70
CA SER A 47 -10.38 7.66 8.79
C SER A 47 -8.87 7.74 8.99
N GLN A 48 -8.47 7.95 10.24
CA GLN A 48 -7.04 8.03 10.57
C GLN A 48 -6.53 6.63 10.84
N ILE A 49 -5.24 6.40 10.57
CA ILE A 49 -4.64 5.06 10.80
C ILE A 49 -3.20 5.19 11.25
N VAL A 50 -2.76 4.23 12.06
CA VAL A 50 -1.38 4.23 12.56
C VAL A 50 -0.84 2.81 12.66
N TRP A 51 0.48 2.67 12.57
CA TRP A 51 1.15 1.36 12.65
C TRP A 51 2.26 1.39 13.69
N LYS A 52 2.29 0.39 14.56
CA LYS A 52 3.34 0.32 15.60
C LYS A 52 4.51 -0.50 15.08
N GLY A 53 5.73 -0.04 15.39
CA GLY A 53 6.93 -0.75 14.94
C GLY A 53 8.15 -0.31 15.72
N GLU A 54 9.27 -0.98 15.51
CA GLU A 54 10.52 -0.67 16.19
C GLU A 54 11.67 -0.59 15.19
N TRP A 55 12.50 0.45 15.32
CA TRP A 55 13.63 0.66 14.42
C TRP A 55 14.86 1.11 15.20
N LYS A 56 15.91 0.30 15.16
CA LYS A 56 17.15 0.63 15.89
C LYS A 56 16.85 0.92 17.36
N GLY A 57 15.91 0.19 17.93
CA GLY A 57 15.54 0.36 19.34
C GLY A 57 14.67 1.59 19.53
N LYS A 58 14.50 2.35 18.45
CA LYS A 58 13.68 3.57 18.49
C LYS A 58 12.27 3.28 17.97
N ALA A 59 11.30 3.36 18.87
CA ALA A 59 9.90 3.11 18.51
C ALA A 59 9.38 4.24 17.64
N TYR A 60 8.66 3.90 16.57
CA TYR A 60 8.11 4.90 15.66
C TYR A 60 6.72 4.50 15.20
N GLU A 61 5.93 5.51 14.79
CA GLU A 61 4.57 5.27 14.31
C GLU A 61 4.29 6.10 13.06
N ASP A 62 3.71 5.45 12.05
CA ASP A 62 3.37 6.11 10.79
C ASP A 62 2.00 6.74 10.92
N LYS A 63 1.79 7.90 10.29
CA LYS A 63 0.50 8.59 10.38
C LYS A 63 0.00 9.08 9.02
N GLY A 64 -1.24 8.72 8.70
CA GLY A 64 -1.87 9.12 7.44
C GLY A 64 -3.39 9.08 7.58
N THR A 65 -4.10 9.37 6.49
CA THR A 65 -5.57 9.37 6.51
C THR A 65 -6.13 8.91 5.16
N ILE A 66 -7.35 8.39 5.20
CA ILE A 66 -8.00 7.90 3.98
C ILE A 66 -8.50 9.08 3.15
N LEU A 67 -7.93 9.25 1.96
CA LEU A 67 -8.33 10.33 1.06
C LEU A 67 -9.72 10.07 0.51
N GLN A 68 -9.99 8.81 0.15
CA GLN A 68 -11.29 8.43 -0.39
C GLN A 68 -11.56 6.96 -0.07
N PHE A 69 -12.84 6.62 0.12
CA PHE A 69 -13.22 5.23 0.45
C PHE A 69 -14.38 4.76 -0.42
N ASN A 70 -14.07 3.93 -1.41
CA ASN A 70 -15.09 3.37 -2.31
C ASN A 70 -14.99 1.86 -2.30
N GLU A 71 -15.93 1.21 -1.62
CA GLU A 71 -15.96 -0.24 -1.50
C GLU A 71 -15.76 -0.92 -2.85
N ARG A 72 -14.93 -1.96 -2.85
CA ARG A 72 -14.64 -2.76 -4.06
C ARG A 72 -14.57 -1.90 -5.32
N SER A 73 -13.76 -0.86 -5.33
CA SER A 73 -13.66 0.01 -6.51
C SER A 73 -12.37 0.85 -6.50
N ILE A 74 -12.33 1.86 -5.64
CA ILE A 74 -11.15 2.75 -5.56
C ILE A 74 -10.78 3.06 -4.11
N LEU A 75 -9.49 2.91 -3.81
CA LEU A 75 -8.99 3.19 -2.46
C LEU A 75 -7.68 3.96 -2.53
N GLN A 76 -7.63 5.12 -1.85
CA GLN A 76 -6.43 5.96 -1.84
C GLN A 76 -6.26 6.59 -0.45
N TYR A 77 -5.01 6.74 -0.03
CA TYR A 77 -4.74 7.34 1.28
C TYR A 77 -3.41 8.08 1.30
N SER A 78 -3.31 9.04 2.21
CA SER A 78 -2.09 9.82 2.37
C SER A 78 -1.19 9.08 3.34
N HIS A 79 0.13 9.25 3.22
CA HIS A 79 1.06 8.57 4.10
C HIS A 79 2.29 9.40 4.39
N PHE A 80 2.77 9.28 5.61
CA PHE A 80 3.97 10.01 6.06
C PHE A 80 4.81 9.15 7.00
N SER A 81 6.13 9.15 6.77
CA SER A 81 7.06 8.36 7.61
C SER A 81 7.94 9.31 8.45
N PRO A 82 7.90 9.25 9.76
CA PRO A 82 8.74 10.16 10.61
C PRO A 82 10.22 9.79 10.56
N LEU A 83 10.52 8.56 10.12
CA LEU A 83 11.89 8.10 10.04
C LEU A 83 12.70 8.98 9.10
N THR A 84 12.00 9.76 8.28
CA THR A 84 12.67 10.65 7.33
C THR A 84 13.45 11.74 8.06
N GLY A 85 12.96 12.16 9.22
CA GLY A 85 13.62 13.20 10.01
C GLY A 85 13.34 14.58 9.43
N LYS A 86 12.69 14.60 8.27
CA LYS A 86 12.38 15.88 7.61
C LYS A 86 10.98 16.40 8.02
N PRO A 87 10.74 17.68 8.00
CA PRO A 87 9.40 18.23 8.36
C PRO A 87 8.27 17.50 7.62
N ASP A 88 7.13 17.32 8.29
CA ASP A 88 5.98 16.64 7.69
C ASP A 88 5.22 17.55 6.74
N LEU A 89 5.65 17.59 5.48
CA LEU A 89 4.99 18.43 4.45
C LEU A 89 4.66 17.61 3.19
N PRO A 90 3.60 17.91 2.49
CA PRO A 90 3.22 17.16 1.25
C PRO A 90 4.42 16.90 0.31
N GLU A 91 5.36 17.84 0.29
CA GLU A 91 6.54 17.70 -0.57
C GLU A 91 7.42 16.55 -0.09
N ASN A 92 7.49 16.38 1.22
CA ASN A 92 8.31 15.33 1.81
C ASN A 92 7.77 13.92 1.52
N TYR A 93 6.45 13.77 1.57
CA TYR A 93 5.80 12.46 1.34
C TYR A 93 4.89 12.48 0.11
N HIS A 94 4.29 11.33 -0.19
CA HIS A 94 3.40 11.19 -1.35
C HIS A 94 2.12 10.45 -0.98
N VAL A 95 1.15 10.50 -1.90
CA VAL A 95 -0.15 9.85 -1.70
C VAL A 95 -0.24 8.63 -2.60
N VAL A 96 -0.57 7.49 -2.00
CA VAL A 96 -0.69 6.23 -2.74
C VAL A 96 -2.12 6.03 -3.27
N THR A 97 -2.22 5.65 -4.53
CA THR A 97 -3.53 5.41 -5.17
C THR A 97 -3.60 4.01 -5.78
N ILE A 98 -4.56 3.23 -5.31
CA ILE A 98 -4.73 1.85 -5.79
C ILE A 98 -6.11 1.69 -6.42
N THR A 99 -6.14 1.13 -7.64
CA THR A 99 -7.39 0.89 -8.37
C THR A 99 -7.60 -0.60 -8.59
N LEU A 100 -8.67 -1.14 -8.01
CA LEU A 100 -8.99 -2.57 -8.13
C LEU A 100 -10.29 -2.77 -8.91
N THR A 101 -10.20 -3.55 -9.97
CA THR A 101 -11.37 -3.85 -10.81
C THR A 101 -11.39 -5.32 -11.21
N ALA A 102 -12.59 -5.89 -11.27
CA ALA A 102 -12.75 -7.30 -11.64
C ALA A 102 -13.03 -7.43 -13.13
N LEU A 103 -12.21 -8.21 -13.82
CA LEU A 103 -12.34 -8.42 -15.26
C LEU A 103 -12.85 -9.83 -15.55
N LYS A 104 -13.14 -10.11 -16.82
CA LYS A 104 -13.66 -11.40 -17.23
C LYS A 104 -12.68 -12.54 -16.94
N LYS A 105 -11.38 -12.32 -17.19
CA LYS A 105 -10.36 -13.34 -16.96
C LYS A 105 -10.08 -13.50 -15.47
N GLY A 106 -9.97 -12.39 -14.75
CA GLY A 106 -9.70 -12.42 -13.34
C GLY A 106 -9.80 -11.02 -12.72
N VAL A 107 -8.77 -10.65 -11.97
CA VAL A 107 -8.74 -9.33 -11.31
C VAL A 107 -7.44 -8.60 -11.63
N GLU A 108 -7.57 -7.32 -11.98
CA GLU A 108 -6.40 -6.48 -12.28
C GLU A 108 -6.17 -5.49 -11.15
N VAL A 109 -4.92 -5.38 -10.72
CA VAL A 109 -4.55 -4.46 -9.62
C VAL A 109 -3.42 -3.55 -10.08
N GLU A 110 -3.49 -2.28 -9.65
CA GLU A 110 -2.49 -1.28 -10.01
C GLU A 110 -2.16 -0.40 -8.81
N LEU A 111 -0.87 -0.16 -8.61
CA LEU A 111 -0.39 0.68 -7.51
C LEU A 111 0.55 1.75 -8.05
N THR A 112 0.31 2.99 -7.68
CA THR A 112 1.15 4.12 -8.13
C THR A 112 1.72 4.90 -6.96
N GLN A 113 2.94 5.39 -7.13
CA GLN A 113 3.63 6.17 -6.09
C GLN A 113 4.45 7.29 -6.74
N ASP A 114 4.18 8.53 -6.33
CA ASP A 114 4.89 9.69 -6.88
C ASP A 114 6.00 10.21 -5.94
N ASN A 115 6.50 11.40 -6.24
CA ASN A 115 7.55 12.06 -5.47
C ASN A 115 8.85 11.26 -5.38
N ASN A 116 9.24 10.58 -6.47
CA ASN A 116 10.49 9.83 -6.45
C ASN A 116 11.63 10.82 -6.75
N GLU A 117 12.71 10.78 -5.98
CA GLU A 117 13.81 11.71 -6.18
C GLU A 117 14.48 11.53 -7.54
N THR A 118 14.70 10.28 -7.95
CA THR A 118 15.33 10.01 -9.26
C THR A 118 14.85 8.68 -9.82
N GLU A 119 15.28 8.37 -11.04
CA GLU A 119 14.90 7.13 -11.68
C GLU A 119 15.30 5.95 -10.83
N LYS A 120 16.48 6.07 -10.20
CA LYS A 120 16.98 5.02 -9.33
C LYS A 120 16.00 4.76 -8.20
N GLU A 121 15.42 5.83 -7.66
CA GLU A 121 14.44 5.71 -6.57
C GLU A 121 13.15 5.11 -7.11
N GLN A 122 12.74 5.48 -8.31
CA GLN A 122 11.52 4.95 -8.90
C GLN A 122 11.70 3.46 -9.12
N LYS A 123 12.84 3.08 -9.69
CA LYS A 123 13.12 1.69 -9.95
C LYS A 123 13.16 0.94 -8.63
N HIS A 124 13.75 1.57 -7.63
CA HIS A 124 13.86 0.99 -6.30
C HIS A 124 12.46 0.78 -5.73
N SER A 125 11.58 1.74 -5.97
CA SER A 125 10.21 1.66 -5.49
C SER A 125 9.45 0.60 -6.28
N GLU A 126 9.55 0.67 -7.61
CA GLU A 126 8.87 -0.28 -8.49
C GLU A 126 9.28 -1.69 -8.12
N ASP A 127 10.58 -1.91 -7.95
CA ASP A 127 11.09 -3.23 -7.59
C ASP A 127 10.58 -3.61 -6.21
N ASN A 128 10.50 -2.64 -5.31
CA ASN A 128 10.02 -2.88 -3.94
C ASN A 128 8.55 -3.27 -3.98
N TRP A 129 7.73 -2.42 -4.58
CA TRP A 129 6.31 -2.68 -4.67
C TRP A 129 6.08 -3.99 -5.40
N ASN A 130 6.89 -4.28 -6.42
CA ASN A 130 6.75 -5.52 -7.17
C ASN A 130 6.87 -6.69 -6.18
N THR A 131 7.79 -6.56 -5.23
CA THR A 131 7.97 -7.59 -4.22
C THR A 131 6.71 -7.70 -3.38
N MET A 132 6.12 -6.55 -3.05
CA MET A 132 4.90 -6.53 -2.26
C MET A 132 3.78 -7.22 -3.03
N LEU A 133 3.60 -6.83 -4.28
CA LEU A 133 2.58 -7.43 -5.14
C LEU A 133 2.89 -8.92 -5.33
N GLU A 134 4.17 -9.25 -5.47
CA GLU A 134 4.58 -10.62 -5.64
C GLU A 134 4.31 -11.39 -4.36
N GLY A 135 4.60 -10.76 -3.22
CA GLY A 135 4.37 -11.36 -1.92
C GLY A 135 2.88 -11.60 -1.71
N LEU A 136 2.06 -10.64 -2.13
CA LEU A 136 0.60 -10.74 -2.00
C LEU A 136 0.09 -11.84 -2.91
N LYS A 137 0.60 -11.89 -4.14
CA LYS A 137 0.18 -12.88 -5.11
C LYS A 137 0.53 -14.28 -4.62
N LYS A 138 1.74 -14.45 -4.10
CA LYS A 138 2.17 -15.75 -3.60
C LYS A 138 1.29 -16.23 -2.46
N PHE A 139 0.91 -15.31 -1.57
CA PHE A 139 0.06 -15.66 -0.43
C PHE A 139 -1.33 -16.07 -0.91
N LEU A 140 -1.93 -15.24 -1.76
CA LEU A 140 -3.26 -15.52 -2.27
C LEU A 140 -3.25 -16.77 -3.15
N GLU A 141 -2.22 -16.89 -4.00
CA GLU A 141 -2.10 -18.05 -4.89
C GLU A 141 -1.60 -19.26 -4.12
N ASN A 142 -1.38 -19.08 -2.82
CA ASN A 142 -0.90 -20.16 -1.96
C ASN A 142 -1.91 -21.31 -1.93
N LYS A 143 -3.20 -20.98 -1.96
CA LYS A 143 -4.25 -21.97 -1.92
C LYS A 143 -4.15 -22.92 -3.11
N VAL A 144 -3.79 -22.38 -4.28
CA VAL A 144 -3.67 -23.19 -5.48
C VAL A 144 -2.57 -24.24 -5.30
N SER A 145 -1.43 -23.83 -4.75
CA SER A 145 -0.31 -24.74 -4.53
C SER A 145 -0.74 -25.90 -3.64
N ALA A 146 -1.50 -25.59 -2.60
CA ALA A 146 -1.97 -26.60 -1.66
C ALA A 146 -2.87 -27.61 -2.37
N MET A 1 0.32 20.72 -13.05
CA MET A 1 0.44 20.10 -14.39
C MET A 1 1.91 19.71 -14.64
N GLU A 2 2.65 19.48 -13.55
CA GLU A 2 4.06 19.10 -13.66
C GLU A 2 4.57 18.61 -12.30
N ILE A 3 5.12 17.40 -12.29
CA ILE A 3 5.65 16.81 -11.04
C ILE A 3 6.89 15.95 -11.34
N LYS A 4 7.47 15.37 -10.28
CA LYS A 4 8.66 14.53 -10.42
C LYS A 4 8.31 13.17 -11.06
N LEU A 5 9.19 12.19 -10.89
CA LEU A 5 8.98 10.85 -11.45
C LEU A 5 7.90 10.07 -10.67
N ILE A 6 7.08 9.33 -11.40
CA ILE A 6 5.99 8.52 -10.80
C ILE A 6 6.22 7.03 -11.04
N ALA A 7 6.15 6.23 -9.97
CA ALA A 7 6.34 4.78 -10.07
C ALA A 7 5.09 4.11 -10.64
N GLN A 8 5.28 3.04 -11.42
CA GLN A 8 4.15 2.31 -12.02
C GLN A 8 4.36 0.81 -11.93
N VAL A 9 3.38 0.10 -11.38
CA VAL A 9 3.45 -1.37 -11.24
C VAL A 9 2.09 -2.00 -11.54
N LYS A 10 2.11 -3.13 -12.25
CA LYS A 10 0.86 -3.82 -12.59
C LYS A 10 1.10 -5.32 -12.79
N THR A 11 0.23 -6.15 -12.23
CA THR A 11 0.36 -7.61 -12.36
C THR A 11 -1.01 -8.29 -12.41
N VAL A 12 -1.11 -9.36 -13.18
CA VAL A 12 -2.37 -10.11 -13.32
C VAL A 12 -2.44 -11.23 -12.29
N ILE A 13 -3.55 -11.30 -11.57
CA ILE A 13 -3.75 -12.33 -10.54
C ILE A 13 -5.13 -12.97 -10.69
N ASN A 14 -5.16 -14.30 -10.67
CA ASN A 14 -6.44 -15.02 -10.80
C ASN A 14 -7.03 -15.24 -9.41
N ALA A 15 -7.92 -14.35 -9.00
CA ALA A 15 -8.56 -14.47 -7.69
C ALA A 15 -9.67 -13.42 -7.52
N PRO A 16 -10.61 -13.62 -6.63
CA PRO A 16 -11.71 -12.63 -6.39
C PRO A 16 -11.19 -11.26 -5.90
N ILE A 17 -11.88 -10.20 -6.31
CA ILE A 17 -11.51 -8.83 -5.93
C ILE A 17 -11.75 -8.59 -4.44
N GLU A 18 -12.74 -9.28 -3.87
CA GLU A 18 -13.08 -9.11 -2.46
C GLU A 18 -11.94 -9.54 -1.54
N LYS A 19 -11.37 -10.71 -1.79
CA LYS A 19 -10.30 -11.23 -0.95
C LYS A 19 -9.06 -10.33 -0.99
N VAL A 20 -8.64 -9.91 -2.18
CA VAL A 20 -7.48 -9.02 -2.30
C VAL A 20 -7.83 -7.67 -1.69
N TRP A 21 -9.01 -7.15 -2.02
CA TRP A 21 -9.47 -5.89 -1.48
C TRP A 21 -9.46 -5.95 0.04
N GLU A 22 -9.89 -7.07 0.59
CA GLU A 22 -9.92 -7.27 2.03
C GLU A 22 -8.52 -7.12 2.63
N ALA A 23 -7.54 -7.75 1.99
CA ALA A 23 -6.16 -7.69 2.46
C ALA A 23 -5.68 -6.25 2.62
N LEU A 24 -6.15 -5.35 1.76
CA LEU A 24 -5.74 -3.95 1.84
C LEU A 24 -6.33 -3.25 3.05
N VAL A 25 -7.63 -3.41 3.27
CA VAL A 25 -8.33 -2.78 4.39
C VAL A 25 -8.69 -3.81 5.46
N ASN A 26 -7.68 -4.25 6.20
CA ASN A 26 -7.92 -5.21 7.26
C ASN A 26 -6.72 -5.23 8.24
N PRO A 27 -6.91 -4.83 9.47
CA PRO A 27 -5.79 -4.82 10.47
C PRO A 27 -5.38 -6.23 10.90
N GLU A 28 -6.25 -7.21 10.66
CA GLU A 28 -5.96 -8.59 11.04
C GLU A 28 -5.04 -9.24 10.00
N ILE A 29 -5.37 -9.07 8.72
CA ILE A 29 -4.55 -9.63 7.65
C ILE A 29 -3.26 -8.83 7.56
N ILE A 30 -3.36 -7.51 7.67
CA ILE A 30 -2.18 -6.65 7.59
C ILE A 30 -1.20 -7.05 8.70
N LYS A 31 -1.71 -7.34 9.89
CA LYS A 31 -0.88 -7.73 11.01
C LYS A 31 -0.30 -9.13 10.76
N GLU A 32 -1.05 -9.96 10.05
CA GLU A 32 -0.59 -11.31 9.75
C GLU A 32 0.72 -11.27 8.95
N TYR A 33 0.83 -10.28 8.07
CA TYR A 33 2.02 -10.13 7.24
C TYR A 33 3.22 -9.73 8.10
N MET A 34 2.96 -8.95 9.14
CA MET A 34 4.02 -8.47 10.04
C MET A 34 4.11 -9.35 11.29
N PHE A 35 5.23 -9.25 11.99
CA PHE A 35 5.46 -10.04 13.19
C PHE A 35 4.44 -9.70 14.28
N GLY A 36 4.12 -8.42 14.46
CA GLY A 36 3.17 -8.02 15.48
C GLY A 36 2.83 -6.53 15.40
N THR A 37 2.65 -6.01 14.19
CA THR A 37 2.32 -4.60 14.00
C THR A 37 0.91 -4.29 14.50
N THR A 38 0.79 -3.28 15.35
CA THR A 38 -0.52 -2.88 15.89
C THR A 38 -1.15 -1.80 15.04
N VAL A 39 -1.97 -2.20 14.07
CA VAL A 39 -2.66 -1.27 13.16
C VAL A 39 -4.14 -1.18 13.51
N VAL A 40 -4.67 0.03 13.55
CA VAL A 40 -6.09 0.26 13.86
C VAL A 40 -6.75 1.12 12.77
N SER A 41 -7.95 0.75 12.37
CA SER A 41 -8.68 1.50 11.35
C SER A 41 -10.19 1.31 11.49
N ASP A 42 -10.94 2.29 11.00
CA ASP A 42 -12.40 2.26 11.03
C ASP A 42 -12.92 1.69 9.71
N TRP A 43 -12.07 1.74 8.69
CA TRP A 43 -12.38 1.24 7.35
C TRP A 43 -13.38 2.17 6.63
N LYS A 44 -13.16 3.47 6.68
CA LYS A 44 -14.05 4.43 6.02
C LYS A 44 -13.32 5.72 5.64
N GLU A 45 -13.79 6.42 4.62
CA GLU A 45 -13.17 7.66 4.15
C GLU A 45 -12.93 8.65 5.30
N GLY A 46 -11.72 9.20 5.34
CA GLY A 46 -11.33 10.18 6.37
C GLY A 46 -10.80 9.52 7.63
N SER A 47 -10.88 8.19 7.69
CA SER A 47 -10.40 7.48 8.86
C SER A 47 -8.88 7.62 9.04
N GLN A 48 -8.47 7.84 10.27
CA GLN A 48 -7.03 7.97 10.57
C GLN A 48 -6.46 6.59 10.88
N ILE A 49 -5.19 6.39 10.58
CA ILE A 49 -4.54 5.08 10.83
C ILE A 49 -3.14 5.26 11.39
N VAL A 50 -2.73 4.31 12.24
CA VAL A 50 -1.40 4.37 12.84
C VAL A 50 -0.82 2.97 12.98
N TRP A 51 0.48 2.84 12.74
CA TRP A 51 1.17 1.54 12.84
C TRP A 51 2.24 1.59 13.91
N LYS A 52 2.34 0.54 14.71
CA LYS A 52 3.34 0.49 15.78
C LYS A 52 4.53 -0.37 15.34
N GLY A 53 5.73 0.12 15.57
CA GLY A 53 6.93 -0.60 15.19
C GLY A 53 8.14 -0.09 15.95
N GLU A 54 9.28 -0.76 15.78
CA GLU A 54 10.53 -0.39 16.44
C GLU A 54 11.64 -0.22 15.41
N TRP A 55 12.40 0.86 15.54
CA TRP A 55 13.51 1.15 14.61
C TRP A 55 14.72 1.66 15.38
N LYS A 56 15.80 0.89 15.34
CA LYS A 56 17.03 1.25 16.03
C LYS A 56 16.77 1.57 17.50
N GLY A 57 15.86 0.80 18.10
CA GLY A 57 15.51 0.99 19.51
C GLY A 57 14.56 2.17 19.66
N LYS A 58 14.38 2.91 18.58
CA LYS A 58 13.48 4.07 18.60
C LYS A 58 12.12 3.73 18.03
N ALA A 59 11.09 3.81 18.87
CA ALA A 59 9.72 3.51 18.45
C ALA A 59 9.22 4.58 17.48
N TYR A 60 8.70 4.14 16.34
CA TYR A 60 8.18 5.06 15.31
C TYR A 60 6.76 4.68 14.89
N GLU A 61 5.99 5.68 14.49
CA GLU A 61 4.62 5.46 14.05
C GLU A 61 4.33 6.24 12.77
N ASP A 62 3.84 5.54 11.76
CA ASP A 62 3.51 6.15 10.47
C ASP A 62 2.08 6.67 10.53
N LYS A 63 1.85 7.88 10.05
CA LYS A 63 0.50 8.49 10.08
C LYS A 63 -0.02 8.83 8.69
N GLY A 64 -1.24 8.37 8.42
CA GLY A 64 -1.90 8.63 7.14
C GLY A 64 -3.41 8.66 7.32
N THR A 65 -4.13 8.97 6.24
CA THR A 65 -5.60 9.03 6.30
C THR A 65 -6.23 8.55 5.00
N ILE A 66 -7.44 8.02 5.09
CA ILE A 66 -8.15 7.52 3.91
C ILE A 66 -8.65 8.68 3.06
N LEU A 67 -8.10 8.81 1.86
CA LEU A 67 -8.51 9.88 0.96
C LEU A 67 -9.96 9.67 0.50
N GLN A 68 -10.25 8.47 0.01
CA GLN A 68 -11.59 8.13 -0.46
C GLN A 68 -11.83 6.64 -0.26
N PHE A 69 -13.08 6.28 0.00
CA PHE A 69 -13.44 4.88 0.22
C PHE A 69 -14.57 4.44 -0.69
N ASN A 70 -14.23 3.57 -1.65
CA ASN A 70 -15.22 3.04 -2.59
C ASN A 70 -15.18 1.51 -2.57
N GLU A 71 -16.01 0.92 -1.71
CA GLU A 71 -16.09 -0.54 -1.55
C GLU A 71 -15.89 -1.28 -2.88
N ARG A 72 -14.98 -2.25 -2.88
CA ARG A 72 -14.71 -3.06 -4.07
C ARG A 72 -14.66 -2.24 -5.35
N SER A 73 -13.80 -1.22 -5.41
CA SER A 73 -13.71 -0.39 -6.61
C SER A 73 -12.44 0.46 -6.61
N ILE A 74 -12.39 1.47 -5.75
CA ILE A 74 -11.22 2.38 -5.68
C ILE A 74 -10.85 2.70 -4.24
N LEU A 75 -9.56 2.56 -3.93
CA LEU A 75 -9.04 2.85 -2.59
C LEU A 75 -7.78 3.70 -2.67
N GLN A 76 -7.80 4.86 -2.02
CA GLN A 76 -6.62 5.75 -2.01
C GLN A 76 -6.43 6.35 -0.62
N TYR A 77 -5.17 6.49 -0.22
CA TYR A 77 -4.88 7.06 1.10
C TYR A 77 -3.52 7.76 1.14
N SER A 78 -3.39 8.69 2.08
CA SER A 78 -2.14 9.43 2.26
C SER A 78 -1.25 8.63 3.19
N HIS A 79 0.06 8.75 3.05
CA HIS A 79 0.98 8.00 3.91
C HIS A 79 2.26 8.79 4.20
N PHE A 80 2.68 8.70 5.46
CA PHE A 80 3.88 9.39 5.91
C PHE A 80 4.71 8.49 6.82
N SER A 81 5.99 8.33 6.50
CA SER A 81 6.90 7.50 7.31
C SER A 81 8.29 8.17 7.43
N PRO A 82 8.80 8.39 8.61
CA PRO A 82 10.14 9.04 8.78
C PRO A 82 11.28 8.11 8.35
N LEU A 83 11.02 6.81 8.31
CA LEU A 83 12.03 5.83 7.93
C LEU A 83 12.24 5.85 6.41
N THR A 84 11.44 6.65 5.71
CA THR A 84 11.52 6.74 4.26
C THR A 84 12.88 7.31 3.84
N GLY A 85 13.53 8.04 4.74
CA GLY A 85 14.84 8.64 4.46
C GLY A 85 14.80 10.15 4.71
N LYS A 86 13.61 10.73 4.70
CA LYS A 86 13.45 12.16 4.91
C LYS A 86 13.58 12.52 6.40
N PRO A 87 14.11 13.67 6.72
CA PRO A 87 14.26 14.11 8.14
C PRO A 87 12.91 14.41 8.78
N ASP A 88 12.45 15.65 8.62
CA ASP A 88 11.17 16.07 9.19
C ASP A 88 10.48 17.07 8.27
N LEU A 89 9.82 16.59 7.23
CA LEU A 89 9.11 17.46 6.29
C LEU A 89 7.93 16.72 5.61
N PRO A 90 6.71 17.11 5.82
CA PRO A 90 5.53 16.41 5.22
C PRO A 90 5.39 16.70 3.72
N GLU A 91 6.22 17.59 3.20
CA GLU A 91 6.18 17.93 1.77
C GLU A 91 6.93 16.89 0.94
N ASN A 92 7.70 16.04 1.62
CA ASN A 92 8.49 15.00 0.95
C ASN A 92 7.75 13.67 0.85
N TYR A 93 6.45 13.68 1.16
CA TYR A 93 5.62 12.46 1.10
C TYR A 93 4.76 12.40 -0.16
N HIS A 94 4.05 11.30 -0.33
CA HIS A 94 3.17 11.09 -1.51
C HIS A 94 1.89 10.36 -1.12
N VAL A 95 0.89 10.48 -1.98
CA VAL A 95 -0.40 9.83 -1.77
C VAL A 95 -0.54 8.64 -2.72
N VAL A 96 -0.57 7.45 -2.16
CA VAL A 96 -0.69 6.21 -2.95
C VAL A 96 -2.14 5.93 -3.32
N THR A 97 -2.35 5.48 -4.56
CA THR A 97 -3.70 5.15 -5.04
C THR A 97 -3.73 3.76 -5.68
N ILE A 98 -4.69 2.95 -5.24
CA ILE A 98 -4.85 1.58 -5.76
C ILE A 98 -6.16 1.44 -6.49
N THR A 99 -6.10 0.89 -7.71
CA THR A 99 -7.30 0.67 -8.53
C THR A 99 -7.50 -0.81 -8.79
N LEU A 100 -8.62 -1.34 -8.31
CA LEU A 100 -8.93 -2.78 -8.49
C LEU A 100 -10.15 -2.95 -9.39
N THR A 101 -10.00 -3.82 -10.38
CA THR A 101 -11.10 -4.11 -11.32
C THR A 101 -11.24 -5.61 -11.55
N ALA A 102 -12.45 -6.12 -11.38
CA ALA A 102 -12.71 -7.55 -11.57
C ALA A 102 -13.07 -7.84 -13.02
N LEU A 103 -12.18 -8.54 -13.72
CA LEU A 103 -12.39 -8.88 -15.13
C LEU A 103 -12.98 -10.27 -15.26
N LYS A 104 -13.30 -10.67 -16.50
CA LYS A 104 -13.89 -11.97 -16.77
C LYS A 104 -12.96 -13.12 -16.43
N LYS A 105 -11.67 -12.99 -16.74
CA LYS A 105 -10.68 -14.02 -16.47
C LYS A 105 -10.25 -14.00 -15.01
N GLY A 106 -10.07 -12.81 -14.46
CA GLY A 106 -9.66 -12.68 -13.08
C GLY A 106 -9.73 -11.22 -12.63
N VAL A 107 -8.77 -10.83 -11.79
CA VAL A 107 -8.71 -9.44 -11.27
C VAL A 107 -7.33 -8.84 -11.48
N GLU A 108 -7.31 -7.60 -11.98
CA GLU A 108 -6.06 -6.88 -12.22
C GLU A 108 -5.80 -5.92 -11.08
N VAL A 109 -4.52 -5.76 -10.72
CA VAL A 109 -4.13 -4.86 -9.63
C VAL A 109 -3.12 -3.84 -10.13
N GLU A 110 -3.32 -2.58 -9.75
CA GLU A 110 -2.40 -1.50 -10.16
C GLU A 110 -2.19 -0.51 -9.03
N LEU A 111 -0.93 -0.23 -8.74
CA LEU A 111 -0.55 0.71 -7.68
C LEU A 111 0.34 1.80 -8.23
N THR A 112 0.13 3.04 -7.77
CA THR A 112 0.94 4.18 -8.24
C THR A 112 1.43 5.03 -7.08
N GLN A 113 2.64 5.55 -7.23
CA GLN A 113 3.27 6.40 -6.20
C GLN A 113 4.06 7.52 -6.85
N ASP A 114 3.98 8.71 -6.28
CA ASP A 114 4.69 9.89 -6.83
C ASP A 114 5.77 10.40 -5.88
N ASN A 115 6.19 11.65 -6.12
CA ASN A 115 7.22 12.32 -5.32
C ASN A 115 8.55 11.58 -5.28
N ASN A 116 8.94 10.93 -6.37
CA ASN A 116 10.23 10.24 -6.41
C ASN A 116 11.31 11.28 -6.72
N GLU A 117 12.30 11.43 -5.85
CA GLU A 117 13.35 12.43 -6.05
C GLU A 117 14.20 12.10 -7.28
N THR A 118 14.53 10.83 -7.50
CA THR A 118 15.33 10.43 -8.67
C THR A 118 14.90 9.07 -9.19
N GLU A 119 15.44 8.67 -10.35
CA GLU A 119 15.11 7.39 -10.94
C GLU A 119 15.44 6.28 -9.95
N LYS A 120 16.55 6.45 -9.22
CA LYS A 120 16.96 5.46 -8.24
C LYS A 120 15.86 5.30 -7.20
N GLU A 121 15.25 6.40 -6.79
CA GLU A 121 14.17 6.36 -5.80
C GLU A 121 12.93 5.72 -6.40
N GLN A 122 12.63 6.02 -7.66
CA GLN A 122 11.47 5.46 -8.32
C GLN A 122 11.67 3.97 -8.45
N LYS A 123 12.87 3.57 -8.86
CA LYS A 123 13.18 2.17 -9.01
C LYS A 123 13.10 1.49 -7.65
N HIS A 124 13.65 2.14 -6.63
CA HIS A 124 13.65 1.62 -5.28
C HIS A 124 12.20 1.42 -4.83
N SER A 125 11.35 2.37 -5.19
CA SER A 125 9.93 2.29 -4.83
C SER A 125 9.26 1.20 -5.66
N GLU A 126 9.50 1.22 -6.97
CA GLU A 126 8.91 0.24 -7.87
C GLU A 126 9.28 -1.16 -7.41
N ASP A 127 10.56 -1.39 -7.11
CA ASP A 127 11.02 -2.69 -6.65
C ASP A 127 10.39 -3.00 -5.30
N ASN A 128 10.24 -1.98 -4.46
CA ASN A 128 9.65 -2.16 -3.14
C ASN A 128 8.19 -2.58 -3.28
N TRP A 129 7.40 -1.76 -3.97
CA TRP A 129 6.00 -2.06 -4.16
C TRP A 129 5.85 -3.40 -4.85
N ASN A 130 6.72 -3.69 -5.82
CA ASN A 130 6.66 -4.96 -6.52
C ASN A 130 6.71 -6.09 -5.49
N THR A 131 7.57 -5.93 -4.48
CA THR A 131 7.69 -6.92 -3.43
C THR A 131 6.36 -7.00 -2.67
N MET A 132 5.76 -5.85 -2.42
CA MET A 132 4.48 -5.81 -1.72
C MET A 132 3.42 -6.49 -2.57
N LEU A 133 3.33 -6.09 -3.83
CA LEU A 133 2.36 -6.67 -4.75
C LEU A 133 2.63 -8.16 -4.89
N GLU A 134 3.89 -8.53 -4.96
CA GLU A 134 4.27 -9.94 -5.07
C GLU A 134 3.94 -10.62 -3.76
N GLY A 135 4.12 -9.92 -2.65
CA GLY A 135 3.83 -10.47 -1.34
C GLY A 135 2.35 -10.82 -1.24
N LEU A 136 1.49 -9.94 -1.75
CA LEU A 136 0.06 -10.16 -1.73
C LEU A 136 -0.32 -11.33 -2.62
N LYS A 137 0.30 -11.40 -3.80
CA LYS A 137 0.02 -12.48 -4.73
C LYS A 137 0.41 -13.82 -4.12
N LYS A 138 1.50 -13.85 -3.37
CA LYS A 138 1.97 -15.09 -2.74
C LYS A 138 0.91 -15.65 -1.79
N PHE A 139 0.21 -14.77 -1.07
CA PHE A 139 -0.82 -15.20 -0.14
C PHE A 139 -2.09 -15.59 -0.89
N LEU A 140 -2.48 -14.77 -1.86
CA LEU A 140 -3.67 -15.03 -2.65
C LEU A 140 -3.51 -16.31 -3.47
N GLU A 141 -2.34 -16.49 -4.07
CA GLU A 141 -2.07 -17.67 -4.89
C GLU A 141 -1.80 -18.87 -3.99
N ASN A 142 -1.87 -18.67 -2.68
CA ASN A 142 -1.62 -19.74 -1.73
C ASN A 142 -2.67 -20.83 -1.87
N LYS A 143 -3.92 -20.44 -2.11
CA LYS A 143 -4.99 -21.40 -2.25
C LYS A 143 -4.74 -22.34 -3.43
N VAL A 144 -4.56 -21.79 -4.62
CA VAL A 144 -4.31 -22.59 -5.81
C VAL A 144 -2.97 -23.33 -5.69
N SER A 145 -1.96 -22.65 -5.12
CA SER A 145 -0.65 -23.25 -4.95
C SER A 145 -0.73 -24.46 -4.04
N ALA A 146 -1.49 -24.33 -2.95
CA ALA A 146 -1.65 -25.41 -1.99
C ALA A 146 -2.44 -26.56 -2.61
N MET A 1 6.60 23.51 -15.34
CA MET A 1 6.53 22.88 -13.98
C MET A 1 5.73 21.59 -14.08
N GLU A 2 6.21 20.55 -13.40
CA GLU A 2 5.54 19.25 -13.42
C GLU A 2 6.05 18.37 -12.26
N ILE A 3 5.24 17.42 -11.83
CA ILE A 3 5.61 16.52 -10.74
C ILE A 3 6.83 15.67 -11.12
N LYS A 4 7.41 14.98 -10.14
CA LYS A 4 8.58 14.13 -10.37
C LYS A 4 8.17 12.81 -11.02
N LEU A 5 9.05 11.81 -10.94
CA LEU A 5 8.79 10.50 -11.54
C LEU A 5 7.76 9.71 -10.72
N ILE A 6 6.87 9.02 -11.43
CA ILE A 6 5.80 8.21 -10.79
C ILE A 6 6.01 6.71 -11.07
N ALA A 7 5.98 5.91 -10.02
CA ALA A 7 6.15 4.45 -10.16
C ALA A 7 4.87 3.81 -10.66
N GLN A 8 5.01 2.82 -11.54
CA GLN A 8 3.84 2.10 -12.10
C GLN A 8 4.10 0.60 -12.17
N VAL A 9 3.29 -0.18 -11.44
CA VAL A 9 3.43 -1.65 -11.43
C VAL A 9 2.05 -2.31 -11.40
N LYS A 10 1.97 -3.55 -11.86
CA LYS A 10 0.70 -4.28 -11.88
C LYS A 10 0.91 -5.73 -12.33
N THR A 11 0.05 -6.62 -11.84
CA THR A 11 0.14 -8.05 -12.20
C THR A 11 -1.25 -8.68 -12.28
N VAL A 12 -1.41 -9.63 -13.21
CA VAL A 12 -2.68 -10.32 -13.40
C VAL A 12 -2.81 -11.48 -12.43
N ILE A 13 -3.89 -11.48 -11.64
CA ILE A 13 -4.13 -12.55 -10.65
C ILE A 13 -5.54 -13.10 -10.79
N ASN A 14 -5.68 -14.42 -10.81
CA ASN A 14 -6.99 -15.06 -10.93
C ASN A 14 -7.60 -15.25 -9.54
N ALA A 15 -8.45 -14.32 -9.14
CA ALA A 15 -9.10 -14.41 -7.82
C ALA A 15 -10.17 -13.31 -7.65
N PRO A 16 -11.15 -13.50 -6.80
CA PRO A 16 -12.22 -12.46 -6.59
C PRO A 16 -11.65 -11.13 -6.08
N ILE A 17 -12.28 -10.03 -6.47
CA ILE A 17 -11.87 -8.70 -6.05
C ILE A 17 -12.10 -8.48 -4.56
N GLU A 18 -13.06 -9.20 -3.99
CA GLU A 18 -13.39 -9.07 -2.58
C GLU A 18 -12.20 -9.38 -1.69
N LYS A 19 -11.55 -10.52 -1.94
CA LYS A 19 -10.40 -10.94 -1.14
C LYS A 19 -9.22 -9.99 -1.30
N VAL A 20 -8.93 -9.54 -2.52
CA VAL A 20 -7.83 -8.62 -2.74
C VAL A 20 -8.14 -7.29 -2.06
N TRP A 21 -9.34 -6.77 -2.29
CA TRP A 21 -9.78 -5.54 -1.68
C TRP A 21 -9.71 -5.66 -0.17
N GLU A 22 -10.14 -6.79 0.37
CA GLU A 22 -10.11 -7.04 1.80
C GLU A 22 -8.68 -6.92 2.33
N ALA A 23 -7.74 -7.54 1.63
CA ALA A 23 -6.33 -7.51 2.04
C ALA A 23 -5.82 -6.09 2.23
N LEU A 24 -6.29 -5.16 1.40
CA LEU A 24 -5.86 -3.77 1.49
C LEU A 24 -6.33 -3.11 2.80
N VAL A 25 -7.59 -3.30 3.15
CA VAL A 25 -8.18 -2.71 4.36
C VAL A 25 -8.54 -3.79 5.37
N ASN A 26 -7.53 -4.27 6.09
CA ASN A 26 -7.76 -5.30 7.11
C ASN A 26 -6.58 -5.31 8.11
N PRO A 27 -6.80 -4.92 9.34
CA PRO A 27 -5.68 -4.91 10.35
C PRO A 27 -5.28 -6.33 10.79
N GLU A 28 -5.96 -7.33 10.25
CA GLU A 28 -5.65 -8.73 10.59
C GLU A 28 -4.74 -9.34 9.53
N ILE A 29 -5.09 -9.17 8.27
CA ILE A 29 -4.29 -9.70 7.17
C ILE A 29 -2.96 -8.94 7.10
N ILE A 30 -3.03 -7.62 7.25
CA ILE A 30 -1.84 -6.79 7.20
C ILE A 30 -0.91 -7.20 8.34
N LYS A 31 -1.46 -7.45 9.52
CA LYS A 31 -0.68 -7.87 10.68
C LYS A 31 -0.14 -9.28 10.47
N GLU A 32 -0.88 -10.10 9.73
CA GLU A 32 -0.46 -11.48 9.47
C GLU A 32 0.90 -11.47 8.79
N TYR A 33 1.08 -10.59 7.82
CA TYR A 33 2.35 -10.50 7.09
C TYR A 33 3.45 -9.94 8.01
N MET A 34 3.07 -9.06 8.92
CA MET A 34 4.03 -8.45 9.86
C MET A 34 4.17 -9.29 11.12
N PHE A 35 5.35 -9.22 11.76
CA PHE A 35 5.62 -9.98 12.96
C PHE A 35 4.63 -9.63 14.09
N GLY A 36 4.40 -8.35 14.33
CA GLY A 36 3.47 -7.93 15.39
C GLY A 36 3.14 -6.45 15.31
N THR A 37 2.78 -5.97 14.12
CA THR A 37 2.44 -4.56 13.94
C THR A 37 1.00 -4.29 14.36
N THR A 38 0.82 -3.55 15.46
CA THR A 38 -0.52 -3.23 15.95
C THR A 38 -1.14 -2.10 15.13
N VAL A 39 -1.90 -2.48 14.09
CA VAL A 39 -2.57 -1.51 13.22
C VAL A 39 -4.06 -1.42 13.55
N VAL A 40 -4.57 -0.20 13.63
CA VAL A 40 -5.97 0.05 13.94
C VAL A 40 -6.60 0.98 12.90
N SER A 41 -7.82 0.66 12.50
CA SER A 41 -8.54 1.47 11.50
C SER A 41 -10.04 1.32 11.64
N ASP A 42 -10.77 2.31 11.13
CA ASP A 42 -12.24 2.32 11.14
C ASP A 42 -12.75 1.80 9.80
N TRP A 43 -11.92 1.92 8.77
CA TRP A 43 -12.25 1.47 7.42
C TRP A 43 -13.30 2.37 6.76
N LYS A 44 -13.11 3.69 6.83
CA LYS A 44 -14.05 4.64 6.23
C LYS A 44 -13.37 5.97 5.92
N GLU A 45 -13.88 6.69 4.92
CA GLU A 45 -13.31 7.98 4.51
C GLU A 45 -13.08 8.92 5.69
N GLY A 46 -11.89 9.50 5.75
CA GLY A 46 -11.51 10.44 6.81
C GLY A 46 -11.00 9.74 8.05
N SER A 47 -10.85 8.42 7.98
CA SER A 47 -10.36 7.65 9.12
C SER A 47 -8.85 7.79 9.28
N GLN A 48 -8.42 8.02 10.52
CA GLN A 48 -6.99 8.15 10.81
C GLN A 48 -6.38 6.75 10.91
N ILE A 49 -5.13 6.61 10.48
CA ILE A 49 -4.43 5.31 10.53
C ILE A 49 -3.02 5.46 11.09
N VAL A 50 -2.68 4.55 12.00
CA VAL A 50 -1.34 4.56 12.63
C VAL A 50 -0.83 3.13 12.79
N TRP A 51 0.50 3.00 12.75
CA TRP A 51 1.16 1.69 12.87
C TRP A 51 2.23 1.75 13.95
N LYS A 52 2.30 0.72 14.79
CA LYS A 52 3.32 0.67 15.86
C LYS A 52 4.41 -0.30 15.47
N GLY A 53 5.66 0.15 15.58
CA GLY A 53 6.81 -0.70 15.23
C GLY A 53 8.05 -0.26 15.98
N GLU A 54 9.16 -0.95 15.73
CA GLU A 54 10.43 -0.64 16.38
C GLU A 54 11.56 -0.63 15.35
N TRP A 55 12.42 0.39 15.42
CA TRP A 55 13.54 0.53 14.50
C TRP A 55 14.77 1.03 15.24
N LYS A 56 15.87 0.29 15.13
CA LYS A 56 17.12 0.66 15.79
C LYS A 56 16.89 0.93 17.28
N GLY A 57 16.00 0.15 17.88
CA GLY A 57 15.69 0.31 19.30
C GLY A 57 14.83 1.54 19.54
N LYS A 58 14.62 2.32 18.48
CA LYS A 58 13.82 3.55 18.58
C LYS A 58 12.41 3.29 18.10
N ALA A 59 11.42 3.41 19.00
CA ALA A 59 10.03 3.20 18.65
C ALA A 59 9.53 4.34 17.77
N TYR A 60 8.84 4.00 16.69
CA TYR A 60 8.31 5.02 15.76
C TYR A 60 6.88 4.69 15.35
N GLU A 61 6.13 5.72 14.99
CA GLU A 61 4.73 5.54 14.56
C GLU A 61 4.44 6.39 13.33
N ASP A 62 3.80 5.79 12.34
CA ASP A 62 3.43 6.46 11.09
C ASP A 62 2.05 7.08 11.24
N LYS A 63 1.66 7.94 10.32
CA LYS A 63 0.34 8.58 10.41
C LYS A 63 -0.16 9.09 9.05
N GLY A 64 -1.42 8.80 8.76
CA GLY A 64 -2.05 9.23 7.51
C GLY A 64 -3.57 9.19 7.64
N THR A 65 -4.26 9.45 6.53
CA THR A 65 -5.73 9.43 6.54
C THR A 65 -6.29 8.95 5.21
N ILE A 66 -7.51 8.43 5.25
CA ILE A 66 -8.16 7.93 4.03
C ILE A 66 -8.65 9.09 3.17
N LEU A 67 -8.13 9.17 1.95
CA LEU A 67 -8.52 10.24 1.02
C LEU A 67 -9.91 9.94 0.42
N GLN A 68 -10.07 8.71 -0.08
CA GLN A 68 -11.33 8.27 -0.68
C GLN A 68 -11.63 6.84 -0.29
N PHE A 69 -12.91 6.49 -0.22
CA PHE A 69 -13.30 5.13 0.16
C PHE A 69 -14.57 4.69 -0.57
N ASN A 70 -14.41 3.91 -1.63
CA ASN A 70 -15.54 3.41 -2.41
C ASN A 70 -15.46 1.89 -2.49
N GLU A 71 -16.32 1.20 -1.75
CA GLU A 71 -16.35 -0.25 -1.72
C GLU A 71 -16.07 -0.88 -3.09
N ARG A 72 -15.19 -1.87 -3.11
CA ARG A 72 -14.83 -2.60 -4.33
C ARG A 72 -14.76 -1.69 -5.56
N SER A 73 -14.00 -0.61 -5.49
CA SER A 73 -13.90 0.33 -6.63
C SER A 73 -12.56 1.07 -6.63
N ILE A 74 -12.33 1.93 -5.65
CA ILE A 74 -11.08 2.70 -5.59
C ILE A 74 -10.69 3.03 -4.16
N LEU A 75 -9.40 2.91 -3.86
CA LEU A 75 -8.89 3.22 -2.52
C LEU A 75 -7.70 4.16 -2.62
N GLN A 76 -7.79 5.32 -1.98
CA GLN A 76 -6.71 6.32 -1.99
C GLN A 76 -6.46 6.83 -0.57
N TYR A 77 -5.19 6.95 -0.20
CA TYR A 77 -4.85 7.45 1.14
C TYR A 77 -3.54 8.23 1.15
N SER A 78 -3.40 9.09 2.15
CA SER A 78 -2.19 9.90 2.33
C SER A 78 -1.36 9.25 3.41
N HIS A 79 -0.04 9.43 3.35
CA HIS A 79 0.85 8.83 4.35
C HIS A 79 2.14 9.61 4.52
N PHE A 80 2.71 9.50 5.72
CA PHE A 80 3.96 10.20 6.04
C PHE A 80 4.83 9.32 6.94
N SER A 81 6.11 9.23 6.60
CA SER A 81 7.07 8.43 7.38
C SER A 81 8.00 9.35 8.20
N PRO A 82 7.97 9.29 9.51
CA PRO A 82 8.86 10.17 10.34
C PRO A 82 10.32 9.74 10.28
N LEU A 83 10.56 8.50 9.86
CA LEU A 83 11.92 7.98 9.79
C LEU A 83 12.73 8.78 8.78
N THR A 84 12.08 9.68 8.06
CA THR A 84 12.75 10.50 7.07
C THR A 84 13.74 11.45 7.72
N GLY A 85 13.45 11.89 8.94
CA GLY A 85 14.32 12.81 9.67
C GLY A 85 14.33 14.18 9.01
N LYS A 86 13.37 14.42 8.11
CA LYS A 86 13.27 15.70 7.41
C LYS A 86 12.35 16.68 8.16
N PRO A 87 12.59 17.96 8.06
CA PRO A 87 11.73 18.98 8.74
C PRO A 87 10.32 19.03 8.12
N ASP A 88 9.47 19.91 8.64
CA ASP A 88 8.10 20.06 8.16
C ASP A 88 8.05 20.29 6.66
N LEU A 89 8.01 19.21 5.89
CA LEU A 89 7.93 19.30 4.41
C LEU A 89 6.85 18.34 3.89
N PRO A 90 5.64 18.78 3.78
CA PRO A 90 4.51 17.93 3.26
C PRO A 90 4.82 17.30 1.91
N GLU A 91 5.56 18.02 1.07
CA GLU A 91 5.91 17.53 -0.26
C GLU A 91 6.89 16.36 -0.15
N ASN A 92 7.29 16.05 1.08
CA ASN A 92 8.24 14.97 1.32
C ASN A 92 7.62 13.59 1.03
N TYR A 93 6.34 13.43 1.36
CA TYR A 93 5.64 12.14 1.16
C TYR A 93 4.79 12.15 -0.11
N HIS A 94 4.17 11.01 -0.40
CA HIS A 94 3.32 10.86 -1.60
C HIS A 94 1.99 10.21 -1.24
N VAL A 95 1.02 10.39 -2.14
CA VAL A 95 -0.31 9.82 -1.96
C VAL A 95 -0.47 8.59 -2.84
N VAL A 96 -0.63 7.43 -2.21
CA VAL A 96 -0.79 6.16 -2.93
C VAL A 96 -2.24 5.93 -3.30
N THR A 97 -2.45 5.49 -4.54
CA THR A 97 -3.80 5.21 -5.05
C THR A 97 -3.88 3.79 -5.62
N ILE A 98 -4.81 3.01 -5.06
CA ILE A 98 -5.00 1.62 -5.49
C ILE A 98 -6.28 1.49 -6.32
N THR A 99 -6.15 0.89 -7.50
CA THR A 99 -7.30 0.69 -8.41
C THR A 99 -7.55 -0.79 -8.62
N LEU A 100 -8.78 -1.22 -8.37
CA LEU A 100 -9.16 -2.64 -8.53
C LEU A 100 -10.42 -2.78 -9.40
N THR A 101 -10.29 -3.58 -10.45
CA THR A 101 -11.42 -3.82 -11.37
C THR A 101 -11.62 -5.32 -11.58
N ALA A 102 -12.86 -5.76 -11.42
CA ALA A 102 -13.18 -7.18 -11.60
C ALA A 102 -13.61 -7.45 -13.05
N LEU A 103 -12.74 -8.11 -13.80
CA LEU A 103 -13.02 -8.43 -15.21
C LEU A 103 -13.57 -9.85 -15.33
N LYS A 104 -14.00 -10.22 -16.54
CA LYS A 104 -14.57 -11.52 -16.81
C LYS A 104 -13.57 -12.65 -16.54
N LYS A 105 -12.30 -12.47 -16.90
CA LYS A 105 -11.27 -13.48 -16.72
C LYS A 105 -10.81 -13.52 -15.26
N GLY A 106 -10.64 -12.35 -14.65
CA GLY A 106 -10.20 -12.28 -13.26
C GLY A 106 -10.24 -10.84 -12.76
N VAL A 107 -9.25 -10.48 -11.95
CA VAL A 107 -9.15 -9.13 -11.38
C VAL A 107 -7.77 -8.52 -11.60
N GLU A 108 -7.76 -7.27 -12.04
CA GLU A 108 -6.50 -6.55 -12.28
C GLU A 108 -6.19 -5.64 -11.10
N VAL A 109 -4.90 -5.51 -10.78
CA VAL A 109 -4.45 -4.67 -9.66
C VAL A 109 -3.32 -3.76 -10.10
N GLU A 110 -3.34 -2.53 -9.60
CA GLU A 110 -2.31 -1.54 -9.95
C GLU A 110 -2.03 -0.61 -8.77
N LEU A 111 -0.76 -0.39 -8.50
CA LEU A 111 -0.32 0.48 -7.40
C LEU A 111 0.54 1.60 -7.94
N THR A 112 0.20 2.84 -7.58
CA THR A 112 0.95 4.03 -8.04
C THR A 112 1.53 4.80 -6.87
N GLN A 113 2.74 5.31 -7.06
CA GLN A 113 3.44 6.10 -6.04
C GLN A 113 4.23 7.23 -6.67
N ASP A 114 3.99 8.45 -6.22
CA ASP A 114 4.66 9.64 -6.76
C ASP A 114 5.79 10.15 -5.84
N ASN A 115 6.29 11.33 -6.16
CA ASN A 115 7.37 11.98 -5.41
C ASN A 115 8.68 11.20 -5.39
N ASN A 116 9.03 10.56 -6.51
CA ASN A 116 10.30 9.82 -6.57
C ASN A 116 11.40 10.83 -6.88
N GLU A 117 12.40 10.94 -6.02
CA GLU A 117 13.48 11.90 -6.22
C GLU A 117 14.28 11.61 -7.49
N THR A 118 14.58 10.34 -7.75
CA THR A 118 15.34 9.96 -8.94
C THR A 118 14.86 8.62 -9.50
N GLU A 119 15.36 8.25 -10.67
CA GLU A 119 14.98 6.99 -11.29
C GLU A 119 15.36 5.84 -10.38
N LYS A 120 16.53 5.96 -9.74
CA LYS A 120 17.00 4.93 -8.82
C LYS A 120 15.98 4.72 -7.71
N GLU A 121 15.39 5.80 -7.21
CA GLU A 121 14.39 5.72 -6.16
C GLU A 121 13.10 5.12 -6.71
N GLN A 122 12.73 5.46 -7.93
CA GLN A 122 11.53 4.92 -8.54
C GLN A 122 11.68 3.43 -8.70
N LYS A 123 12.83 3.02 -9.25
CA LYS A 123 13.11 1.60 -9.45
C LYS A 123 13.10 0.91 -8.10
N HIS A 124 13.69 1.54 -7.09
CA HIS A 124 13.74 1.01 -5.75
C HIS A 124 12.32 0.79 -5.24
N SER A 125 11.44 1.72 -5.57
CA SER A 125 10.04 1.63 -5.18
C SER A 125 9.34 0.52 -5.95
N GLU A 126 9.46 0.57 -7.28
CA GLU A 126 8.85 -0.44 -8.13
C GLU A 126 9.33 -1.82 -7.73
N ASP A 127 10.63 -1.97 -7.54
CA ASP A 127 11.20 -3.26 -7.14
C ASP A 127 10.65 -3.66 -5.77
N ASN A 128 10.48 -2.69 -4.89
CA ASN A 128 9.95 -2.95 -3.55
C ASN A 128 8.49 -3.35 -3.64
N TRP A 129 7.69 -2.52 -4.29
CA TRP A 129 6.28 -2.80 -4.45
C TRP A 129 6.10 -4.09 -5.21
N ASN A 130 6.93 -4.34 -6.20
CA ASN A 130 6.83 -5.57 -6.98
C ASN A 130 6.98 -6.75 -6.03
N THR A 131 7.88 -6.62 -5.06
CA THR A 131 8.09 -7.67 -4.08
C THR A 131 6.81 -7.86 -3.28
N MET A 132 6.14 -6.77 -2.98
CA MET A 132 4.89 -6.82 -2.23
C MET A 132 3.82 -7.49 -3.08
N LEU A 133 3.66 -7.02 -4.31
CA LEU A 133 2.67 -7.58 -5.23
C LEU A 133 3.01 -9.06 -5.48
N GLU A 134 4.29 -9.36 -5.65
CA GLU A 134 4.72 -10.73 -5.88
C GLU A 134 4.53 -11.52 -4.60
N GLY A 135 4.88 -10.93 -3.47
CA GLY A 135 4.72 -11.57 -2.17
C GLY A 135 3.25 -11.86 -1.91
N LEU A 136 2.39 -10.94 -2.32
CA LEU A 136 0.95 -11.09 -2.14
C LEU A 136 0.44 -12.25 -2.99
N LYS A 137 0.94 -12.34 -4.21
CA LYS A 137 0.52 -13.41 -5.12
C LYS A 137 0.85 -14.76 -4.52
N LYS A 138 1.98 -14.88 -3.82
CA LYS A 138 2.39 -16.12 -3.21
C LYS A 138 1.36 -16.59 -2.17
N PHE A 139 0.81 -15.65 -1.42
CA PHE A 139 -0.18 -15.98 -0.39
C PHE A 139 -1.52 -16.35 -1.03
N LEU A 140 -2.00 -15.50 -1.94
CA LEU A 140 -3.27 -15.74 -2.61
C LEU A 140 -3.20 -17.01 -3.47
N GLU A 141 -2.09 -17.19 -4.18
CA GLU A 141 -1.91 -18.37 -5.04
C GLU A 141 -1.59 -19.60 -4.18
N ASN A 142 -1.49 -19.40 -2.87
CA ASN A 142 -1.17 -20.49 -1.95
C ASN A 142 -2.22 -21.58 -2.02
N LYS A 143 -3.49 -21.17 -2.15
CA LYS A 143 -4.59 -22.12 -2.22
C LYS A 143 -4.39 -23.10 -3.37
N VAL A 144 -3.90 -22.62 -4.51
CA VAL A 144 -3.67 -23.48 -5.66
C VAL A 144 -2.61 -24.53 -5.34
N SER A 145 -1.50 -24.12 -4.73
CA SER A 145 -0.42 -25.03 -4.38
C SER A 145 -0.91 -26.06 -3.37
N ALA A 146 -1.69 -25.62 -2.39
CA ALA A 146 -2.23 -26.50 -1.37
C ALA A 146 -3.14 -27.55 -1.99
N MET A 1 9.28 21.42 -13.95
CA MET A 1 8.27 21.05 -14.98
C MET A 1 7.60 19.73 -14.58
N GLU A 2 6.30 19.78 -14.35
CA GLU A 2 5.54 18.57 -13.96
C GLU A 2 6.12 17.98 -12.68
N ILE A 3 5.30 17.30 -11.89
CA ILE A 3 5.76 16.70 -10.64
C ILE A 3 6.91 15.74 -10.90
N LYS A 4 7.41 15.10 -9.85
CA LYS A 4 8.53 14.17 -9.97
C LYS A 4 8.09 12.85 -10.63
N LEU A 5 8.93 11.83 -10.59
CA LEU A 5 8.63 10.54 -11.19
C LEU A 5 7.61 9.76 -10.35
N ILE A 6 6.68 9.10 -11.03
CA ILE A 6 5.62 8.31 -10.37
C ILE A 6 5.81 6.82 -10.64
N ALA A 7 5.81 6.01 -9.58
CA ALA A 7 5.97 4.56 -9.72
C ALA A 7 4.72 3.92 -10.32
N GLN A 8 4.90 2.89 -11.13
CA GLN A 8 3.77 2.19 -11.77
C GLN A 8 3.97 0.68 -11.75
N VAL A 9 3.02 -0.04 -11.17
CA VAL A 9 3.09 -1.51 -11.09
C VAL A 9 1.70 -2.12 -11.31
N LYS A 10 1.65 -3.34 -11.82
CA LYS A 10 0.38 -4.03 -12.05
C LYS A 10 0.60 -5.51 -12.34
N THR A 11 -0.31 -6.35 -11.86
CA THR A 11 -0.23 -7.80 -12.06
C THR A 11 -1.62 -8.43 -12.16
N VAL A 12 -1.72 -9.47 -12.98
CA VAL A 12 -3.01 -10.19 -13.19
C VAL A 12 -2.98 -11.55 -12.51
N ILE A 13 -4.04 -11.86 -11.76
CA ILE A 13 -4.12 -13.15 -11.06
C ILE A 13 -5.55 -13.69 -11.09
N ASN A 14 -5.71 -15.00 -11.05
CA ASN A 14 -7.03 -15.63 -11.05
C ASN A 14 -7.53 -15.74 -9.61
N ALA A 15 -8.33 -14.77 -9.18
CA ALA A 15 -8.88 -14.78 -7.81
C ALA A 15 -10.00 -13.72 -7.67
N PRO A 16 -10.97 -13.96 -6.82
CA PRO A 16 -12.08 -12.97 -6.62
C PRO A 16 -11.59 -11.64 -6.04
N ILE A 17 -12.27 -10.56 -6.42
CA ILE A 17 -11.93 -9.22 -5.96
C ILE A 17 -12.24 -9.05 -4.47
N GLU A 18 -13.23 -9.77 -3.98
CA GLU A 18 -13.63 -9.68 -2.57
C GLU A 18 -12.45 -9.95 -1.64
N LYS A 19 -11.79 -11.08 -1.83
CA LYS A 19 -10.66 -11.47 -0.99
C LYS A 19 -9.46 -10.55 -1.18
N VAL A 20 -9.17 -10.14 -2.42
CA VAL A 20 -8.04 -9.25 -2.66
C VAL A 20 -8.33 -7.89 -2.03
N TRP A 21 -9.52 -7.36 -2.29
CA TRP A 21 -9.95 -6.08 -1.73
C TRP A 21 -9.85 -6.14 -0.22
N GLU A 22 -10.27 -7.26 0.36
CA GLU A 22 -10.23 -7.46 1.80
C GLU A 22 -8.79 -7.33 2.31
N ALA A 23 -7.85 -7.97 1.62
CA ALA A 23 -6.45 -7.93 2.01
C ALA A 23 -5.91 -6.50 2.03
N LEU A 24 -6.46 -5.64 1.19
CA LEU A 24 -6.00 -4.26 1.12
C LEU A 24 -6.34 -3.49 2.40
N VAL A 25 -7.55 -3.65 2.92
CA VAL A 25 -8.00 -2.95 4.15
C VAL A 25 -8.35 -3.95 5.26
N ASN A 26 -7.32 -4.46 5.92
CA ASN A 26 -7.53 -5.41 7.03
C ASN A 26 -6.32 -5.41 7.98
N PRO A 27 -6.47 -5.02 9.22
CA PRO A 27 -5.32 -4.99 10.18
C PRO A 27 -4.90 -6.40 10.63
N GLU A 28 -5.66 -7.41 10.21
CA GLU A 28 -5.35 -8.80 10.57
C GLU A 28 -4.51 -9.46 9.47
N ILE A 29 -4.92 -9.28 8.23
CA ILE A 29 -4.18 -9.85 7.09
C ILE A 29 -2.88 -9.08 6.89
N ILE A 30 -2.96 -7.76 7.01
CA ILE A 30 -1.78 -6.91 6.84
C ILE A 30 -0.75 -7.28 7.90
N LYS A 31 -1.20 -7.51 9.13
CA LYS A 31 -0.31 -7.88 10.22
C LYS A 31 0.31 -9.24 9.95
N GLU A 32 -0.41 -10.10 9.23
CA GLU A 32 0.09 -11.44 8.92
C GLU A 32 1.46 -11.33 8.23
N TYR A 33 1.58 -10.40 7.29
CA TYR A 33 2.84 -10.21 6.58
C TYR A 33 3.90 -9.62 7.51
N MET A 34 3.48 -8.78 8.45
CA MET A 34 4.39 -8.14 9.39
C MET A 34 4.63 -9.04 10.60
N PHE A 35 5.81 -8.88 11.21
CA PHE A 35 6.19 -9.68 12.37
C PHE A 35 5.24 -9.47 13.55
N GLY A 36 4.85 -8.22 13.80
CA GLY A 36 3.94 -7.94 14.92
C GLY A 36 3.53 -6.47 14.95
N THR A 37 3.14 -5.93 13.81
CA THR A 37 2.71 -4.52 13.73
C THR A 37 1.23 -4.38 14.07
N THR A 38 0.92 -3.52 15.02
CA THR A 38 -0.47 -3.30 15.44
C THR A 38 -1.12 -2.21 14.58
N VAL A 39 -1.84 -2.64 13.55
CA VAL A 39 -2.52 -1.71 12.63
C VAL A 39 -3.95 -1.47 13.09
N VAL A 40 -4.33 -0.20 13.24
CA VAL A 40 -5.69 0.17 13.66
C VAL A 40 -6.30 1.16 12.69
N SER A 41 -7.48 0.83 12.18
CA SER A 41 -8.18 1.71 11.23
C SER A 41 -9.67 1.41 11.18
N ASP A 42 -10.46 2.42 10.83
CA ASP A 42 -11.91 2.28 10.71
C ASP A 42 -12.26 2.04 9.25
N TRP A 43 -11.29 2.26 8.37
CA TRP A 43 -11.47 2.07 6.93
C TRP A 43 -12.66 2.87 6.39
N LYS A 44 -12.60 4.19 6.50
CA LYS A 44 -13.68 5.05 6.00
C LYS A 44 -13.17 6.47 5.74
N GLU A 45 -13.88 7.19 4.88
CA GLU A 45 -13.50 8.56 4.52
C GLU A 45 -13.45 9.49 5.75
N GLY A 46 -12.27 10.01 6.04
CA GLY A 46 -12.06 10.93 7.17
C GLY A 46 -11.40 10.25 8.36
N SER A 47 -11.35 8.93 8.34
CA SER A 47 -10.74 8.19 9.47
C SER A 47 -9.22 8.26 9.40
N GLN A 48 -8.62 8.45 10.57
CA GLN A 48 -7.16 8.53 10.67
C GLN A 48 -6.62 7.14 10.98
N ILE A 49 -5.35 6.90 10.67
CA ILE A 49 -4.73 5.59 10.93
C ILE A 49 -3.27 5.75 11.34
N VAL A 50 -2.81 4.81 12.16
CA VAL A 50 -1.43 4.83 12.63
C VAL A 50 -0.87 3.42 12.73
N TRP A 51 0.45 3.30 12.63
CA TRP A 51 1.12 2.00 12.71
C TRP A 51 2.22 2.04 13.76
N LYS A 52 2.04 1.30 14.85
CA LYS A 52 3.03 1.24 15.92
C LYS A 52 4.01 0.12 15.66
N GLY A 53 5.30 0.39 15.87
CA GLY A 53 6.33 -0.62 15.66
C GLY A 53 7.64 -0.22 16.32
N GLU A 54 8.70 -0.97 16.04
CA GLU A 54 10.03 -0.70 16.60
C GLU A 54 11.06 -0.59 15.48
N TRP A 55 11.88 0.46 15.55
CA TRP A 55 12.92 0.71 14.54
C TRP A 55 14.21 1.16 15.22
N LYS A 56 15.26 0.37 15.07
CA LYS A 56 16.56 0.68 15.66
C LYS A 56 16.41 0.93 17.17
N GLY A 57 15.56 0.14 17.82
CA GLY A 57 15.34 0.28 19.25
C GLY A 57 14.48 1.50 19.57
N LYS A 58 14.24 2.31 18.54
CA LYS A 58 13.42 3.53 18.70
C LYS A 58 12.01 3.30 18.18
N ALA A 59 11.02 3.42 19.06
CA ALA A 59 9.63 3.23 18.68
C ALA A 59 9.18 4.36 17.75
N TYR A 60 8.58 4.00 16.63
CA TYR A 60 8.11 5.00 15.65
C TYR A 60 6.64 4.76 15.30
N GLU A 61 5.96 5.83 14.93
CA GLU A 61 4.53 5.74 14.56
C GLU A 61 4.27 6.56 13.29
N ASP A 62 3.61 5.92 12.33
CA ASP A 62 3.27 6.55 11.05
C ASP A 62 1.95 7.31 11.21
N LYS A 63 1.61 8.13 10.22
CA LYS A 63 0.36 8.90 10.31
C LYS A 63 -0.19 9.30 8.94
N GLY A 64 -1.44 8.95 8.70
CA GLY A 64 -2.11 9.26 7.43
C GLY A 64 -3.62 9.30 7.62
N THR A 65 -4.35 9.61 6.55
CA THR A 65 -5.82 9.69 6.63
C THR A 65 -6.46 9.23 5.33
N ILE A 66 -7.70 8.75 5.43
CA ILE A 66 -8.42 8.26 4.25
C ILE A 66 -8.93 9.44 3.43
N LEU A 67 -8.40 9.59 2.22
CA LEU A 67 -8.81 10.68 1.34
C LEU A 67 -10.15 10.35 0.69
N GLN A 68 -10.30 9.11 0.22
CA GLN A 68 -11.54 8.66 -0.40
C GLN A 68 -11.71 7.15 -0.18
N PHE A 69 -12.95 6.70 -0.10
CA PHE A 69 -13.23 5.27 0.12
C PHE A 69 -14.40 4.79 -0.74
N ASN A 70 -14.09 3.92 -1.71
CA ASN A 70 -15.12 3.36 -2.61
C ASN A 70 -15.03 1.84 -2.58
N GLU A 71 -15.97 1.22 -1.87
CA GLU A 71 -16.02 -0.23 -1.74
C GLU A 71 -15.83 -0.95 -3.07
N ARG A 72 -14.92 -1.91 -3.10
CA ARG A 72 -14.64 -2.70 -4.29
C ARG A 72 -14.58 -1.85 -5.57
N SER A 73 -13.74 -0.83 -5.59
CA SER A 73 -13.63 0.02 -6.77
C SER A 73 -12.40 0.93 -6.72
N ILE A 74 -12.42 1.92 -5.84
CA ILE A 74 -11.30 2.87 -5.71
C ILE A 74 -10.93 3.11 -4.24
N LEU A 75 -9.64 3.01 -3.95
CA LEU A 75 -9.14 3.23 -2.58
C LEU A 75 -7.81 3.99 -2.63
N GLN A 76 -7.78 5.15 -1.99
CA GLN A 76 -6.57 5.98 -1.95
C GLN A 76 -6.42 6.61 -0.57
N TYR A 77 -5.17 6.78 -0.14
CA TYR A 77 -4.92 7.39 1.18
C TYR A 77 -3.57 8.12 1.22
N SER A 78 -3.47 9.04 2.17
CA SER A 78 -2.25 9.81 2.36
C SER A 78 -1.28 8.98 3.19
N HIS A 79 0.02 9.13 2.98
CA HIS A 79 1.01 8.35 3.73
C HIS A 79 2.25 9.17 4.07
N PHE A 80 2.67 9.06 5.32
CA PHE A 80 3.85 9.77 5.81
C PHE A 80 4.60 8.93 6.83
N SER A 81 5.92 8.85 6.66
CA SER A 81 6.77 8.07 7.58
C SER A 81 8.12 8.79 7.82
N PRO A 82 8.56 8.95 9.04
CA PRO A 82 9.86 9.64 9.30
C PRO A 82 11.07 8.79 8.90
N LEU A 83 10.88 7.48 8.79
CA LEU A 83 11.97 6.59 8.41
C LEU A 83 12.46 6.92 6.99
N THR A 84 11.83 7.91 6.36
CA THR A 84 12.22 8.31 5.02
C THR A 84 13.60 8.95 5.01
N GLY A 85 14.09 9.35 6.19
CA GLY A 85 15.41 9.97 6.30
C GLY A 85 15.36 11.44 5.89
N LYS A 86 14.14 11.97 5.78
CA LYS A 86 13.95 13.37 5.38
C LYS A 86 12.76 14.00 6.11
N PRO A 87 12.91 14.44 7.32
CA PRO A 87 11.78 15.07 8.07
C PRO A 87 11.45 16.47 7.54
N ASP A 88 11.84 16.75 6.30
CA ASP A 88 11.60 18.03 5.66
C ASP A 88 10.10 18.34 5.59
N LEU A 89 9.78 19.50 5.02
CA LEU A 89 8.40 19.96 4.88
C LEU A 89 7.47 18.80 4.43
N PRO A 90 6.22 18.81 4.81
CA PRO A 90 5.28 17.72 4.39
C PRO A 90 5.35 17.42 2.90
N GLU A 91 5.52 18.45 2.09
CA GLU A 91 5.57 18.27 0.63
C GLU A 91 6.51 17.11 0.26
N ASN A 92 7.35 16.73 1.20
CA ASN A 92 8.30 15.64 0.99
C ASN A 92 7.62 14.26 0.92
N TYR A 93 6.32 14.22 1.20
CA TYR A 93 5.56 12.94 1.18
C TYR A 93 4.76 12.78 -0.12
N HIS A 94 4.09 11.64 -0.26
CA HIS A 94 3.28 11.34 -1.45
C HIS A 94 1.99 10.62 -1.08
N VAL A 95 1.03 10.66 -2.01
CA VAL A 95 -0.26 10.00 -1.82
C VAL A 95 -0.35 8.76 -2.68
N VAL A 96 -0.75 7.65 -2.07
CA VAL A 96 -0.85 6.37 -2.78
C VAL A 96 -2.28 6.17 -3.29
N THR A 97 -2.40 5.79 -4.56
CA THR A 97 -3.70 5.55 -5.19
C THR A 97 -3.76 4.15 -5.79
N ILE A 98 -4.73 3.36 -5.31
CA ILE A 98 -4.90 1.98 -5.78
C ILE A 98 -6.29 1.79 -6.39
N THR A 99 -6.34 1.17 -7.56
CA THR A 99 -7.60 0.90 -8.26
C THR A 99 -7.70 -0.57 -8.65
N LEU A 100 -8.70 -1.26 -8.12
CA LEU A 100 -8.90 -2.70 -8.43
C LEU A 100 -10.09 -2.87 -9.38
N THR A 101 -9.89 -3.72 -10.38
CA THR A 101 -10.93 -4.01 -11.38
C THR A 101 -11.10 -5.52 -11.54
N ALA A 102 -12.35 -5.96 -11.50
CA ALA A 102 -12.65 -7.40 -11.65
C ALA A 102 -13.00 -7.71 -13.11
N LEU A 103 -12.10 -8.40 -13.79
CA LEU A 103 -12.29 -8.76 -15.20
C LEU A 103 -12.85 -10.18 -15.31
N LYS A 104 -13.33 -10.54 -16.50
CA LYS A 104 -13.91 -11.85 -16.74
C LYS A 104 -12.91 -12.98 -16.48
N LYS A 105 -11.66 -12.82 -16.86
CA LYS A 105 -10.62 -13.83 -16.66
C LYS A 105 -10.17 -13.87 -15.20
N GLY A 106 -10.05 -12.70 -14.58
CA GLY A 106 -9.62 -12.63 -13.19
C GLY A 106 -9.71 -11.21 -12.66
N VAL A 107 -8.71 -10.80 -11.88
CA VAL A 107 -8.68 -9.46 -11.29
C VAL A 107 -7.31 -8.81 -11.48
N GLU A 108 -7.31 -7.53 -11.81
CA GLU A 108 -6.07 -6.75 -12.00
C GLU A 108 -5.99 -5.65 -10.95
N VAL A 109 -4.77 -5.39 -10.49
CA VAL A 109 -4.51 -4.36 -9.47
C VAL A 109 -3.42 -3.41 -9.94
N GLU A 110 -3.45 -2.19 -9.43
CA GLU A 110 -2.47 -1.17 -9.79
C GLU A 110 -2.15 -0.28 -8.60
N LEU A 111 -0.87 -0.02 -8.38
CA LEU A 111 -0.40 0.82 -7.28
C LEU A 111 0.60 1.85 -7.80
N THR A 112 0.59 3.04 -7.20
CA THR A 112 1.52 4.11 -7.61
C THR A 112 2.01 4.91 -6.42
N GLN A 113 3.21 5.46 -6.57
CA GLN A 113 3.83 6.27 -5.50
C GLN A 113 4.58 7.45 -6.12
N ASP A 114 4.08 8.66 -5.87
CA ASP A 114 4.69 9.88 -6.41
C ASP A 114 5.82 10.41 -5.52
N ASN A 115 6.28 11.61 -5.83
CA ASN A 115 7.36 12.29 -5.10
C ASN A 115 8.66 11.49 -5.07
N ASN A 116 9.02 10.83 -6.17
CA ASN A 116 10.27 10.07 -6.20
C ASN A 116 11.40 11.06 -6.53
N GLU A 117 12.39 11.18 -5.65
CA GLU A 117 13.48 12.13 -5.87
C GLU A 117 14.29 11.80 -7.12
N THR A 118 14.49 10.51 -7.39
CA THR A 118 15.25 10.09 -8.57
C THR A 118 14.77 8.74 -9.08
N GLU A 119 15.22 8.36 -10.27
CA GLU A 119 14.82 7.09 -10.87
C GLU A 119 15.20 5.95 -9.92
N LYS A 120 16.35 6.10 -9.27
CA LYS A 120 16.82 5.09 -8.33
C LYS A 120 15.77 4.88 -7.24
N GLU A 121 15.16 5.96 -6.77
CA GLU A 121 14.14 5.89 -5.73
C GLU A 121 12.87 5.27 -6.29
N GLN A 122 12.52 5.60 -7.53
CA GLN A 122 11.33 5.04 -8.16
C GLN A 122 11.52 3.55 -8.33
N LYS A 123 12.70 3.15 -8.80
CA LYS A 123 13.01 1.75 -8.99
C LYS A 123 13.00 1.05 -7.65
N HIS A 124 13.55 1.72 -6.63
CA HIS A 124 13.60 1.19 -5.28
C HIS A 124 12.18 0.96 -4.79
N SER A 125 11.29 1.89 -5.08
CA SER A 125 9.90 1.79 -4.67
C SER A 125 9.19 0.76 -5.53
N GLU A 126 9.37 0.85 -6.84
CA GLU A 126 8.75 -0.08 -7.78
C GLU A 126 9.13 -1.50 -7.41
N ASP A 127 10.43 -1.75 -7.23
CA ASP A 127 10.91 -3.07 -6.86
C ASP A 127 10.34 -3.47 -5.50
N ASN A 128 10.23 -2.50 -4.59
CA ASN A 128 9.69 -2.78 -3.26
C ASN A 128 8.23 -3.17 -3.36
N TRP A 129 7.44 -2.34 -4.04
CA TRP A 129 6.03 -2.64 -4.20
C TRP A 129 5.86 -3.96 -4.93
N ASN A 130 6.68 -4.21 -5.94
CA ASN A 130 6.60 -5.46 -6.69
C ASN A 130 6.78 -6.62 -5.72
N THR A 131 7.69 -6.45 -4.76
CA THR A 131 7.94 -7.47 -3.76
C THR A 131 6.69 -7.64 -2.91
N MET A 132 6.06 -6.53 -2.54
CA MET A 132 4.84 -6.58 -1.75
C MET A 132 3.74 -7.27 -2.54
N LEU A 133 3.53 -6.83 -3.78
CA LEU A 133 2.52 -7.42 -4.64
C LEU A 133 2.86 -8.89 -4.87
N GLU A 134 4.15 -9.18 -5.06
CA GLU A 134 4.59 -10.55 -5.28
C GLU A 134 4.26 -11.37 -4.04
N GLY A 135 4.54 -10.82 -2.86
CA GLY A 135 4.26 -11.50 -1.61
C GLY A 135 2.76 -11.62 -1.40
N LEU A 136 2.02 -10.62 -1.87
CA LEU A 136 0.56 -10.62 -1.73
C LEU A 136 -0.05 -11.73 -2.58
N LYS A 137 0.30 -11.76 -3.85
CA LYS A 137 -0.21 -12.77 -4.77
C LYS A 137 0.22 -14.16 -4.32
N LYS A 138 1.44 -14.28 -3.79
CA LYS A 138 1.94 -15.57 -3.33
C LYS A 138 1.05 -16.13 -2.22
N PHE A 139 0.55 -15.27 -1.35
CA PHE A 139 -0.31 -15.71 -0.26
C PHE A 139 -1.60 -16.31 -0.80
N LEU A 140 -2.25 -15.60 -1.72
CA LEU A 140 -3.49 -16.08 -2.31
C LEU A 140 -3.24 -17.32 -3.18
N GLU A 141 -2.13 -17.32 -3.91
CA GLU A 141 -1.78 -18.45 -4.77
C GLU A 141 -1.38 -19.64 -3.92
N ASN A 142 -1.38 -19.48 -2.60
CA ASN A 142 -1.02 -20.54 -1.68
C ASN A 142 -2.05 -21.67 -1.74
N LYS A 143 -3.33 -21.31 -1.89
CA LYS A 143 -4.40 -22.29 -1.94
C LYS A 143 -4.24 -23.23 -3.14
N VAL A 144 -4.12 -22.67 -4.33
CA VAL A 144 -3.96 -23.48 -5.55
C VAL A 144 -2.63 -24.21 -5.51
N SER A 145 -1.58 -23.56 -5.01
CA SER A 145 -0.26 -24.16 -4.94
C SER A 145 -0.30 -25.42 -4.08
N ALA A 146 -1.03 -25.35 -2.97
CA ALA A 146 -1.15 -26.48 -2.05
C ALA A 146 -1.88 -27.64 -2.73
N MET A 1 8.33 17.85 -14.94
CA MET A 1 8.63 19.24 -14.51
C MET A 1 7.69 19.64 -13.38
N GLU A 2 6.39 19.47 -13.62
CA GLU A 2 5.38 19.82 -12.62
C GLU A 2 5.49 18.90 -11.41
N ILE A 3 5.75 17.62 -11.64
CA ILE A 3 5.89 16.62 -10.58
C ILE A 3 7.08 15.69 -10.84
N LYS A 4 7.47 14.95 -9.81
CA LYS A 4 8.60 14.02 -9.91
C LYS A 4 8.16 12.72 -10.58
N LEU A 5 9.06 11.73 -10.60
CA LEU A 5 8.78 10.43 -11.22
C LEU A 5 7.76 9.63 -10.40
N ILE A 6 6.88 8.93 -11.12
CA ILE A 6 5.83 8.12 -10.50
C ILE A 6 6.06 6.63 -10.79
N ALA A 7 6.00 5.80 -9.75
CA ALA A 7 6.18 4.35 -9.91
C ALA A 7 4.94 3.72 -10.55
N GLN A 8 5.16 2.73 -11.40
CA GLN A 8 4.05 2.04 -12.09
C GLN A 8 4.25 0.52 -12.08
N VAL A 9 3.36 -0.19 -11.40
CA VAL A 9 3.44 -1.66 -11.31
C VAL A 9 2.04 -2.28 -11.40
N LYS A 10 1.91 -3.35 -12.17
CA LYS A 10 0.61 -4.03 -12.32
C LYS A 10 0.81 -5.50 -12.70
N THR A 11 -0.07 -6.36 -12.19
CA THR A 11 0.00 -7.80 -12.49
C THR A 11 -1.39 -8.43 -12.53
N VAL A 12 -1.58 -9.38 -13.43
CA VAL A 12 -2.88 -10.07 -13.57
C VAL A 12 -2.98 -11.23 -12.59
N ILE A 13 -4.04 -11.24 -11.79
CA ILE A 13 -4.26 -12.31 -10.80
C ILE A 13 -5.66 -12.88 -10.92
N ASN A 14 -5.76 -14.20 -10.92
CA ASN A 14 -7.07 -14.87 -11.01
C ASN A 14 -7.63 -15.10 -9.62
N ALA A 15 -8.48 -14.19 -9.17
CA ALA A 15 -9.09 -14.32 -7.86
C ALA A 15 -10.14 -13.22 -7.62
N PRO A 16 -11.09 -13.42 -6.74
CA PRO A 16 -12.14 -12.39 -6.45
C PRO A 16 -11.55 -11.06 -5.94
N ILE A 17 -12.20 -9.96 -6.28
CA ILE A 17 -11.75 -8.62 -5.86
C ILE A 17 -11.93 -8.43 -4.36
N GLU A 18 -12.88 -9.14 -3.77
CA GLU A 18 -13.15 -9.01 -2.33
C GLU A 18 -11.96 -9.42 -1.48
N LYS A 19 -11.37 -10.57 -1.81
CA LYS A 19 -10.25 -11.09 -1.04
C LYS A 19 -9.04 -10.16 -1.11
N VAL A 20 -8.68 -9.67 -2.29
CA VAL A 20 -7.54 -8.76 -2.43
C VAL A 20 -7.92 -7.43 -1.79
N TRP A 21 -9.11 -6.93 -2.10
CA TRP A 21 -9.60 -5.68 -1.55
C TRP A 21 -9.55 -5.75 -0.03
N GLU A 22 -10.11 -6.82 0.54
CA GLU A 22 -10.13 -7.02 1.97
C GLU A 22 -8.70 -7.08 2.52
N ALA A 23 -7.85 -7.84 1.83
CA ALA A 23 -6.47 -8.00 2.26
C ALA A 23 -5.74 -6.66 2.38
N LEU A 24 -6.26 -5.64 1.71
CA LEU A 24 -5.63 -4.31 1.74
C LEU A 24 -6.10 -3.51 2.96
N VAL A 25 -7.39 -3.58 3.27
CA VAL A 25 -7.95 -2.84 4.40
C VAL A 25 -8.31 -3.78 5.53
N ASN A 26 -7.29 -4.24 6.27
CA ASN A 26 -7.53 -5.13 7.40
C ASN A 26 -6.32 -5.11 8.37
N PRO A 27 -6.52 -4.83 9.62
CA PRO A 27 -5.40 -4.77 10.61
C PRO A 27 -4.93 -6.18 11.00
N GLU A 28 -5.69 -7.20 10.64
CA GLU A 28 -5.34 -8.59 10.98
C GLU A 28 -4.50 -9.21 9.85
N ILE A 29 -4.94 -9.05 8.61
CA ILE A 29 -4.22 -9.58 7.47
C ILE A 29 -2.94 -8.78 7.28
N ILE A 30 -3.05 -7.47 7.41
CA ILE A 30 -1.89 -6.60 7.26
C ILE A 30 -0.84 -6.96 8.29
N LYS A 31 -1.27 -7.22 9.52
CA LYS A 31 -0.36 -7.60 10.58
C LYS A 31 0.30 -8.94 10.26
N GLU A 32 -0.41 -9.81 9.56
CA GLU A 32 0.13 -11.12 9.21
C GLU A 32 1.31 -10.94 8.26
N TYR A 33 1.16 -10.09 7.25
CA TYR A 33 2.23 -9.84 6.28
C TYR A 33 3.35 -9.02 6.92
N MET A 34 2.98 -8.13 7.83
CA MET A 34 3.96 -7.27 8.50
C MET A 34 4.41 -7.87 9.83
N PHE A 35 4.98 -9.06 9.76
CA PHE A 35 5.48 -9.78 10.94
C PHE A 35 4.56 -9.60 12.16
N GLY A 36 4.74 -8.50 12.89
CA GLY A 36 3.92 -8.24 14.07
C GLY A 36 3.67 -6.74 14.28
N THR A 37 3.27 -6.05 13.23
CA THR A 37 2.99 -4.60 13.31
C THR A 37 1.51 -4.35 13.59
N THR A 38 1.23 -3.73 14.73
CA THR A 38 -0.14 -3.43 15.12
C THR A 38 -0.62 -2.14 14.46
N VAL A 39 -1.73 -2.22 13.75
CA VAL A 39 -2.31 -1.06 13.06
C VAL A 39 -3.81 -0.95 13.34
N VAL A 40 -4.31 0.28 13.44
CA VAL A 40 -5.73 0.54 13.71
C VAL A 40 -6.35 1.36 12.57
N SER A 41 -7.48 0.89 12.07
CA SER A 41 -8.17 1.60 10.97
C SER A 41 -9.67 1.34 11.01
N ASP A 42 -10.46 2.41 10.92
CA ASP A 42 -11.91 2.32 10.91
C ASP A 42 -12.39 1.82 9.55
N TRP A 43 -11.52 1.95 8.55
CA TRP A 43 -11.80 1.52 7.18
C TRP A 43 -12.88 2.39 6.54
N LYS A 44 -12.78 3.71 6.69
CA LYS A 44 -13.76 4.64 6.10
C LYS A 44 -13.11 5.97 5.71
N GLU A 45 -13.73 6.68 4.77
CA GLU A 45 -13.21 7.96 4.29
C GLU A 45 -12.83 8.90 5.44
N GLY A 46 -11.60 9.41 5.40
CA GLY A 46 -11.11 10.34 6.40
C GLY A 46 -10.64 9.63 7.66
N SER A 47 -10.70 8.30 7.66
CA SER A 47 -10.27 7.53 8.82
C SER A 47 -8.78 7.69 9.08
N GLN A 48 -8.45 7.95 10.34
CA GLN A 48 -7.05 8.09 10.74
C GLN A 48 -6.45 6.71 10.98
N ILE A 49 -5.19 6.53 10.62
CA ILE A 49 -4.51 5.24 10.80
C ILE A 49 -3.13 5.42 11.41
N VAL A 50 -2.82 4.57 12.39
CA VAL A 50 -1.51 4.62 13.06
C VAL A 50 -0.86 3.23 13.07
N TRP A 51 0.46 3.22 12.90
CA TRP A 51 1.23 1.96 12.89
C TRP A 51 2.21 1.94 14.04
N LYS A 52 2.12 0.92 14.90
CA LYS A 52 3.04 0.80 16.04
C LYS A 52 4.18 -0.14 15.68
N GLY A 53 5.40 0.34 15.86
CA GLY A 53 6.58 -0.47 15.56
C GLY A 53 7.80 0.03 16.31
N GLU A 54 8.93 -0.66 16.13
CA GLU A 54 10.18 -0.29 16.80
C GLU A 54 11.30 -0.18 15.78
N TRP A 55 12.12 0.85 15.90
CA TRP A 55 13.25 1.08 14.98
C TRP A 55 14.49 1.54 15.74
N LYS A 56 15.54 0.74 15.69
CA LYS A 56 16.78 1.05 16.38
C LYS A 56 16.53 1.34 17.85
N GLY A 57 15.62 0.56 18.45
CA GLY A 57 15.29 0.71 19.86
C GLY A 57 14.41 1.94 20.06
N LYS A 58 14.24 2.73 19.00
CA LYS A 58 13.41 3.94 19.08
C LYS A 58 12.02 3.68 18.52
N ALA A 59 11.00 3.79 19.36
CA ALA A 59 9.63 3.58 18.94
C ALA A 59 9.21 4.66 17.95
N TYR A 60 8.67 4.24 16.81
CA TYR A 60 8.23 5.19 15.78
C TYR A 60 6.81 4.87 15.31
N GLU A 61 6.09 5.91 14.89
CA GLU A 61 4.71 5.74 14.40
C GLU A 61 4.50 6.54 13.13
N ASP A 62 3.92 5.90 12.13
CA ASP A 62 3.64 6.54 10.84
C ASP A 62 2.24 7.17 10.89
N LYS A 63 1.95 8.09 9.98
CA LYS A 63 0.63 8.75 9.99
C LYS A 63 0.08 8.98 8.58
N GLY A 64 -1.15 8.50 8.38
CA GLY A 64 -1.82 8.65 7.09
C GLY A 64 -3.33 8.70 7.28
N THR A 65 -4.06 9.02 6.21
CA THR A 65 -5.53 9.11 6.28
C THR A 65 -6.17 8.68 4.97
N ILE A 66 -7.41 8.20 5.06
CA ILE A 66 -8.14 7.75 3.87
C ILE A 66 -8.68 8.95 3.11
N LEU A 67 -8.21 9.13 1.88
CA LEU A 67 -8.66 10.24 1.04
C LEU A 67 -10.05 9.94 0.48
N GLN A 68 -10.24 8.72 0.00
CA GLN A 68 -11.53 8.29 -0.58
C GLN A 68 -11.76 6.82 -0.25
N PHE A 69 -13.02 6.44 -0.10
CA PHE A 69 -13.36 5.05 0.22
C PHE A 69 -14.56 4.57 -0.60
N ASN A 70 -14.27 3.73 -1.59
CA ASN A 70 -15.32 3.17 -2.47
C ASN A 70 -15.22 1.66 -2.46
N GLU A 71 -16.17 1.01 -1.79
CA GLU A 71 -16.21 -0.45 -1.68
C GLU A 71 -15.96 -1.13 -3.02
N ARG A 72 -15.09 -2.14 -2.99
CA ARG A 72 -14.76 -2.94 -4.18
C ARG A 72 -14.69 -2.09 -5.46
N SER A 73 -13.91 -1.01 -5.44
CA SER A 73 -13.81 -0.16 -6.62
C SER A 73 -12.51 0.65 -6.61
N ILE A 74 -12.40 1.62 -5.71
CA ILE A 74 -11.21 2.47 -5.63
C ILE A 74 -10.84 2.80 -4.20
N LEU A 75 -9.55 2.68 -3.89
CA LEU A 75 -9.04 2.98 -2.55
C LEU A 75 -7.81 3.90 -2.62
N GLN A 76 -7.91 5.08 -2.02
CA GLN A 76 -6.79 6.03 -2.00
C GLN A 76 -6.58 6.59 -0.61
N TYR A 77 -5.33 6.71 -0.20
CA TYR A 77 -5.02 7.23 1.14
C TYR A 77 -3.67 7.94 1.18
N SER A 78 -3.56 8.88 2.11
CA SER A 78 -2.32 9.63 2.29
C SER A 78 -1.39 8.82 3.19
N HIS A 79 -0.08 8.98 3.04
CA HIS A 79 0.85 8.23 3.86
C HIS A 79 2.15 8.98 4.10
N PHE A 80 2.60 8.92 5.35
CA PHE A 80 3.84 9.60 5.74
C PHE A 80 4.53 8.85 6.89
N SER A 81 5.85 8.95 6.94
CA SER A 81 6.64 8.28 8.00
C SER A 81 7.84 9.16 8.40
N PRO A 82 8.16 9.25 9.67
CA PRO A 82 9.31 10.08 10.14
C PRO A 82 10.66 9.48 9.73
N LEU A 83 10.67 8.19 9.44
CA LEU A 83 11.91 7.50 9.05
C LEU A 83 12.50 8.16 7.82
N THR A 84 11.78 9.11 7.23
CA THR A 84 12.24 9.81 6.04
C THR A 84 13.47 10.66 6.37
N GLY A 85 13.69 10.95 7.64
CA GLY A 85 14.83 11.76 8.07
C GLY A 85 14.58 13.23 7.78
N LYS A 86 13.31 13.59 7.66
CA LYS A 86 12.95 14.99 7.38
C LYS A 86 11.65 15.39 8.10
N PRO A 87 11.49 16.64 8.45
CA PRO A 87 10.25 17.12 9.13
C PRO A 87 9.01 16.99 8.22
N ASP A 88 7.84 16.85 8.82
CA ASP A 88 6.59 16.71 8.07
C ASP A 88 6.43 17.79 7.02
N LEU A 89 6.63 17.45 5.75
CA LEU A 89 6.49 18.41 4.65
C LEU A 89 5.77 17.77 3.45
N PRO A 90 5.07 18.54 2.66
CA PRO A 90 4.32 18.01 1.47
C PRO A 90 5.26 17.44 0.40
N GLU A 91 6.51 17.88 0.40
CA GLU A 91 7.50 17.40 -0.57
C GLU A 91 8.21 16.16 -0.04
N ASN A 92 7.99 15.85 1.22
CA ASN A 92 8.63 14.69 1.87
C ASN A 92 7.70 13.48 1.95
N TYR A 93 6.56 13.53 1.25
CA TYR A 93 5.62 12.41 1.27
C TYR A 93 4.82 12.32 -0.02
N HIS A 94 4.07 11.23 -0.18
CA HIS A 94 3.24 11.02 -1.37
C HIS A 94 1.94 10.29 -1.02
N VAL A 95 0.97 10.40 -1.92
CA VAL A 95 -0.34 9.77 -1.75
C VAL A 95 -0.44 8.54 -2.65
N VAL A 96 -0.81 7.41 -2.06
CA VAL A 96 -0.94 6.16 -2.82
C VAL A 96 -2.37 5.92 -3.26
N THR A 97 -2.54 5.57 -4.53
CA THR A 97 -3.88 5.30 -5.09
C THR A 97 -3.95 3.90 -5.68
N ILE A 98 -4.88 3.10 -5.17
CA ILE A 98 -5.07 1.71 -5.63
C ILE A 98 -6.33 1.59 -6.47
N THR A 99 -6.21 0.96 -7.63
CA THR A 99 -7.36 0.76 -8.53
C THR A 99 -7.62 -0.73 -8.73
N LEU A 100 -8.77 -1.20 -8.24
CA LEU A 100 -9.14 -2.62 -8.37
C LEU A 100 -10.47 -2.77 -9.09
N THR A 101 -10.45 -3.52 -10.18
CA THR A 101 -11.66 -3.76 -10.98
C THR A 101 -11.82 -5.25 -11.28
N ALA A 102 -13.02 -5.76 -11.05
CA ALA A 102 -13.31 -7.18 -11.30
C ALA A 102 -13.67 -7.40 -12.75
N LEU A 103 -12.93 -8.28 -13.42
CA LEU A 103 -13.17 -8.59 -14.83
C LEU A 103 -14.10 -9.80 -14.97
N LYS A 104 -13.98 -10.52 -16.08
CA LYS A 104 -14.83 -11.69 -16.35
C LYS A 104 -14.38 -12.92 -15.56
N LYS A 105 -13.10 -13.25 -15.58
CA LYS A 105 -12.55 -14.41 -14.87
C LYS A 105 -11.24 -14.02 -14.19
N GLY A 106 -11.15 -12.79 -13.69
CA GLY A 106 -9.95 -12.32 -13.02
C GLY A 106 -10.10 -10.89 -12.56
N VAL A 107 -9.15 -10.43 -11.74
CA VAL A 107 -9.17 -9.05 -11.23
C VAL A 107 -7.86 -8.32 -11.50
N GLU A 108 -7.96 -7.10 -12.00
CA GLU A 108 -6.78 -6.29 -12.30
C GLU A 108 -6.37 -5.49 -11.07
N VAL A 109 -5.06 -5.40 -10.83
CA VAL A 109 -4.55 -4.66 -9.67
C VAL A 109 -3.39 -3.76 -10.10
N GLU A 110 -3.36 -2.55 -9.56
CA GLU A 110 -2.31 -1.58 -9.89
C GLU A 110 -2.06 -0.65 -8.72
N LEU A 111 -0.79 -0.41 -8.44
CA LEU A 111 -0.37 0.48 -7.34
C LEU A 111 0.48 1.61 -7.89
N THR A 112 0.17 2.83 -7.49
CA THR A 112 0.93 4.02 -7.94
C THR A 112 1.48 4.82 -6.75
N GLN A 113 2.68 5.36 -6.94
CA GLN A 113 3.33 6.17 -5.90
C GLN A 113 4.15 7.28 -6.55
N ASP A 114 4.04 8.49 -6.00
CA ASP A 114 4.76 9.66 -6.53
C ASP A 114 5.86 10.14 -5.60
N ASN A 115 6.34 11.35 -5.85
CA ASN A 115 7.41 11.99 -5.07
C ASN A 115 8.72 11.22 -5.06
N ASN A 116 9.08 10.59 -6.18
CA ASN A 116 10.35 9.87 -6.26
C ASN A 116 11.44 10.88 -6.58
N GLU A 117 12.36 11.13 -5.64
CA GLU A 117 13.42 12.11 -5.85
C GLU A 117 14.33 11.71 -7.02
N THR A 118 14.58 10.42 -7.20
CA THR A 118 15.44 9.95 -8.30
C THR A 118 14.94 8.63 -8.87
N GLU A 119 15.42 8.26 -10.04
CA GLU A 119 15.02 7.01 -10.68
C GLU A 119 15.35 5.85 -9.76
N LYS A 120 16.47 5.98 -9.04
CA LYS A 120 16.90 4.95 -8.11
C LYS A 120 15.82 4.72 -7.07
N GLU A 121 15.20 5.79 -6.59
CA GLU A 121 14.15 5.70 -5.58
C GLU A 121 12.92 5.05 -6.20
N GLN A 122 12.57 5.43 -7.43
CA GLN A 122 11.42 4.86 -8.10
C GLN A 122 11.65 3.38 -8.31
N LYS A 123 12.84 3.04 -8.81
CA LYS A 123 13.19 1.65 -9.05
C LYS A 123 13.12 0.90 -7.73
N HIS A 124 13.63 1.51 -6.67
CA HIS A 124 13.63 0.92 -5.35
C HIS A 124 12.19 0.74 -4.88
N SER A 125 11.34 1.70 -5.22
CA SER A 125 9.94 1.64 -4.84
C SER A 125 9.26 0.51 -5.60
N GLU A 126 9.37 0.54 -6.92
CA GLU A 126 8.78 -0.48 -7.77
C GLU A 126 9.20 -1.87 -7.29
N ASP A 127 10.48 -2.02 -6.98
CA ASP A 127 11.01 -3.29 -6.50
C ASP A 127 10.35 -3.65 -5.17
N ASN A 128 10.14 -2.66 -4.32
CA ASN A 128 9.51 -2.88 -3.02
C ASN A 128 8.06 -3.27 -3.21
N TRP A 129 7.32 -2.48 -3.97
CA TRP A 129 5.91 -2.78 -4.22
C TRP A 129 5.80 -4.10 -4.97
N ASN A 130 6.66 -4.31 -5.97
CA ASN A 130 6.62 -5.54 -6.73
C ASN A 130 6.81 -6.72 -5.77
N THR A 131 7.70 -6.54 -4.80
CA THR A 131 7.96 -7.57 -3.82
C THR A 131 6.70 -7.79 -3.00
N MET A 132 6.02 -6.70 -2.66
CA MET A 132 4.79 -6.79 -1.88
C MET A 132 3.73 -7.49 -2.72
N LEU A 133 3.55 -7.03 -3.95
CA LEU A 133 2.57 -7.62 -4.86
C LEU A 133 2.96 -9.07 -5.13
N GLU A 134 4.25 -9.33 -5.30
CA GLU A 134 4.73 -10.67 -5.55
C GLU A 134 4.48 -11.52 -4.31
N GLY A 135 4.78 -10.96 -3.14
CA GLY A 135 4.57 -11.66 -1.88
C GLY A 135 3.07 -11.86 -1.63
N LEU A 136 2.28 -10.86 -2.00
CA LEU A 136 0.84 -10.91 -1.83
C LEU A 136 0.22 -11.91 -2.80
N LYS A 137 0.66 -11.86 -4.05
CA LYS A 137 0.14 -12.75 -5.08
C LYS A 137 0.43 -14.20 -4.71
N LYS A 138 1.64 -14.48 -4.25
CA LYS A 138 2.01 -15.83 -3.87
C LYS A 138 1.12 -16.37 -2.77
N PHE A 139 0.71 -15.49 -1.84
CA PHE A 139 -0.15 -15.90 -0.74
C PHE A 139 -1.48 -16.42 -1.27
N LEU A 140 -2.09 -15.65 -2.17
CA LEU A 140 -3.38 -16.02 -2.76
C LEU A 140 -3.22 -17.28 -3.63
N GLU A 141 -2.10 -17.38 -4.33
CA GLU A 141 -1.85 -18.52 -5.20
C GLU A 141 -1.54 -19.75 -4.36
N ASN A 142 -1.54 -19.59 -3.04
CA ASN A 142 -1.26 -20.68 -2.13
C ASN A 142 -2.31 -21.78 -2.28
N LYS A 143 -3.55 -21.40 -2.51
CA LYS A 143 -4.63 -22.36 -2.65
C LYS A 143 -4.39 -23.30 -3.83
N VAL A 144 -4.16 -22.74 -5.01
CA VAL A 144 -3.89 -23.54 -6.20
C VAL A 144 -2.57 -24.27 -6.09
N SER A 145 -1.61 -23.67 -5.38
CA SER A 145 -0.30 -24.28 -5.20
C SER A 145 -0.43 -25.63 -4.51
N ALA A 146 -1.26 -25.69 -3.47
CA ALA A 146 -1.47 -26.92 -2.74
C ALA A 146 -2.07 -27.99 -3.64
N MET A 1 1.82 21.49 -12.80
CA MET A 1 1.57 20.89 -14.15
C MET A 1 2.71 19.95 -14.52
N GLU A 2 3.54 19.63 -13.54
CA GLU A 2 4.67 18.73 -13.76
C GLU A 2 5.20 18.20 -12.42
N ILE A 3 5.70 16.97 -12.41
CA ILE A 3 6.22 16.35 -11.19
C ILE A 3 7.43 15.48 -11.49
N LYS A 4 7.99 14.85 -10.46
CA LYS A 4 9.15 13.99 -10.62
C LYS A 4 8.75 12.64 -11.25
N LEU A 5 9.53 11.60 -10.97
CA LEU A 5 9.27 10.26 -11.52
C LEU A 5 8.16 9.54 -10.74
N ILE A 6 7.32 8.81 -11.47
CA ILE A 6 6.19 8.07 -10.86
C ILE A 6 6.34 6.56 -11.09
N ALA A 7 6.25 5.77 -10.03
CA ALA A 7 6.36 4.32 -10.13
C ALA A 7 5.02 3.69 -10.53
N GLN A 8 5.07 2.70 -11.42
CA GLN A 8 3.85 2.02 -11.88
C GLN A 8 4.04 0.50 -11.94
N VAL A 9 3.16 -0.23 -11.28
CA VAL A 9 3.22 -1.71 -11.25
C VAL A 9 1.82 -2.32 -11.39
N LYS A 10 1.75 -3.55 -11.85
CA LYS A 10 0.46 -4.23 -12.04
C LYS A 10 0.66 -5.71 -12.36
N THR A 11 -0.23 -6.56 -11.86
CA THR A 11 -0.15 -8.01 -12.11
C THR A 11 -1.54 -8.63 -12.18
N VAL A 12 -1.69 -9.63 -13.04
CA VAL A 12 -2.98 -10.32 -13.20
C VAL A 12 -3.08 -11.50 -12.24
N ILE A 13 -4.17 -11.57 -11.49
CA ILE A 13 -4.39 -12.65 -10.52
C ILE A 13 -5.78 -13.24 -10.68
N ASN A 14 -5.88 -14.57 -10.67
CA ASN A 14 -7.16 -15.24 -10.79
C ASN A 14 -7.81 -15.41 -9.42
N ALA A 15 -8.66 -14.47 -9.04
CA ALA A 15 -9.34 -14.53 -7.75
C ALA A 15 -10.38 -13.39 -7.62
N PRO A 16 -11.38 -13.54 -6.79
CA PRO A 16 -12.42 -12.49 -6.59
C PRO A 16 -11.84 -11.21 -6.00
N ILE A 17 -12.46 -10.08 -6.35
CA ILE A 17 -12.03 -8.76 -5.87
C ILE A 17 -12.29 -8.61 -4.37
N GLU A 18 -13.31 -9.29 -3.86
CA GLU A 18 -13.67 -9.19 -2.45
C GLU A 18 -12.48 -9.51 -1.55
N LYS A 19 -11.87 -10.67 -1.75
CA LYS A 19 -10.74 -11.10 -0.94
C LYS A 19 -9.51 -10.23 -1.16
N VAL A 20 -9.24 -9.81 -2.38
CA VAL A 20 -8.09 -8.96 -2.65
C VAL A 20 -8.32 -7.61 -1.98
N TRP A 21 -9.51 -7.04 -2.17
CA TRP A 21 -9.87 -5.77 -1.57
C TRP A 21 -9.74 -5.87 -0.05
N GLU A 22 -10.17 -7.00 0.50
CA GLU A 22 -10.11 -7.23 1.94
C GLU A 22 -8.65 -7.19 2.41
N ALA A 23 -7.76 -7.83 1.66
CA ALA A 23 -6.35 -7.88 2.01
C ALA A 23 -5.74 -6.48 2.10
N LEU A 24 -6.23 -5.56 1.28
CA LEU A 24 -5.71 -4.18 1.29
C LEU A 24 -6.11 -3.44 2.56
N VAL A 25 -7.36 -3.60 3.01
CA VAL A 25 -7.87 -2.93 4.21
C VAL A 25 -8.34 -3.93 5.25
N ASN A 26 -7.38 -4.51 5.98
CA ASN A 26 -7.70 -5.48 7.02
C ASN A 26 -6.52 -5.62 8.00
N PRO A 27 -6.60 -5.04 9.16
CA PRO A 27 -5.49 -5.14 10.17
C PRO A 27 -5.10 -6.58 10.49
N GLU A 28 -6.05 -7.50 10.33
CA GLU A 28 -5.78 -8.92 10.61
C GLU A 28 -4.83 -9.51 9.56
N ILE A 29 -5.19 -9.35 8.29
CA ILE A 29 -4.37 -9.86 7.20
C ILE A 29 -3.07 -9.07 7.14
N ILE A 30 -3.17 -7.76 7.32
CA ILE A 30 -1.98 -6.90 7.27
C ILE A 30 -1.02 -7.34 8.37
N LYS A 31 -1.53 -7.65 9.56
CA LYS A 31 -0.72 -8.10 10.67
C LYS A 31 -0.19 -9.51 10.40
N GLU A 32 -0.96 -10.31 9.68
CA GLU A 32 -0.55 -11.68 9.36
C GLU A 32 0.79 -11.64 8.64
N TYR A 33 0.96 -10.71 7.70
CA TYR A 33 2.20 -10.59 6.95
C TYR A 33 3.31 -10.08 7.86
N MET A 34 2.97 -9.21 8.81
CA MET A 34 3.96 -8.64 9.73
C MET A 34 4.20 -9.57 10.92
N PHE A 35 5.42 -9.55 11.44
CA PHE A 35 5.80 -10.38 12.56
C PHE A 35 4.95 -10.09 13.81
N GLY A 36 4.73 -8.81 14.10
CA GLY A 36 3.93 -8.44 15.28
C GLY A 36 3.53 -6.96 15.27
N THR A 37 3.16 -6.45 14.09
CA THR A 37 2.76 -5.05 13.97
C THR A 37 1.28 -4.87 14.32
N THR A 38 0.99 -3.96 15.24
CA THR A 38 -0.39 -3.69 15.66
C THR A 38 -1.01 -2.57 14.84
N VAL A 39 -1.89 -2.93 13.92
CA VAL A 39 -2.57 -1.96 13.06
C VAL A 39 -4.01 -1.77 13.49
N VAL A 40 -4.44 -0.51 13.54
CA VAL A 40 -5.80 -0.16 13.94
C VAL A 40 -6.44 0.79 12.91
N SER A 41 -7.65 0.47 12.48
CA SER A 41 -8.38 1.29 11.51
C SER A 41 -9.88 1.09 11.60
N ASP A 42 -10.63 2.11 11.20
CA ASP A 42 -12.09 2.07 11.20
C ASP A 42 -12.58 1.59 9.84
N TRP A 43 -11.71 1.68 8.84
CA TRP A 43 -12.01 1.26 7.47
C TRP A 43 -13.09 2.15 6.84
N LYS A 44 -12.94 3.47 6.96
CA LYS A 44 -13.91 4.41 6.39
C LYS A 44 -13.24 5.73 6.01
N GLU A 45 -13.86 6.46 5.07
CA GLU A 45 -13.32 7.73 4.59
C GLU A 45 -13.00 8.70 5.75
N GLY A 46 -11.79 9.24 5.73
CA GLY A 46 -11.33 10.19 6.74
C GLY A 46 -10.84 9.49 8.00
N SER A 47 -10.85 8.16 8.00
CA SER A 47 -10.40 7.41 9.16
C SER A 47 -8.90 7.55 9.38
N GLN A 48 -8.52 7.82 10.63
CA GLN A 48 -7.11 7.95 10.97
C GLN A 48 -6.50 6.56 11.11
N ILE A 49 -5.24 6.42 10.70
CA ILE A 49 -4.54 5.12 10.78
C ILE A 49 -3.12 5.30 11.27
N VAL A 50 -2.70 4.41 12.16
CA VAL A 50 -1.34 4.44 12.71
C VAL A 50 -0.79 3.03 12.87
N TRP A 51 0.53 2.92 12.78
CA TRP A 51 1.21 1.62 12.92
C TRP A 51 2.26 1.68 14.01
N LYS A 52 2.25 0.70 14.91
CA LYS A 52 3.22 0.64 16.00
C LYS A 52 4.41 -0.21 15.59
N GLY A 53 5.61 0.26 15.92
CA GLY A 53 6.83 -0.47 15.57
C GLY A 53 7.99 0.02 16.40
N GLU A 54 9.10 -0.70 16.33
CA GLU A 54 10.32 -0.37 17.07
C GLU A 54 11.48 -0.17 16.10
N TRP A 55 12.09 1.01 16.17
CA TRP A 55 13.21 1.36 15.30
C TRP A 55 14.46 1.61 16.14
N LYS A 56 15.47 0.78 15.97
CA LYS A 56 16.74 0.91 16.72
C LYS A 56 16.48 1.30 18.19
N GLY A 57 15.54 0.61 18.83
CA GLY A 57 15.18 0.89 20.23
C GLY A 57 14.25 2.10 20.33
N LYS A 58 14.23 2.89 19.26
CA LYS A 58 13.38 4.09 19.22
C LYS A 58 12.02 3.75 18.61
N ALA A 59 10.97 3.87 19.43
CA ALA A 59 9.61 3.58 18.96
C ALA A 59 9.13 4.69 18.02
N TYR A 60 8.50 4.31 16.92
CA TYR A 60 7.99 5.28 15.94
C TYR A 60 6.61 4.88 15.44
N GLU A 61 5.84 5.87 14.97
CA GLU A 61 4.50 5.62 14.45
C GLU A 61 4.25 6.45 13.18
N ASP A 62 3.74 5.79 12.15
CA ASP A 62 3.43 6.45 10.88
C ASP A 62 2.03 7.02 10.94
N LYS A 63 1.85 8.25 10.44
CA LYS A 63 0.53 8.90 10.49
C LYS A 63 0.01 9.27 9.10
N GLY A 64 -1.21 8.84 8.82
CA GLY A 64 -1.86 9.11 7.54
C GLY A 64 -3.38 9.02 7.68
N THR A 65 -4.09 9.27 6.58
CA THR A 65 -5.56 9.23 6.61
C THR A 65 -6.12 8.77 5.26
N ILE A 66 -7.35 8.26 5.29
CA ILE A 66 -7.99 7.80 4.07
C ILE A 66 -8.43 8.98 3.20
N LEU A 67 -7.83 9.09 2.02
CA LEU A 67 -8.16 10.17 1.09
C LEU A 67 -9.56 9.96 0.53
N GLN A 68 -9.87 8.74 0.14
CA GLN A 68 -11.18 8.40 -0.41
C GLN A 68 -11.45 6.92 -0.21
N PHE A 69 -12.72 6.57 -0.02
CA PHE A 69 -13.11 5.17 0.19
C PHE A 69 -14.28 4.77 -0.70
N ASN A 70 -14.00 3.91 -1.68
CA ASN A 70 -15.04 3.42 -2.61
C ASN A 70 -15.03 1.90 -2.60
N GLU A 71 -15.92 1.33 -1.80
CA GLU A 71 -16.04 -0.13 -1.65
C GLU A 71 -15.92 -0.86 -2.99
N ARG A 72 -15.09 -1.89 -3.02
CA ARG A 72 -14.86 -2.69 -4.21
C ARG A 72 -14.78 -1.85 -5.49
N SER A 73 -13.90 -0.87 -5.52
CA SER A 73 -13.77 -0.02 -6.72
C SER A 73 -12.46 0.76 -6.71
N ILE A 74 -12.35 1.74 -5.83
CA ILE A 74 -11.13 2.59 -5.75
C ILE A 74 -10.77 2.91 -4.31
N LEU A 75 -9.49 2.76 -3.99
CA LEU A 75 -8.99 3.05 -2.64
C LEU A 75 -7.68 3.83 -2.72
N GLN A 76 -7.62 4.97 -2.04
CA GLN A 76 -6.42 5.81 -2.03
C GLN A 76 -6.23 6.45 -0.64
N TYR A 77 -4.97 6.62 -0.25
CA TYR A 77 -4.67 7.21 1.07
C TYR A 77 -3.35 7.98 1.06
N SER A 78 -3.26 8.94 1.97
CA SER A 78 -2.05 9.76 2.13
C SER A 78 -1.20 9.14 3.22
N HIS A 79 0.11 9.34 3.17
CA HIS A 79 0.99 8.76 4.19
C HIS A 79 2.25 9.59 4.38
N PHE A 80 2.78 9.52 5.59
CA PHE A 80 4.00 10.25 5.96
C PHE A 80 4.88 9.41 6.89
N SER A 81 6.17 9.39 6.60
CA SER A 81 7.14 8.63 7.40
C SER A 81 7.97 9.58 8.29
N PRO A 82 7.85 9.53 9.59
CA PRO A 82 8.63 10.45 10.49
C PRO A 82 10.11 10.06 10.55
N LEU A 83 10.43 8.83 10.16
CA LEU A 83 11.80 8.36 10.18
C LEU A 83 12.68 9.21 9.28
N THR A 84 12.03 10.00 8.42
CA THR A 84 12.76 10.87 7.51
C THR A 84 13.54 11.94 8.26
N GLY A 85 12.98 12.41 9.37
CA GLY A 85 13.65 13.43 10.17
C GLY A 85 14.05 14.63 9.31
N LYS A 86 13.29 14.86 8.25
CA LYS A 86 13.59 15.98 7.34
C LYS A 86 12.86 17.27 7.76
N PRO A 87 13.37 18.43 7.42
CA PRO A 87 12.69 19.71 7.78
C PRO A 87 11.22 19.72 7.35
N ASP A 88 10.37 20.41 8.10
CA ASP A 88 8.94 20.50 7.80
C ASP A 88 8.69 20.77 6.32
N LEU A 89 8.33 19.72 5.58
CA LEU A 89 8.03 19.84 4.14
C LEU A 89 7.04 18.76 3.70
N PRO A 90 5.77 19.02 3.73
CA PRO A 90 4.73 18.01 3.32
C PRO A 90 5.02 17.38 1.95
N GLU A 91 5.61 18.16 1.06
CA GLU A 91 5.93 17.68 -0.28
C GLU A 91 6.92 16.52 -0.21
N ASN A 92 7.38 16.22 1.00
CA ASN A 92 8.35 15.14 1.21
C ASN A 92 7.76 13.76 0.95
N TYR A 93 6.48 13.58 1.28
CA TYR A 93 5.80 12.29 1.10
C TYR A 93 4.92 12.28 -0.16
N HIS A 94 4.30 11.13 -0.43
CA HIS A 94 3.43 10.96 -1.60
C HIS A 94 2.13 10.23 -1.23
N VAL A 95 1.14 10.37 -2.11
CA VAL A 95 -0.16 9.72 -1.92
C VAL A 95 -0.25 8.46 -2.78
N VAL A 96 -0.65 7.37 -2.15
CA VAL A 96 -0.78 6.08 -2.84
C VAL A 96 -2.21 5.86 -3.32
N THR A 97 -2.34 5.43 -4.57
CA THR A 97 -3.67 5.16 -5.17
C THR A 97 -3.71 3.78 -5.79
N ILE A 98 -4.64 2.96 -5.32
CA ILE A 98 -4.80 1.59 -5.81
C ILE A 98 -6.14 1.43 -6.52
N THR A 99 -6.12 0.82 -7.71
CA THR A 99 -7.34 0.59 -8.49
C THR A 99 -7.64 -0.90 -8.56
N LEU A 100 -8.85 -1.27 -8.14
CA LEU A 100 -9.26 -2.69 -8.14
C LEU A 100 -10.57 -2.86 -8.92
N THR A 101 -10.50 -3.64 -10.00
CA THR A 101 -11.68 -3.90 -10.83
C THR A 101 -11.79 -5.38 -11.14
N ALA A 102 -13.00 -5.92 -11.01
CA ALA A 102 -13.24 -7.33 -11.29
C ALA A 102 -13.51 -7.54 -12.77
N LEU A 103 -12.75 -8.45 -13.37
CA LEU A 103 -12.90 -8.76 -14.81
C LEU A 103 -13.48 -10.14 -15.00
N LYS A 104 -13.81 -10.49 -16.25
CA LYS A 104 -14.40 -11.77 -16.58
C LYS A 104 -13.45 -12.94 -16.31
N LYS A 105 -12.17 -12.78 -16.61
CA LYS A 105 -11.18 -13.84 -16.40
C LYS A 105 -10.66 -13.82 -14.95
N GLY A 106 -10.56 -12.63 -14.37
CA GLY A 106 -10.09 -12.51 -13.00
C GLY A 106 -10.17 -11.07 -12.53
N VAL A 107 -9.22 -10.68 -11.68
CA VAL A 107 -9.17 -9.32 -11.13
C VAL A 107 -7.82 -8.66 -11.40
N GLU A 108 -7.86 -7.46 -11.97
CA GLU A 108 -6.63 -6.71 -12.27
C GLU A 108 -6.35 -5.73 -11.13
N VAL A 109 -5.07 -5.56 -10.82
CA VAL A 109 -4.65 -4.65 -9.74
C VAL A 109 -3.53 -3.73 -10.23
N GLU A 110 -3.50 -2.51 -9.69
CA GLU A 110 -2.49 -1.52 -10.06
C GLU A 110 -2.21 -0.58 -8.91
N LEU A 111 -0.92 -0.35 -8.64
CA LEU A 111 -0.47 0.54 -7.57
C LEU A 111 0.46 1.60 -8.13
N THR A 112 0.20 2.86 -7.77
CA THR A 112 1.02 3.99 -8.26
C THR A 112 1.60 4.79 -7.10
N GLN A 113 2.83 5.26 -7.29
CA GLN A 113 3.52 6.06 -6.27
C GLN A 113 4.33 7.16 -6.93
N ASP A 114 4.27 8.36 -6.36
CA ASP A 114 4.98 9.53 -6.89
C ASP A 114 6.08 10.02 -5.95
N ASN A 115 6.54 11.24 -6.22
CA ASN A 115 7.60 11.90 -5.44
C ASN A 115 8.91 11.11 -5.41
N ASN A 116 9.26 10.46 -6.50
CA ASN A 116 10.53 9.72 -6.55
C ASN A 116 11.62 10.72 -6.93
N GLU A 117 12.75 10.71 -6.23
CA GLU A 117 13.82 11.67 -6.51
C GLU A 117 14.41 11.48 -7.91
N THR A 118 14.70 10.25 -8.29
CA THR A 118 15.26 9.96 -9.62
C THR A 118 14.80 8.60 -10.13
N GLU A 119 15.24 8.23 -11.33
CA GLU A 119 14.89 6.95 -11.91
C GLU A 119 15.38 5.82 -11.00
N LYS A 120 16.55 6.02 -10.41
CA LYS A 120 17.13 5.03 -9.52
C LYS A 120 16.19 4.80 -8.33
N GLU A 121 15.66 5.88 -7.77
CA GLU A 121 14.76 5.79 -6.63
C GLU A 121 13.41 5.23 -7.09
N GLN A 122 12.92 5.67 -8.24
CA GLN A 122 11.65 5.19 -8.77
C GLN A 122 11.77 3.71 -9.05
N LYS A 123 12.87 3.32 -9.68
CA LYS A 123 13.12 1.92 -9.99
C LYS A 123 13.22 1.13 -8.70
N HIS A 124 13.91 1.69 -7.71
CA HIS A 124 14.07 1.07 -6.41
C HIS A 124 12.71 0.85 -5.77
N SER A 125 11.83 1.83 -5.94
CA SER A 125 10.48 1.74 -5.40
C SER A 125 9.69 0.69 -6.17
N GLU A 126 9.80 0.71 -7.49
CA GLU A 126 9.11 -0.24 -8.34
C GLU A 126 9.47 -1.66 -7.93
N ASP A 127 10.76 -1.92 -7.75
CA ASP A 127 11.23 -3.24 -7.36
C ASP A 127 10.66 -3.59 -5.99
N ASN A 128 10.60 -2.61 -5.09
CA ASN A 128 10.07 -2.83 -3.76
C ASN A 128 8.59 -3.20 -3.84
N TRP A 129 7.80 -2.38 -4.52
CA TRP A 129 6.39 -2.67 -4.66
C TRP A 129 6.19 -3.98 -5.37
N ASN A 130 7.02 -4.28 -6.38
CA ASN A 130 6.91 -5.53 -7.10
C ASN A 130 7.09 -6.67 -6.11
N THR A 131 8.03 -6.50 -5.18
CA THR A 131 8.29 -7.51 -4.17
C THR A 131 7.03 -7.67 -3.30
N MET A 132 6.43 -6.54 -2.94
CA MET A 132 5.22 -6.57 -2.13
C MET A 132 4.11 -7.29 -2.89
N LEU A 133 3.88 -6.87 -4.13
CA LEU A 133 2.86 -7.49 -4.97
C LEU A 133 3.21 -8.96 -5.17
N GLU A 134 4.49 -9.25 -5.35
CA GLU A 134 4.95 -10.62 -5.55
C GLU A 134 4.69 -11.41 -4.28
N GLY A 135 4.80 -10.75 -3.13
CA GLY A 135 4.57 -11.39 -1.84
C GLY A 135 3.07 -11.45 -1.55
N LEU A 136 2.33 -10.44 -2.03
CA LEU A 136 0.89 -10.39 -1.83
C LEU A 136 0.21 -11.51 -2.61
N LYS A 137 0.48 -11.57 -3.92
CA LYS A 137 -0.11 -12.58 -4.78
C LYS A 137 0.32 -13.97 -4.33
N LYS A 138 1.48 -14.08 -3.69
CA LYS A 138 1.99 -15.36 -3.22
C LYS A 138 0.97 -16.02 -2.29
N PHE A 139 0.21 -15.21 -1.54
CA PHE A 139 -0.79 -15.75 -0.61
C PHE A 139 -2.06 -16.15 -1.36
N LEU A 140 -2.46 -15.32 -2.32
CA LEU A 140 -3.67 -15.60 -3.10
C LEU A 140 -3.50 -16.89 -3.92
N GLU A 141 -2.32 -17.08 -4.51
CA GLU A 141 -2.06 -18.27 -5.32
C GLU A 141 -1.82 -19.48 -4.41
N ASN A 142 -1.85 -19.25 -3.10
CA ASN A 142 -1.61 -20.31 -2.13
C ASN A 142 -2.70 -21.37 -2.24
N LYS A 143 -3.94 -20.94 -2.41
CA LYS A 143 -5.07 -21.86 -2.51
C LYS A 143 -4.90 -22.79 -3.70
N VAL A 144 -4.74 -22.22 -4.89
CA VAL A 144 -4.57 -23.00 -6.10
C VAL A 144 -3.25 -23.77 -6.06
N SER A 145 -2.19 -23.11 -5.62
CA SER A 145 -0.87 -23.74 -5.53
C SER A 145 -0.92 -24.93 -4.58
N ALA A 146 -1.62 -24.76 -3.47
CA ALA A 146 -1.75 -25.82 -2.47
C ALA A 146 -2.63 -26.94 -3.01
N MET A 1 8.96 21.48 -14.26
CA MET A 1 9.17 20.00 -14.23
C MET A 1 7.87 19.32 -13.79
N GLU A 2 6.80 20.09 -13.68
CA GLU A 2 5.51 19.56 -13.27
C GLU A 2 5.64 18.77 -11.96
N ILE A 3 5.93 17.48 -12.07
CA ILE A 3 6.09 16.62 -10.90
C ILE A 3 7.24 15.63 -11.10
N LYS A 4 7.63 14.96 -10.01
CA LYS A 4 8.72 13.99 -10.07
C LYS A 4 8.27 12.69 -10.74
N LEU A 5 9.15 11.69 -10.77
CA LEU A 5 8.86 10.40 -11.40
C LEU A 5 7.79 9.63 -10.61
N ILE A 6 6.89 8.98 -11.34
CA ILE A 6 5.80 8.20 -10.75
C ILE A 6 5.99 6.70 -11.01
N ALA A 7 6.01 5.91 -9.94
CA ALA A 7 6.18 4.46 -10.06
C ALA A 7 4.86 3.80 -10.45
N GLN A 8 4.90 2.89 -11.42
CA GLN A 8 3.69 2.20 -11.89
C GLN A 8 3.94 0.69 -12.00
N VAL A 9 3.15 -0.10 -11.29
CA VAL A 9 3.28 -1.57 -11.31
C VAL A 9 1.89 -2.23 -11.33
N LYS A 10 1.73 -3.24 -12.17
CA LYS A 10 0.45 -3.96 -12.26
C LYS A 10 0.65 -5.40 -12.72
N THR A 11 -0.24 -6.29 -12.30
CA THR A 11 -0.15 -7.71 -12.69
C THR A 11 -1.55 -8.32 -12.84
N VAL A 12 -1.70 -9.19 -13.83
CA VAL A 12 -2.97 -9.87 -14.09
C VAL A 12 -3.13 -11.11 -13.23
N ILE A 13 -4.10 -11.08 -12.32
CA ILE A 13 -4.35 -12.22 -11.40
C ILE A 13 -5.82 -12.62 -11.46
N ASN A 14 -6.05 -13.94 -11.46
CA ASN A 14 -7.41 -14.47 -11.49
C ASN A 14 -7.87 -14.85 -10.08
N ALA A 15 -8.76 -14.04 -9.50
CA ALA A 15 -9.26 -14.31 -8.15
C ALA A 15 -10.39 -13.32 -7.79
N PRO A 16 -11.20 -13.64 -6.82
CA PRO A 16 -12.33 -12.75 -6.39
C PRO A 16 -11.83 -11.38 -5.92
N ILE A 17 -12.58 -10.34 -6.28
CA ILE A 17 -12.24 -8.97 -5.91
C ILE A 17 -12.40 -8.74 -4.40
N GLU A 18 -13.35 -9.44 -3.79
CA GLU A 18 -13.62 -9.30 -2.37
C GLU A 18 -12.38 -9.59 -1.53
N LYS A 19 -11.77 -10.76 -1.76
CA LYS A 19 -10.60 -11.16 -1.01
C LYS A 19 -9.41 -10.23 -1.25
N VAL A 20 -9.15 -9.85 -2.49
CA VAL A 20 -8.04 -8.95 -2.78
C VAL A 20 -8.30 -7.62 -2.09
N TRP A 21 -9.51 -7.08 -2.24
CA TRP A 21 -9.91 -5.83 -1.62
C TRP A 21 -9.78 -5.96 -0.10
N GLU A 22 -10.22 -7.11 0.42
CA GLU A 22 -10.16 -7.38 1.84
C GLU A 22 -8.72 -7.31 2.34
N ALA A 23 -7.81 -7.95 1.62
CA ALA A 23 -6.40 -7.96 1.99
C ALA A 23 -5.81 -6.56 2.01
N LEU A 24 -6.35 -5.67 1.19
CA LEU A 24 -5.85 -4.30 1.11
C LEU A 24 -6.19 -3.51 2.38
N VAL A 25 -7.42 -3.68 2.87
CA VAL A 25 -7.88 -2.95 4.08
C VAL A 25 -8.27 -3.93 5.20
N ASN A 26 -7.27 -4.46 5.89
CA ASN A 26 -7.52 -5.39 6.99
C ASN A 26 -6.31 -5.44 7.95
N PRO A 27 -6.44 -4.98 9.16
CA PRO A 27 -5.29 -5.00 10.12
C PRO A 27 -4.91 -6.42 10.55
N GLU A 28 -5.75 -7.39 10.24
CA GLU A 28 -5.49 -8.80 10.59
C GLU A 28 -4.63 -9.46 9.52
N ILE A 29 -5.01 -9.29 8.26
CA ILE A 29 -4.25 -9.86 7.14
C ILE A 29 -2.95 -9.10 6.98
N ILE A 30 -3.01 -7.78 7.10
CA ILE A 30 -1.82 -6.94 6.96
C ILE A 30 -0.80 -7.36 8.02
N LYS A 31 -1.25 -7.62 9.24
CA LYS A 31 -0.37 -8.03 10.32
C LYS A 31 0.22 -9.40 10.01
N GLU A 32 -0.51 -10.23 9.30
CA GLU A 32 -0.03 -11.57 8.95
C GLU A 32 1.29 -11.46 8.22
N TYR A 33 1.40 -10.53 7.29
CA TYR A 33 2.61 -10.33 6.52
C TYR A 33 3.72 -9.76 7.41
N MET A 34 3.35 -8.93 8.37
CA MET A 34 4.31 -8.30 9.28
C MET A 34 4.62 -9.23 10.46
N PHE A 35 5.81 -9.06 11.03
CA PHE A 35 6.25 -9.88 12.15
C PHE A 35 5.35 -9.70 13.38
N GLY A 36 4.85 -8.48 13.60
CA GLY A 36 4.00 -8.22 14.75
C GLY A 36 3.58 -6.75 14.83
N THR A 37 3.22 -6.16 13.69
CA THR A 37 2.81 -4.75 13.66
C THR A 37 1.31 -4.63 13.97
N THR A 38 0.98 -3.81 14.95
CA THR A 38 -0.42 -3.60 15.34
C THR A 38 -1.04 -2.47 14.54
N VAL A 39 -1.84 -2.82 13.53
CA VAL A 39 -2.51 -1.82 12.68
C VAL A 39 -3.94 -1.59 13.14
N VAL A 40 -4.31 -0.33 13.30
CA VAL A 40 -5.67 0.03 13.74
C VAL A 40 -6.32 0.96 12.72
N SER A 41 -7.53 0.59 12.30
CA SER A 41 -8.27 1.40 11.31
C SER A 41 -9.77 1.17 11.42
N ASP A 42 -10.55 2.17 11.03
CA ASP A 42 -12.01 2.11 11.04
C ASP A 42 -12.50 1.62 9.67
N TRP A 43 -11.64 1.76 8.67
CA TRP A 43 -11.96 1.34 7.30
C TRP A 43 -13.05 2.22 6.67
N LYS A 44 -12.90 3.54 6.76
CA LYS A 44 -13.91 4.46 6.18
C LYS A 44 -13.26 5.78 5.77
N GLU A 45 -13.88 6.48 4.82
CA GLU A 45 -13.37 7.75 4.32
C GLU A 45 -13.03 8.72 5.46
N GLY A 46 -11.81 9.24 5.43
CA GLY A 46 -11.34 10.20 6.43
C GLY A 46 -10.83 9.51 7.70
N SER A 47 -10.86 8.18 7.71
CA SER A 47 -10.40 7.45 8.88
C SER A 47 -8.90 7.61 9.09
N GLN A 48 -8.52 7.83 10.35
CA GLN A 48 -7.11 7.99 10.71
C GLN A 48 -6.50 6.61 10.90
N ILE A 49 -5.22 6.46 10.56
CA ILE A 49 -4.53 5.17 10.72
C ILE A 49 -3.12 5.36 11.30
N VAL A 50 -2.77 4.50 12.25
CA VAL A 50 -1.46 4.56 12.90
C VAL A 50 -0.89 3.17 13.09
N TRP A 51 0.42 3.04 12.91
CA TRP A 51 1.11 1.75 13.08
C TRP A 51 2.15 1.84 14.18
N LYS A 52 2.23 0.83 15.02
CA LYS A 52 3.21 0.81 16.11
C LYS A 52 4.36 -0.11 15.74
N GLY A 53 5.56 0.29 16.15
CA GLY A 53 6.75 -0.51 15.84
C GLY A 53 7.95 -0.01 16.61
N GLU A 54 9.07 -0.71 16.49
CA GLU A 54 10.31 -0.35 17.16
C GLU A 54 11.44 -0.22 16.15
N TRP A 55 12.12 0.92 16.17
CA TRP A 55 13.23 1.20 15.25
C TRP A 55 14.49 1.46 16.05
N LYS A 56 15.50 0.62 15.84
CA LYS A 56 16.80 0.77 16.54
C LYS A 56 16.60 1.18 18.02
N GLY A 57 15.62 0.55 18.67
CA GLY A 57 15.32 0.85 20.09
C GLY A 57 14.43 2.08 20.20
N LYS A 58 14.38 2.86 19.14
CA LYS A 58 13.57 4.08 19.08
C LYS A 58 12.19 3.78 18.52
N ALA A 59 11.17 3.85 19.38
CA ALA A 59 9.80 3.61 18.97
C ALA A 59 9.33 4.68 17.99
N TYR A 60 8.73 4.25 16.88
CA TYR A 60 8.24 5.18 15.86
C TYR A 60 6.82 4.81 15.40
N GLU A 61 6.07 5.80 14.96
CA GLU A 61 4.70 5.59 14.49
C GLU A 61 4.43 6.39 13.22
N ASP A 62 3.79 5.75 12.26
CA ASP A 62 3.44 6.39 10.98
C ASP A 62 2.08 7.06 11.11
N LYS A 63 1.72 7.89 10.15
CA LYS A 63 0.43 8.59 10.21
C LYS A 63 -0.11 8.96 8.84
N GLY A 64 -1.35 8.56 8.58
CA GLY A 64 -2.01 8.85 7.30
C GLY A 64 -3.52 8.88 7.49
N THR A 65 -4.25 9.17 6.41
CA THR A 65 -5.72 9.22 6.47
C THR A 65 -6.34 8.80 5.15
N ILE A 66 -7.57 8.31 5.22
CA ILE A 66 -8.29 7.87 4.01
C ILE A 66 -8.89 9.08 3.29
N LEU A 67 -8.51 9.25 2.03
CA LEU A 67 -9.02 10.36 1.21
C LEU A 67 -10.28 9.93 0.46
N GLN A 68 -10.24 8.73 -0.13
CA GLN A 68 -11.37 8.18 -0.88
C GLN A 68 -11.60 6.73 -0.47
N PHE A 69 -12.86 6.37 -0.25
CA PHE A 69 -13.19 4.99 0.16
C PHE A 69 -14.39 4.46 -0.62
N ASN A 70 -14.11 3.61 -1.60
CA ASN A 70 -15.17 3.00 -2.42
C ASN A 70 -15.04 1.48 -2.39
N GLU A 71 -15.89 0.84 -1.60
CA GLU A 71 -15.89 -0.61 -1.43
C GLU A 71 -15.69 -1.35 -2.76
N ARG A 72 -14.70 -2.25 -2.79
CA ARG A 72 -14.38 -3.05 -3.96
C ARG A 72 -14.36 -2.23 -5.24
N SER A 73 -13.58 -1.14 -5.26
CA SER A 73 -13.50 -0.30 -6.46
C SER A 73 -12.25 0.56 -6.48
N ILE A 74 -12.21 1.60 -5.65
CA ILE A 74 -11.06 2.52 -5.60
C ILE A 74 -10.72 2.89 -4.16
N LEU A 75 -9.42 2.80 -3.83
CA LEU A 75 -8.94 3.15 -2.50
C LEU A 75 -7.72 4.07 -2.58
N GLN A 76 -7.79 5.22 -1.91
CA GLN A 76 -6.68 6.19 -1.91
C GLN A 76 -6.45 6.70 -0.49
N TYR A 77 -5.17 6.79 -0.13
CA TYR A 77 -4.82 7.27 1.22
C TYR A 77 -3.48 7.99 1.24
N SER A 78 -3.34 8.91 2.20
CA SER A 78 -2.09 9.66 2.37
C SER A 78 -1.17 8.86 3.26
N HIS A 79 0.14 9.01 3.08
CA HIS A 79 1.08 8.25 3.92
C HIS A 79 2.39 9.00 4.11
N PHE A 80 2.94 8.89 5.31
CA PHE A 80 4.20 9.54 5.65
C PHE A 80 5.02 8.66 6.61
N SER A 81 6.34 8.77 6.50
CA SER A 81 7.25 7.99 7.36
C SER A 81 8.20 8.93 8.14
N PRO A 82 8.17 8.93 9.44
CA PRO A 82 9.07 9.84 10.23
C PRO A 82 10.53 9.37 10.20
N LEU A 83 10.75 8.12 9.81
CA LEU A 83 12.10 7.58 9.75
C LEU A 83 12.92 8.30 8.69
N THR A 84 12.24 9.09 7.86
CA THR A 84 12.91 9.83 6.80
C THR A 84 13.86 10.86 7.39
N GLY A 85 13.51 11.42 8.54
CA GLY A 85 14.34 12.43 9.19
C GLY A 85 14.36 13.72 8.38
N LYS A 86 13.60 13.74 7.30
CA LYS A 86 13.55 14.92 6.41
C LYS A 86 12.48 15.93 6.89
N PRO A 87 12.67 17.20 6.65
CA PRO A 87 11.65 18.22 7.07
C PRO A 87 10.23 17.81 6.62
N ASP A 88 9.24 18.07 7.48
CA ASP A 88 7.84 17.73 7.18
C ASP A 88 7.21 18.75 6.23
N LEU A 89 7.52 18.66 4.94
CA LEU A 89 6.95 19.59 3.94
C LEU A 89 6.07 18.82 2.92
N PRO A 90 5.21 19.49 2.20
CA PRO A 90 4.31 18.83 1.19
C PRO A 90 5.07 17.93 0.23
N GLU A 91 6.32 18.29 -0.08
CA GLU A 91 7.15 17.52 -1.00
C GLU A 91 7.87 16.39 -0.26
N ASN A 92 7.76 16.41 1.06
CA ASN A 92 8.43 15.40 1.89
C ASN A 92 7.69 14.05 1.88
N TYR A 93 6.48 14.03 1.32
CA TYR A 93 5.68 12.80 1.26
C TYR A 93 4.81 12.74 0.00
N HIS A 94 4.16 11.59 -0.19
CA HIS A 94 3.30 11.38 -1.36
C HIS A 94 2.03 10.63 -0.98
N VAL A 95 1.06 10.66 -1.88
CA VAL A 95 -0.23 9.98 -1.68
C VAL A 95 -0.31 8.74 -2.56
N VAL A 96 -0.65 7.61 -1.95
CA VAL A 96 -0.77 6.34 -2.68
C VAL A 96 -2.19 6.10 -3.15
N THR A 97 -2.32 5.69 -4.42
CA THR A 97 -3.65 5.42 -5.01
C THR A 97 -3.64 4.07 -5.73
N ILE A 98 -4.56 3.21 -5.34
CA ILE A 98 -4.68 1.87 -5.94
C ILE A 98 -6.00 1.73 -6.69
N THR A 99 -5.93 1.27 -7.93
CA THR A 99 -7.13 1.08 -8.77
C THR A 99 -7.44 -0.41 -8.89
N LEU A 100 -8.63 -0.80 -8.45
CA LEU A 100 -9.06 -2.21 -8.51
C LEU A 100 -10.28 -2.37 -9.42
N THR A 101 -10.14 -3.24 -10.42
CA THR A 101 -11.23 -3.51 -11.37
C THR A 101 -11.43 -5.02 -11.53
N ALA A 102 -12.68 -5.44 -11.48
CA ALA A 102 -13.03 -6.86 -11.62
C ALA A 102 -13.54 -7.15 -13.03
N LEU A 103 -12.76 -7.89 -13.80
CA LEU A 103 -13.12 -8.23 -15.17
C LEU A 103 -14.17 -9.35 -15.18
N LYS A 104 -14.43 -9.91 -16.36
CA LYS A 104 -15.41 -10.97 -16.52
C LYS A 104 -15.04 -12.24 -15.77
N LYS A 105 -13.81 -12.71 -15.92
CA LYS A 105 -13.31 -13.92 -15.25
C LYS A 105 -11.91 -13.69 -14.71
N GLY A 106 -11.64 -12.49 -14.20
CA GLY A 106 -10.32 -12.18 -13.68
C GLY A 106 -10.30 -10.79 -13.06
N VAL A 107 -9.22 -10.48 -12.34
CA VAL A 107 -9.08 -9.18 -11.69
C VAL A 107 -7.68 -8.59 -11.93
N GLU A 108 -7.64 -7.27 -12.07
CA GLU A 108 -6.38 -6.55 -12.30
C GLU A 108 -6.15 -5.55 -11.18
N VAL A 109 -4.89 -5.40 -10.78
CA VAL A 109 -4.53 -4.48 -9.70
C VAL A 109 -3.38 -3.58 -10.14
N GLU A 110 -3.34 -2.36 -9.61
CA GLU A 110 -2.30 -1.40 -9.95
C GLU A 110 -2.05 -0.44 -8.79
N LEU A 111 -0.79 -0.21 -8.47
CA LEU A 111 -0.38 0.70 -7.39
C LEU A 111 0.49 1.81 -7.95
N THR A 112 0.15 3.05 -7.60
CA THR A 112 0.90 4.23 -8.08
C THR A 112 1.48 5.03 -6.92
N GLN A 113 2.68 5.55 -7.12
CA GLN A 113 3.37 6.36 -6.10
C GLN A 113 4.19 7.47 -6.78
N ASP A 114 4.13 8.66 -6.21
CA ASP A 114 4.85 9.83 -6.76
C ASP A 114 5.92 10.37 -5.80
N ASN A 115 6.48 11.52 -6.16
CA ASN A 115 7.51 12.20 -5.36
C ASN A 115 8.81 11.41 -5.26
N ASN A 116 9.24 10.76 -6.33
CA ASN A 116 10.51 10.02 -6.31
C ASN A 116 11.62 11.03 -6.64
N GLU A 117 12.54 11.26 -5.70
CA GLU A 117 13.62 12.22 -5.92
C GLU A 117 14.46 11.86 -7.15
N THR A 118 14.69 10.57 -7.37
CA THR A 118 15.50 10.13 -8.52
C THR A 118 14.91 8.86 -9.14
N GLU A 119 15.33 8.55 -10.35
CA GLU A 119 14.86 7.36 -11.05
C GLU A 119 15.29 6.12 -10.27
N LYS A 120 16.46 6.19 -9.65
CA LYS A 120 16.98 5.08 -8.87
C LYS A 120 15.99 4.74 -7.76
N GLU A 121 15.37 5.75 -7.15
CA GLU A 121 14.40 5.55 -6.09
C GLU A 121 13.11 4.98 -6.67
N GLN A 122 12.74 5.38 -7.88
CA GLN A 122 11.53 4.89 -8.51
C GLN A 122 11.67 3.38 -8.71
N LYS A 123 12.81 2.96 -9.24
CA LYS A 123 13.07 1.56 -9.47
C LYS A 123 13.01 0.82 -8.14
N HIS A 124 13.60 1.42 -7.11
CA HIS A 124 13.62 0.86 -5.78
C HIS A 124 12.19 0.70 -5.27
N SER A 125 11.35 1.68 -5.59
CA SER A 125 9.96 1.66 -5.18
C SER A 125 9.23 0.54 -5.92
N GLU A 126 9.33 0.55 -7.25
CA GLU A 126 8.69 -0.46 -8.07
C GLU A 126 9.13 -1.85 -7.64
N ASP A 127 10.44 -2.01 -7.42
CA ASP A 127 10.98 -3.30 -6.99
C ASP A 127 10.41 -3.67 -5.62
N ASN A 128 10.29 -2.67 -4.74
CA ASN A 128 9.76 -2.90 -3.41
C ASN A 128 8.29 -3.29 -3.50
N TRP A 129 7.51 -2.49 -4.21
CA TRP A 129 6.09 -2.76 -4.35
C TRP A 129 5.91 -4.10 -5.05
N ASN A 130 6.78 -4.42 -6.00
CA ASN A 130 6.68 -5.69 -6.70
C ASN A 130 6.79 -6.82 -5.68
N THR A 131 7.68 -6.66 -4.71
CA THR A 131 7.84 -7.65 -3.65
C THR A 131 6.56 -7.75 -2.84
N MET A 132 5.98 -6.59 -2.54
CA MET A 132 4.75 -6.56 -1.77
C MET A 132 3.66 -7.28 -2.54
N LEU A 133 3.49 -6.92 -3.81
CA LEU A 133 2.49 -7.57 -4.65
C LEU A 133 2.81 -9.05 -4.77
N GLU A 134 4.09 -9.38 -4.91
CA GLU A 134 4.51 -10.76 -5.02
C GLU A 134 4.15 -11.49 -3.73
N GLY A 135 4.41 -10.85 -2.59
CA GLY A 135 4.11 -11.43 -1.30
C GLY A 135 2.59 -11.51 -1.11
N LEU A 136 1.89 -10.45 -1.51
CA LEU A 136 0.42 -10.41 -1.39
C LEU A 136 -0.21 -11.51 -2.24
N LYS A 137 0.19 -11.59 -3.51
CA LYS A 137 -0.34 -12.59 -4.42
C LYS A 137 0.01 -13.99 -3.92
N LYS A 138 1.20 -14.15 -3.36
CA LYS A 138 1.64 -15.45 -2.86
C LYS A 138 0.61 -16.05 -1.91
N PHE A 139 -0.06 -15.20 -1.14
CA PHE A 139 -1.07 -15.67 -0.20
C PHE A 139 -2.25 -16.27 -0.95
N LEU A 140 -2.78 -15.53 -1.93
CA LEU A 140 -3.92 -15.99 -2.72
C LEU A 140 -3.52 -17.18 -3.60
N GLU A 141 -2.32 -17.13 -4.18
CA GLU A 141 -1.84 -18.20 -5.04
C GLU A 141 -1.56 -19.44 -4.21
N ASN A 142 -1.43 -19.26 -2.90
CA ASN A 142 -1.16 -20.37 -2.00
C ASN A 142 -2.12 -21.53 -2.26
N LYS A 143 -3.33 -21.21 -2.71
CA LYS A 143 -4.33 -22.24 -3.00
C LYS A 143 -3.73 -23.39 -3.78
N VAL A 144 -2.65 -23.13 -4.53
CA VAL A 144 -2.00 -24.16 -5.31
C VAL A 144 -1.51 -25.30 -4.41
N SER A 145 -0.93 -24.95 -3.27
CA SER A 145 -0.43 -25.94 -2.33
C SER A 145 -1.56 -26.82 -1.82
N ALA A 146 -2.74 -26.23 -1.66
CA ALA A 146 -3.92 -26.95 -1.20
C ALA A 146 -4.46 -27.87 -2.29
N MET A 1 8.53 21.58 -14.14
CA MET A 1 8.54 20.32 -13.35
C MET A 1 7.41 20.36 -12.33
N GLU A 2 6.18 20.15 -12.79
CA GLU A 2 5.01 20.18 -11.91
C GLU A 2 5.07 19.01 -10.93
N ILE A 3 5.38 17.82 -11.42
CA ILE A 3 5.47 16.62 -10.55
C ILE A 3 6.66 15.77 -10.94
N LYS A 4 7.25 15.07 -9.95
CA LYS A 4 8.40 14.21 -10.18
C LYS A 4 7.99 12.90 -10.84
N LEU A 5 8.88 11.91 -10.83
CA LEU A 5 8.62 10.60 -11.44
C LEU A 5 7.56 9.82 -10.65
N ILE A 6 6.66 9.17 -11.38
CA ILE A 6 5.57 8.38 -10.77
C ILE A 6 5.80 6.88 -10.97
N ALA A 7 5.82 6.12 -9.88
CA ALA A 7 6.02 4.68 -9.94
C ALA A 7 4.76 3.98 -10.46
N GLN A 8 4.94 3.03 -11.37
CA GLN A 8 3.81 2.27 -11.96
C GLN A 8 4.08 0.77 -11.92
N VAL A 9 3.21 0.03 -11.24
CA VAL A 9 3.34 -1.43 -11.13
C VAL A 9 1.96 -2.10 -11.14
N LYS A 10 1.82 -3.18 -11.88
CA LYS A 10 0.55 -3.91 -11.96
C LYS A 10 0.77 -5.40 -12.23
N THR A 11 -0.14 -6.23 -11.74
CA THR A 11 -0.05 -7.68 -11.94
C THR A 11 -1.43 -8.31 -12.05
N VAL A 12 -1.54 -9.33 -12.90
CA VAL A 12 -2.82 -10.04 -13.09
C VAL A 12 -3.00 -11.13 -12.04
N ILE A 13 -3.98 -10.94 -11.17
CA ILE A 13 -4.27 -11.92 -10.09
C ILE A 13 -5.59 -12.64 -10.36
N ASN A 14 -5.54 -13.96 -10.35
CA ASN A 14 -6.75 -14.76 -10.58
C ASN A 14 -7.41 -15.10 -9.25
N ALA A 15 -8.39 -14.29 -8.85
CA ALA A 15 -9.09 -14.52 -7.59
C ALA A 15 -10.30 -13.57 -7.45
N PRO A 16 -11.15 -13.78 -6.49
CA PRO A 16 -12.36 -12.91 -6.28
C PRO A 16 -11.99 -11.46 -5.97
N ILE A 17 -12.83 -10.53 -6.39
CA ILE A 17 -12.61 -9.10 -6.16
C ILE A 17 -12.73 -8.74 -4.68
N GLU A 18 -13.65 -9.40 -3.98
CA GLU A 18 -13.88 -9.12 -2.57
C GLU A 18 -12.69 -9.52 -1.71
N LYS A 19 -12.19 -10.73 -1.92
CA LYS A 19 -11.06 -11.25 -1.15
C LYS A 19 -9.79 -10.42 -1.36
N VAL A 20 -9.49 -10.03 -2.60
CA VAL A 20 -8.32 -9.22 -2.86
C VAL A 20 -8.52 -7.84 -2.27
N TRP A 21 -9.69 -7.27 -2.48
CA TRP A 21 -10.04 -5.96 -1.96
C TRP A 21 -9.97 -6.00 -0.43
N GLU A 22 -10.45 -7.09 0.15
CA GLU A 22 -10.43 -7.25 1.61
C GLU A 22 -9.00 -7.13 2.13
N ALA A 23 -8.05 -7.74 1.44
CA ALA A 23 -6.65 -7.70 1.85
C ALA A 23 -6.15 -6.27 1.96
N LEU A 24 -6.67 -5.37 1.14
CA LEU A 24 -6.23 -3.97 1.15
C LEU A 24 -6.61 -3.28 2.47
N VAL A 25 -7.86 -3.46 2.91
CA VAL A 25 -8.35 -2.83 4.13
C VAL A 25 -8.71 -3.88 5.18
N ASN A 26 -7.70 -4.37 5.89
CA ASN A 26 -7.93 -5.36 6.93
C ASN A 26 -6.74 -5.39 7.92
N PRO A 27 -6.94 -5.02 9.16
CA PRO A 27 -5.82 -5.02 10.16
C PRO A 27 -5.42 -6.44 10.58
N GLU A 28 -6.23 -7.42 10.23
CA GLU A 28 -5.93 -8.81 10.57
C GLU A 28 -5.04 -9.45 9.51
N ILE A 29 -5.39 -9.25 8.24
CA ILE A 29 -4.59 -9.79 7.14
C ILE A 29 -3.27 -9.03 7.03
N ILE A 30 -3.35 -7.70 7.15
CA ILE A 30 -2.16 -6.87 7.08
C ILE A 30 -1.20 -7.27 8.19
N LYS A 31 -1.72 -7.51 9.39
CA LYS A 31 -0.91 -7.91 10.52
C LYS A 31 -0.41 -9.35 10.34
N GLU A 32 -1.18 -10.15 9.63
CA GLU A 32 -0.81 -11.54 9.38
C GLU A 32 0.55 -11.60 8.70
N TYR A 33 0.79 -10.71 7.75
CA TYR A 33 2.06 -10.65 7.04
C TYR A 33 3.17 -10.17 7.96
N MET A 34 2.84 -9.28 8.89
CA MET A 34 3.82 -8.74 9.83
C MET A 34 3.94 -9.61 11.07
N PHE A 35 5.10 -9.55 11.72
CA PHE A 35 5.36 -10.34 12.90
C PHE A 35 4.38 -10.02 14.04
N GLY A 36 4.09 -8.74 14.26
CA GLY A 36 3.18 -8.35 15.32
C GLY A 36 2.90 -6.84 15.31
N THR A 37 2.55 -6.31 14.15
CA THR A 37 2.25 -4.87 14.03
C THR A 37 0.82 -4.58 14.46
N THR A 38 0.66 -3.60 15.35
CA THR A 38 -0.67 -3.22 15.85
C THR A 38 -1.27 -2.10 14.99
N VAL A 39 -2.02 -2.49 13.96
CA VAL A 39 -2.67 -1.52 13.06
C VAL A 39 -4.16 -1.41 13.38
N VAL A 40 -4.65 -0.18 13.45
CA VAL A 40 -6.06 0.11 13.75
C VAL A 40 -6.66 1.01 12.67
N SER A 41 -7.86 0.64 12.21
CA SER A 41 -8.54 1.43 11.17
C SER A 41 -10.05 1.23 11.22
N ASP A 42 -10.79 2.29 10.96
CA ASP A 42 -12.26 2.25 10.95
C ASP A 42 -12.72 1.71 9.59
N TRP A 43 -11.84 1.77 8.59
CA TRP A 43 -12.12 1.30 7.24
C TRP A 43 -13.16 2.20 6.54
N LYS A 44 -12.96 3.52 6.59
CA LYS A 44 -13.88 4.45 5.94
C LYS A 44 -13.21 5.79 5.65
N GLU A 45 -13.87 6.63 4.86
CA GLU A 45 -13.34 7.93 4.47
C GLU A 45 -13.03 8.82 5.69
N GLY A 46 -11.81 9.33 5.75
CA GLY A 46 -11.37 10.21 6.83
C GLY A 46 -10.81 9.43 8.02
N SER A 47 -10.81 8.10 7.91
CA SER A 47 -10.29 7.27 9.00
C SER A 47 -8.78 7.44 9.16
N GLN A 48 -8.36 7.61 10.41
CA GLN A 48 -6.94 7.75 10.70
C GLN A 48 -6.31 6.37 10.80
N ILE A 49 -5.06 6.24 10.38
CA ILE A 49 -4.35 4.95 10.43
C ILE A 49 -2.93 5.12 10.93
N VAL A 50 -2.52 4.20 11.80
CA VAL A 50 -1.16 4.22 12.36
C VAL A 50 -0.62 2.82 12.54
N TRP A 51 0.70 2.67 12.43
CA TRP A 51 1.37 1.38 12.59
C TRP A 51 2.44 1.47 13.66
N LYS A 52 2.56 0.42 14.47
CA LYS A 52 3.57 0.37 15.54
C LYS A 52 4.72 -0.53 15.13
N GLY A 53 5.94 -0.07 15.41
CA GLY A 53 7.13 -0.84 15.04
C GLY A 53 8.35 -0.32 15.77
N GLU A 54 9.48 -1.01 15.58
CA GLU A 54 10.75 -0.63 16.22
C GLU A 54 11.84 -0.48 15.16
N TRP A 55 12.67 0.55 15.32
CA TRP A 55 13.76 0.82 14.38
C TRP A 55 14.98 1.35 15.13
N LYS A 56 16.07 0.60 15.07
CA LYS A 56 17.31 0.99 15.75
C LYS A 56 17.06 1.25 17.23
N GLY A 57 16.15 0.48 17.82
CA GLY A 57 15.81 0.63 19.24
C GLY A 57 14.87 1.82 19.45
N LYS A 58 14.68 2.61 18.40
CA LYS A 58 13.80 3.79 18.48
C LYS A 58 12.42 3.46 17.92
N ALA A 59 11.41 3.54 18.77
CA ALA A 59 10.04 3.26 18.36
C ALA A 59 9.55 4.33 17.41
N TYR A 60 9.01 3.91 16.26
CA TYR A 60 8.51 4.85 15.25
C TYR A 60 7.09 4.49 14.83
N GLU A 61 6.32 5.50 14.45
CA GLU A 61 4.93 5.29 14.01
C GLU A 61 4.64 6.11 12.76
N ASP A 62 4.02 5.48 11.78
CA ASP A 62 3.67 6.13 10.52
C ASP A 62 2.24 6.68 10.63
N LYS A 63 1.99 7.85 10.05
CA LYS A 63 0.64 8.46 10.14
C LYS A 63 0.09 8.85 8.76
N GLY A 64 -1.13 8.42 8.50
CA GLY A 64 -1.82 8.71 7.24
C GLY A 64 -3.33 8.74 7.44
N THR A 65 -4.07 9.04 6.38
CA THR A 65 -5.54 9.10 6.46
C THR A 65 -6.18 8.72 5.13
N ILE A 66 -7.43 8.27 5.21
CA ILE A 66 -8.15 7.88 3.99
C ILE A 66 -8.66 9.12 3.26
N LEU A 67 -8.15 9.34 2.06
CA LEU A 67 -8.57 10.49 1.26
C LEU A 67 -9.97 10.26 0.71
N GLN A 68 -10.22 9.06 0.20
CA GLN A 68 -11.52 8.70 -0.36
C GLN A 68 -11.77 7.21 -0.17
N PHE A 69 -13.03 6.83 0.00
CA PHE A 69 -13.39 5.42 0.21
C PHE A 69 -14.56 5.01 -0.69
N ASN A 70 -14.26 4.17 -1.68
CA ASN A 70 -15.28 3.68 -2.61
C ASN A 70 -15.27 2.16 -2.61
N GLU A 71 -16.13 1.55 -1.80
CA GLU A 71 -16.22 0.10 -1.67
C GLU A 71 -16.10 -0.62 -3.03
N ARG A 72 -15.24 -1.63 -3.07
CA ARG A 72 -15.00 -2.43 -4.27
C ARG A 72 -14.92 -1.58 -5.53
N SER A 73 -14.03 -0.57 -5.55
CA SER A 73 -13.89 0.29 -6.72
C SER A 73 -12.57 1.08 -6.70
N ILE A 74 -12.49 2.06 -5.80
CA ILE A 74 -11.29 2.92 -5.70
C ILE A 74 -10.91 3.17 -4.25
N LEU A 75 -9.62 3.08 -3.97
CA LEU A 75 -9.10 3.32 -2.61
C LEU A 75 -7.84 4.20 -2.66
N GLN A 76 -7.90 5.36 -2.02
CA GLN A 76 -6.75 6.28 -1.97
C GLN A 76 -6.53 6.77 -0.55
N TYR A 77 -5.26 6.84 -0.15
CA TYR A 77 -4.94 7.32 1.21
C TYR A 77 -3.59 8.03 1.25
N SER A 78 -3.48 8.97 2.19
CA SER A 78 -2.24 9.70 2.38
C SER A 78 -1.33 8.90 3.29
N HIS A 79 -0.02 9.06 3.16
CA HIS A 79 0.90 8.30 4.01
C HIS A 79 2.18 9.08 4.29
N PHE A 80 2.61 9.02 5.55
CA PHE A 80 3.82 9.72 5.99
C PHE A 80 4.64 8.81 6.93
N SER A 81 5.95 8.92 6.83
CA SER A 81 6.86 8.13 7.68
C SER A 81 8.00 9.01 8.24
N PRO A 82 8.26 8.99 9.52
CA PRO A 82 9.35 9.84 10.10
C PRO A 82 10.75 9.32 9.73
N LEU A 83 10.84 8.04 9.38
CA LEU A 83 12.11 7.44 9.00
C LEU A 83 12.75 8.21 7.86
N THR A 84 12.02 9.18 7.31
CA THR A 84 12.53 10.00 6.23
C THR A 84 13.73 10.82 6.67
N GLY A 85 13.71 11.29 7.92
CA GLY A 85 14.80 12.09 8.47
C GLY A 85 14.77 13.49 7.88
N LYS A 86 13.82 13.73 6.99
CA LYS A 86 13.70 15.05 6.33
C LYS A 86 12.62 15.93 7.01
N PRO A 87 12.79 17.21 7.07
CA PRO A 87 11.77 18.11 7.68
C PRO A 87 10.34 17.80 7.20
N ASP A 88 9.33 18.22 7.94
CA ASP A 88 7.93 17.96 7.58
C ASP A 88 7.46 18.90 6.46
N LEU A 89 7.71 18.48 5.21
CA LEU A 89 7.31 19.28 4.04
C LEU A 89 6.28 18.53 3.17
N PRO A 90 5.36 19.20 2.55
CA PRO A 90 4.31 18.54 1.71
C PRO A 90 4.90 17.85 0.47
N GLU A 91 6.11 18.27 0.08
CA GLU A 91 6.78 17.68 -1.09
C GLU A 91 7.57 16.44 -0.67
N ASN A 92 7.81 16.30 0.62
CA ASN A 92 8.58 15.16 1.14
C ASN A 92 7.80 13.84 1.06
N TYR A 93 6.50 13.89 1.34
CA TYR A 93 5.64 12.68 1.33
C TYR A 93 4.80 12.59 0.05
N HIS A 94 4.13 11.47 -0.13
CA HIS A 94 3.27 11.24 -1.30
C HIS A 94 1.99 10.50 -0.92
N VAL A 95 1.01 10.58 -1.82
CA VAL A 95 -0.29 9.92 -1.63
C VAL A 95 -0.38 8.70 -2.54
N VAL A 96 -0.79 7.57 -1.96
CA VAL A 96 -0.92 6.32 -2.71
C VAL A 96 -2.35 6.12 -3.16
N THR A 97 -2.52 5.79 -4.44
CA THR A 97 -3.86 5.56 -5.02
C THR A 97 -3.94 4.16 -5.61
N ILE A 98 -4.88 3.37 -5.11
CA ILE A 98 -5.07 1.98 -5.58
C ILE A 98 -6.39 1.86 -6.34
N THR A 99 -6.31 1.23 -7.51
CA THR A 99 -7.51 1.04 -8.37
C THR A 99 -7.70 -0.45 -8.67
N LEU A 100 -8.85 -0.99 -8.27
CA LEU A 100 -9.16 -2.42 -8.51
C LEU A 100 -10.36 -2.56 -9.45
N THR A 101 -10.19 -3.41 -10.45
CA THR A 101 -11.24 -3.66 -11.45
C THR A 101 -11.40 -5.16 -11.67
N ALA A 102 -12.64 -5.64 -11.57
CA ALA A 102 -12.94 -7.06 -11.77
C ALA A 102 -13.10 -7.35 -13.26
N LEU A 103 -12.13 -8.05 -13.84
CA LEU A 103 -12.17 -8.40 -15.26
C LEU A 103 -12.83 -9.76 -15.46
N LYS A 104 -13.10 -10.12 -16.71
CA LYS A 104 -13.74 -11.38 -17.05
C LYS A 104 -12.88 -12.59 -16.67
N LYS A 105 -11.57 -12.52 -16.86
CA LYS A 105 -10.65 -13.61 -16.53
C LYS A 105 -10.27 -13.57 -15.07
N GLY A 106 -10.18 -12.38 -14.49
CA GLY A 106 -9.82 -12.24 -13.09
C GLY A 106 -9.89 -10.77 -12.65
N VAL A 107 -8.90 -10.36 -11.86
CA VAL A 107 -8.85 -8.97 -11.36
C VAL A 107 -7.45 -8.39 -11.51
N GLU A 108 -7.40 -7.13 -11.91
CA GLU A 108 -6.13 -6.42 -12.08
C GLU A 108 -5.93 -5.42 -10.93
N VAL A 109 -4.69 -5.30 -10.48
CA VAL A 109 -4.35 -4.40 -9.37
C VAL A 109 -3.26 -3.43 -9.80
N GLU A 110 -3.40 -2.16 -9.40
CA GLU A 110 -2.43 -1.12 -9.75
C GLU A 110 -2.10 -0.26 -8.54
N LEU A 111 -0.81 -0.04 -8.32
CA LEU A 111 -0.33 0.77 -7.19
C LEU A 111 0.64 1.82 -7.70
N THR A 112 0.47 3.06 -7.23
CA THR A 112 1.34 4.18 -7.64
C THR A 112 1.86 4.95 -6.43
N GLN A 113 3.04 5.53 -6.58
CA GLN A 113 3.67 6.32 -5.52
C GLN A 113 4.48 7.47 -6.12
N ASP A 114 3.98 8.69 -5.96
CA ASP A 114 4.64 9.88 -6.49
C ASP A 114 5.77 10.37 -5.58
N ASN A 115 6.28 11.57 -5.90
CA ASN A 115 7.35 12.23 -5.16
C ASN A 115 8.66 11.45 -5.15
N ASN A 116 9.00 10.79 -6.25
CA ASN A 116 10.27 10.06 -6.31
C ASN A 116 11.37 11.07 -6.63
N GLU A 117 12.38 11.19 -5.78
CA GLU A 117 13.45 12.16 -6.01
C GLU A 117 14.27 11.83 -7.25
N THR A 118 14.48 10.55 -7.53
CA THR A 118 15.25 10.13 -8.71
C THR A 118 14.78 8.78 -9.21
N GLU A 119 15.24 8.39 -10.41
CA GLU A 119 14.87 7.11 -10.99
C GLU A 119 15.28 5.99 -10.04
N LYS A 120 16.42 6.17 -9.38
CA LYS A 120 16.92 5.18 -8.44
C LYS A 120 15.88 4.95 -7.35
N GLU A 121 15.25 6.03 -6.86
CA GLU A 121 14.24 5.94 -5.83
C GLU A 121 12.97 5.31 -6.39
N GLN A 122 12.60 5.66 -7.62
CA GLN A 122 11.42 5.10 -8.25
C GLN A 122 11.62 3.62 -8.43
N LYS A 123 12.76 3.24 -8.98
CA LYS A 123 13.07 1.84 -9.20
C LYS A 123 13.05 1.11 -7.86
N HIS A 124 13.69 1.71 -6.85
CA HIS A 124 13.75 1.15 -5.52
C HIS A 124 12.33 0.97 -5.00
N SER A 125 11.48 1.94 -5.28
CA SER A 125 10.08 1.89 -4.85
C SER A 125 9.37 0.77 -5.58
N GLU A 126 9.40 0.81 -6.91
CA GLU A 126 8.75 -0.20 -7.73
C GLU A 126 9.24 -1.58 -7.34
N ASP A 127 10.55 -1.71 -7.14
CA ASP A 127 11.14 -2.98 -6.74
C ASP A 127 10.59 -3.42 -5.39
N ASN A 128 10.42 -2.45 -4.48
CA ASN A 128 9.89 -2.74 -3.16
C ASN A 128 8.42 -3.12 -3.24
N TRP A 129 7.64 -2.28 -3.92
CA TRP A 129 6.22 -2.56 -4.08
C TRP A 129 6.03 -3.85 -4.85
N ASN A 130 6.85 -4.08 -5.86
CA ASN A 130 6.75 -5.30 -6.65
C ASN A 130 6.90 -6.49 -5.70
N THR A 131 7.82 -6.38 -4.75
CA THR A 131 8.04 -7.44 -3.79
C THR A 131 6.76 -7.65 -2.98
N MET A 132 6.09 -6.55 -2.65
CA MET A 132 4.85 -6.63 -1.90
C MET A 132 3.79 -7.32 -2.73
N LEU A 133 3.65 -6.88 -3.99
CA LEU A 133 2.68 -7.47 -4.90
C LEU A 133 3.01 -8.94 -5.11
N GLU A 134 4.29 -9.26 -5.24
CA GLU A 134 4.73 -10.64 -5.42
C GLU A 134 4.40 -11.42 -4.16
N GLY A 135 4.63 -10.81 -3.00
CA GLY A 135 4.34 -11.45 -1.73
C GLY A 135 2.87 -11.80 -1.64
N LEU A 136 2.02 -10.94 -2.20
CA LEU A 136 0.58 -11.16 -2.19
C LEU A 136 0.22 -12.31 -3.13
N LYS A 137 0.74 -12.28 -4.34
CA LYS A 137 0.47 -13.33 -5.32
C LYS A 137 0.91 -14.68 -4.77
N LYS A 138 2.09 -14.75 -4.16
CA LYS A 138 2.59 -15.99 -3.60
C LYS A 138 1.68 -16.49 -2.49
N PHE A 139 1.21 -15.59 -1.64
CA PHE A 139 0.32 -15.98 -0.55
C PHE A 139 -1.06 -16.36 -1.08
N LEU A 140 -1.59 -15.54 -1.97
CA LEU A 140 -2.91 -15.78 -2.54
C LEU A 140 -2.92 -17.08 -3.37
N GLU A 141 -1.90 -17.24 -4.21
CA GLU A 141 -1.80 -18.42 -5.07
C GLU A 141 -1.40 -19.63 -4.22
N ASN A 142 -1.19 -19.41 -2.93
CA ASN A 142 -0.79 -20.47 -2.02
C ASN A 142 -1.85 -21.56 -1.97
N LYS A 143 -3.12 -21.16 -2.02
CA LYS A 143 -4.23 -22.10 -1.97
C LYS A 143 -4.00 -23.28 -2.93
N VAL A 144 -3.06 -23.12 -3.86
CA VAL A 144 -2.75 -24.17 -4.82
C VAL A 144 -2.28 -25.44 -4.10
N SER A 145 -1.47 -25.27 -3.06
CA SER A 145 -0.97 -26.41 -2.29
C SER A 145 -2.13 -27.20 -1.71
N ALA A 146 -3.14 -26.50 -1.22
CA ALA A 146 -4.31 -27.13 -0.64
C ALA A 146 -5.12 -27.87 -1.71
#